data_7SVW
#
_entry.id   7SVW
#
loop_
_entity.id
_entity.type
_entity.pdbx_description
1 polymer STC_LE_For
2 polymer STC_LE_Rev1
3 polymer STC_LE_Rev2
4 polymer TnsB
5 non-polymer 'MAGNESIUM ION'
#
loop_
_entity_poly.entity_id
_entity_poly.type
_entity_poly.pdbx_seq_one_letter_code
_entity_poly.pdbx_strand_id
1 'polydeoxyribonucleotide'
;(DA)(DT)(DG)(DA)(DC)(DA)(DT)(DT)(DA)(DA)(DT)(DC)(DT)(DG)(DT)(DC)(DA)(DC)(DC)(DG)
(DA)(DC)(DG)(DA)(DC)(DA)(DG)(DA)(DT)(DA)(DA)(DT)(DT)(DT)(DG)(DT)(DC)(DA)(DC)(DT)
(DG)(DT)(DA)(DC)(DA)(DG)(DG)(DC)(DC)(DC)(DT)(DA)(DG)(DG)(DT)(DC)(DT)(DA)(DC)(DG)
(DG)(DT)(DT)(DA)(DG)(DA)(DG)(DG)(DC)(DT)
;
1,4
2 'polydeoxyribonucleotide'
;(DT)(DG)(DT)(DA)(DC)(DA)(DG)(DT)(DG)(DA)(DC)(DA)(DA)(DA)(DT)(DT)(DA)(DT)(DC)(DT)
(DG)(DT)(DC)(DG)(DT)(DC)(DG)(DG)(DT)(DG)(DA)(DC)(DA)(DG)(DA)(DT)(DT)(DA)(DA)(DT)
(DG)(DT)(DC)(DA)(DT)
;
2,5
3 'polydeoxyribonucleotide' (DA)(DG)(DC)(DC)(DT)(DC)(DT)(DA)(DA)(DC)(DC)(DG)(DT)(DA)(DG)(DA)(DC)(DC)(DT)(DA) 3,6
4 'polypeptide(L)'
;MNSQQNPDLAVHPLAIPMEGLLGESATTLEKNVIATQLSEEAQVKLEVIQSLLEPCDRTTYGQKLREAAEKLNVSLRTVQ
RLVKNWEQDGLVGLTQTSRADKGKHRIGEFWENFITKTYKEGNKGSKRMTPKQVALRVEAKARELKDSKPPNYKTVLRVL
APILEKQQKAKSIRSPGWRGTTLSVKTREGKDLSVDYSNHVWQCDHTRVDVLLVDQHGEILSRPWLTTVIDTYSRCIMGI
NLGFDAPSSGVVALALRHAILPKRYGSEYKLHCEWGTYGKPEHFYTDGGKDFRSNHLSQIGAQLGFVCHLRDRPSEGGVV
ERPFKTLNDQLFSTLPGYTGSNVQERPEDAEKDARLTLRELEQLLVRYIVDRYNQSIDARMGDQTRFERWEAGLPTVPVP
IPERDLDICLMKQSRRTVQRGGCLQFQNLMYRGEYLAGYAGETVNLRFDPRDITTILVYRQENNQEVFLTRAHAQGLETE
QLALDEAEAASRRLRTAGKTISNQSLLQEVVDRDALVATKKSRKERQKLEQTVLRSAAVDESNRESLPSQIVEPDEVEST
ETVHSQYEDIEVWDYEQLREEYGF
;
A,B,C,D
#
loop_
_chem_comp.id
_chem_comp.type
_chem_comp.name
_chem_comp.formula
DA DNA linking 2'-DEOXYADENOSINE-5'-MONOPHOSPHATE 'C10 H14 N5 O6 P'
DC DNA linking 2'-DEOXYCYTIDINE-5'-MONOPHOSPHATE 'C9 H14 N3 O7 P'
DG DNA linking 2'-DEOXYGUANOSINE-5'-MONOPHOSPHATE 'C10 H14 N5 O7 P'
DT DNA linking THYMIDINE-5'-MONOPHOSPHATE 'C10 H15 N2 O8 P'
MG non-polymer 'MAGNESIUM ION' 'Mg 2'
#
# COMPACT_ATOMS: atom_id res chain seq x y z
N ASP G 196 21.63 -58.44 -2.54
CA ASP G 196 22.73 -59.41 -2.47
C ASP G 196 23.66 -59.11 -1.29
N TYR G 197 23.46 -57.95 -0.70
CA TYR G 197 24.25 -57.49 0.46
C TYR G 197 23.44 -56.51 1.30
N SER G 198 23.90 -56.24 2.52
CA SER G 198 23.21 -55.35 3.43
C SER G 198 23.21 -53.90 2.90
N ASN G 199 22.07 -53.24 3.02
CA ASN G 199 21.79 -51.96 2.35
C ASN G 199 21.80 -51.98 0.83
N HIS G 200 21.73 -53.16 0.22
CA HIS G 200 21.53 -53.18 -1.19
C HIS G 200 20.19 -52.59 -1.55
N VAL G 201 19.10 -53.17 -1.04
CA VAL G 201 17.76 -52.60 -1.27
C VAL G 201 16.94 -52.34 0.01
N TRP G 202 16.45 -51.12 0.17
CA TRP G 202 15.52 -50.74 1.24
C TRP G 202 14.08 -50.76 0.74
N GLN G 203 13.14 -51.14 1.61
CA GLN G 203 11.71 -51.06 1.30
C GLN G 203 10.91 -50.33 2.38
N CYS G 204 10.08 -49.33 2.02
CA CYS G 204 9.17 -48.68 2.97
C CYS G 204 7.75 -49.25 3.09
N ASP G 205 7.17 -49.20 4.29
CA ASP G 205 5.75 -49.56 4.49
C ASP G 205 4.92 -48.72 5.48
N HIS G 206 3.61 -48.69 5.29
CA HIS G 206 2.74 -47.78 6.04
C HIS G 206 1.40 -48.50 6.31
N THR G 207 0.82 -48.12 7.47
CA THR G 207 -0.56 -48.43 7.95
C THR G 207 -1.15 -47.43 8.95
N ARG G 208 -2.48 -47.44 9.04
CA ARG G 208 -3.25 -46.81 10.09
C ARG G 208 -3.03 -47.77 11.26
N VAL G 209 -2.84 -47.22 12.45
CA VAL G 209 -2.63 -48.05 13.62
C VAL G 209 -3.86 -47.99 14.48
N ASP G 210 -4.51 -49.12 14.72
CA ASP G 210 -5.81 -49.08 15.39
C ASP G 210 -5.79 -49.10 16.91
N VAL G 211 -5.10 -48.10 17.45
CA VAL G 211 -4.91 -47.86 18.87
C VAL G 211 -5.47 -46.47 19.11
N LEU G 212 -6.36 -46.31 20.07
CA LEU G 212 -6.88 -44.97 20.28
C LEU G 212 -5.95 -44.11 21.14
N LEU G 213 -5.61 -42.92 20.70
CA LEU G 213 -4.83 -42.08 21.59
C LEU G 213 -5.67 -41.00 22.24
N VAL G 214 -5.21 -40.61 23.43
CA VAL G 214 -5.91 -39.66 24.26
C VAL G 214 -4.88 -38.59 24.55
N ASP G 215 -5.31 -37.34 24.53
CA ASP G 215 -4.42 -36.21 24.75
C ASP G 215 -4.12 -35.90 26.23
N GLN G 216 -3.28 -34.89 26.40
CA GLN G 216 -2.80 -34.37 27.68
C GLN G 216 -3.88 -33.90 28.63
N HIS G 217 -5.02 -33.54 28.08
CA HIS G 217 -6.14 -33.08 28.90
C HIS G 217 -7.26 -34.09 28.94
N GLY G 218 -6.96 -35.31 28.50
CA GLY G 218 -7.90 -36.40 28.59
C GLY G 218 -8.90 -36.41 27.47
N GLU G 219 -8.60 -35.61 26.46
CA GLU G 219 -9.47 -35.46 25.31
C GLU G 219 -9.15 -36.59 24.35
N ILE G 220 -10.14 -37.04 23.59
CA ILE G 220 -9.92 -38.18 22.74
C ILE G 220 -9.34 -37.72 21.42
N LEU G 221 -8.29 -38.39 20.94
CA LEU G 221 -7.74 -38.09 19.63
C LEU G 221 -8.09 -39.20 18.64
N SER G 222 -8.04 -38.89 17.35
CA SER G 222 -8.21 -39.90 16.29
C SER G 222 -6.99 -40.83 16.17
N ARG G 223 -7.17 -41.95 15.49
CA ARG G 223 -6.08 -42.89 15.25
C ARG G 223 -4.92 -42.37 14.38
N PRO G 224 -3.69 -42.70 14.78
CA PRO G 224 -2.40 -42.43 14.16
C PRO G 224 -1.99 -43.31 12.97
N TRP G 225 -0.98 -42.85 12.23
CA TRP G 225 -0.39 -43.55 11.08
C TRP G 225 1.00 -44.04 11.51
N LEU G 226 1.45 -45.19 11.03
CA LEU G 226 2.84 -45.58 11.21
C LEU G 226 3.54 -45.91 9.90
N THR G 227 4.70 -45.32 9.68
CA THR G 227 5.52 -45.60 8.51
C THR G 227 6.87 -46.16 8.95
N THR G 228 7.30 -47.22 8.30
CA THR G 228 8.56 -47.87 8.61
C THR G 228 9.43 -47.99 7.36
N VAL G 229 10.76 -48.02 7.58
CA VAL G 229 11.75 -48.32 6.53
C VAL G 229 12.53 -49.58 6.91
N ILE G 230 12.54 -50.56 6.00
CA ILE G 230 13.24 -51.83 6.22
C ILE G 230 14.29 -52.26 5.20
N ASP G 231 15.42 -52.80 5.70
CA ASP G 231 16.45 -53.36 4.82
C ASP G 231 16.08 -54.78 4.42
N THR G 232 15.81 -54.98 3.14
CA THR G 232 15.44 -56.30 2.65
C THR G 232 16.45 -57.43 2.68
N TYR G 233 17.72 -57.14 2.89
CA TYR G 233 18.64 -58.25 3.03
C TYR G 233 18.44 -59.14 4.26
N SER G 234 18.25 -58.53 5.42
CA SER G 234 18.01 -59.32 6.61
C SER G 234 16.65 -59.04 7.25
N ARG G 235 15.82 -58.27 6.54
CA ARG G 235 14.54 -57.85 7.05
C ARG G 235 14.64 -56.95 8.28
N CYS G 236 15.67 -56.11 8.34
CA CYS G 236 15.86 -55.26 9.51
C CYS G 236 15.34 -53.82 9.38
N ILE G 237 14.71 -53.36 10.46
CA ILE G 237 14.03 -52.07 10.53
C ILE G 237 15.07 -50.96 10.67
N MET G 238 15.10 -50.03 9.74
CA MET G 238 16.12 -48.99 9.65
C MET G 238 15.72 -47.74 10.43
N GLY G 239 14.44 -47.42 10.39
CA GLY G 239 13.91 -46.22 11.01
C GLY G 239 12.40 -46.15 10.98
N ILE G 240 11.80 -45.33 11.84
CA ILE G 240 10.35 -45.24 11.83
C ILE G 240 9.75 -43.85 11.87
N ASN G 241 8.47 -43.72 11.55
CA ASN G 241 7.82 -42.46 11.81
C ASN G 241 6.40 -42.65 12.30
N LEU G 242 6.13 -42.24 13.54
CA LEU G 242 4.80 -42.38 14.13
C LEU G 242 4.21 -41.00 14.35
N GLY G 243 3.00 -40.80 13.86
CA GLY G 243 2.32 -39.53 13.96
C GLY G 243 0.90 -39.58 13.46
N PHE G 244 0.28 -38.43 13.30
CA PHE G 244 -1.12 -38.33 12.89
C PHE G 244 -1.41 -38.02 11.43
N ASP G 245 -0.36 -37.87 10.64
CA ASP G 245 -0.52 -37.49 9.25
C ASP G 245 -0.45 -38.69 8.32
N ALA G 246 -1.29 -38.65 7.28
CA ALA G 246 -1.32 -39.69 6.26
C ALA G 246 -0.02 -39.78 5.47
N PRO G 247 0.41 -41.00 5.05
CA PRO G 247 1.64 -41.33 4.33
C PRO G 247 1.34 -40.98 2.88
N SER G 248 1.20 -39.69 2.65
CA SER G 248 0.89 -39.14 1.39
C SER G 248 1.81 -37.98 1.30
N SER G 249 2.73 -38.07 0.33
CA SER G 249 3.73 -37.04 -0.02
C SER G 249 4.79 -36.88 1.07
N GLY G 250 4.32 -36.53 2.26
CA GLY G 250 5.14 -36.35 3.44
C GLY G 250 5.36 -37.64 4.19
N VAL G 251 5.73 -37.52 5.47
CA VAL G 251 6.01 -38.61 6.43
C VAL G 251 7.18 -39.52 6.06
N VAL G 252 7.16 -40.11 4.87
CA VAL G 252 8.22 -41.01 4.45
C VAL G 252 9.51 -40.22 4.32
N ALA G 253 9.40 -38.96 3.94
CA ALA G 253 10.56 -38.12 3.79
C ALA G 253 11.27 -38.03 5.12
N LEU G 254 10.50 -37.99 6.20
CA LEU G 254 11.08 -37.86 7.51
C LEU G 254 11.53 -39.22 8.01
N ALA G 255 10.77 -40.27 7.69
CA ALA G 255 11.15 -41.67 8.02
C ALA G 255 12.45 -42.14 7.40
N LEU G 256 12.68 -41.69 6.18
CA LEU G 256 13.92 -41.91 5.45
C LEU G 256 15.07 -41.21 6.15
N ARG G 257 14.86 -39.94 6.46
CA ARG G 257 15.86 -39.18 7.19
C ARG G 257 16.23 -39.87 8.50
N HIS G 258 15.21 -40.38 9.19
CA HIS G 258 15.36 -41.12 10.43
C HIS G 258 16.19 -42.38 10.17
N ALA G 259 15.93 -43.01 9.04
CA ALA G 259 16.66 -44.24 8.75
C ALA G 259 18.13 -43.90 8.50
N ILE G 260 18.34 -42.84 7.74
CA ILE G 260 19.66 -42.46 7.28
C ILE G 260 20.58 -41.99 8.39
N LEU G 261 20.05 -41.17 9.29
CA LEU G 261 20.87 -40.56 10.33
C LEU G 261 21.03 -41.49 11.51
N PRO G 262 22.15 -41.36 12.21
CA PRO G 262 22.34 -42.09 13.46
C PRO G 262 21.17 -41.85 14.41
N LYS G 263 20.89 -42.85 15.23
CA LYS G 263 19.71 -42.89 16.08
C LYS G 263 19.81 -42.18 17.43
N ARG G 264 20.81 -42.53 18.24
CA ARG G 264 21.13 -41.76 19.45
C ARG G 264 19.93 -41.54 20.38
N TYR G 265 19.27 -42.60 20.79
CA TYR G 265 18.16 -42.49 21.74
C TYR G 265 18.49 -42.30 23.21
N GLY G 266 17.61 -41.58 23.90
CA GLY G 266 17.81 -41.19 25.29
C GLY G 266 17.47 -42.24 26.32
N SER G 267 17.77 -41.93 27.58
CA SER G 267 17.63 -42.89 28.69
C SER G 267 16.17 -43.28 28.93
N GLU G 268 15.29 -42.34 28.62
CA GLU G 268 13.85 -42.43 28.77
C GLU G 268 13.21 -43.56 27.97
N TYR G 269 13.88 -44.06 26.94
CA TYR G 269 13.25 -45.06 26.10
C TYR G 269 13.56 -46.42 26.70
N LYS G 270 14.40 -46.41 27.73
CA LYS G 270 14.79 -47.61 28.48
C LYS G 270 15.24 -48.71 27.55
N LEU G 271 16.10 -48.36 26.60
CA LEU G 271 16.57 -49.33 25.63
C LEU G 271 17.77 -50.03 26.23
N HIS G 272 17.90 -51.31 25.93
CA HIS G 272 19.03 -52.09 26.38
C HIS G 272 20.04 -52.23 25.25
N CYS G 273 19.53 -52.40 24.04
CA CYS G 273 20.36 -52.63 22.88
C CYS G 273 20.53 -51.30 22.13
N GLU G 274 21.65 -51.16 21.44
CA GLU G 274 21.87 -50.07 20.50
C GLU G 274 21.23 -50.31 19.13
N TRP G 275 20.57 -49.29 18.60
CA TRP G 275 19.94 -49.28 17.28
C TRP G 275 21.07 -48.83 16.40
N GLY G 276 21.87 -49.73 15.86
CA GLY G 276 23.09 -49.30 15.22
C GLY G 276 23.15 -48.92 13.76
N THR G 277 22.02 -48.74 13.08
CA THR G 277 22.11 -48.48 11.66
C THR G 277 22.22 -47.01 11.35
N TYR G 278 22.82 -46.74 10.22
CA TYR G 278 22.79 -45.45 9.59
C TYR G 278 23.26 -45.63 8.17
N GLY G 279 23.06 -44.65 7.29
CA GLY G 279 23.54 -44.82 5.93
C GLY G 279 22.66 -45.12 4.73
N LYS G 280 23.08 -44.63 3.58
CA LYS G 280 22.29 -44.74 2.35
C LYS G 280 22.39 -46.15 1.83
N PRO G 281 21.29 -46.64 1.23
CA PRO G 281 21.18 -47.86 0.44
C PRO G 281 21.53 -47.60 -1.00
N GLU G 282 21.72 -48.64 -1.81
CA GLU G 282 21.72 -48.48 -3.25
C GLU G 282 20.37 -48.19 -3.85
N HIS G 283 19.33 -48.93 -3.44
CA HIS G 283 17.96 -48.64 -3.88
C HIS G 283 16.96 -48.46 -2.74
N PHE G 284 16.01 -47.55 -2.90
CA PHE G 284 14.95 -47.34 -1.92
C PHE G 284 13.57 -47.45 -2.56
N TYR G 285 12.77 -48.45 -2.18
CA TYR G 285 11.41 -48.61 -2.68
C TYR G 285 10.32 -48.05 -1.76
N THR G 286 9.45 -47.21 -2.32
CA THR G 286 8.31 -46.67 -1.57
C THR G 286 6.98 -46.99 -2.24
N ASP G 287 5.89 -46.88 -1.48
CA ASP G 287 4.58 -47.18 -2.02
C ASP G 287 3.93 -45.95 -2.60
N GLY G 288 3.62 -46.02 -3.89
CA GLY G 288 2.96 -44.91 -4.57
C GLY G 288 1.47 -44.84 -4.29
N ASN G 295 7.49 -36.58 -7.55
CA ASN G 295 8.78 -36.10 -8.00
C ASN G 295 9.71 -35.93 -6.82
N HIS G 296 9.20 -35.29 -5.76
CA HIS G 296 10.04 -34.84 -4.67
C HIS G 296 10.76 -35.99 -4.01
N LEU G 297 10.16 -37.17 -4.04
CA LEU G 297 10.79 -38.36 -3.49
C LEU G 297 12.07 -38.74 -4.24
N SER G 298 12.10 -38.56 -5.56
CA SER G 298 13.30 -38.79 -6.37
C SER G 298 14.34 -37.67 -6.30
N GLN G 299 13.90 -36.44 -6.01
CA GLN G 299 14.79 -35.33 -5.74
C GLN G 299 15.59 -35.57 -4.48
N ILE G 300 14.96 -36.14 -3.48
CA ILE G 300 15.65 -36.52 -2.27
C ILE G 300 16.65 -37.61 -2.57
N GLY G 301 16.23 -38.62 -3.30
CA GLY G 301 17.15 -39.67 -3.66
C GLY G 301 18.39 -39.08 -4.30
N ALA G 302 18.14 -38.27 -5.32
CA ALA G 302 19.12 -37.58 -6.15
C ALA G 302 20.06 -36.63 -5.51
N GLN G 303 19.57 -35.87 -4.57
CA GLN G 303 20.44 -34.98 -3.85
C GLN G 303 21.27 -35.76 -2.85
N LEU G 304 20.74 -36.85 -2.34
CA LEU G 304 21.51 -37.71 -1.45
C LEU G 304 22.41 -38.79 -2.05
N GLY G 305 22.07 -39.34 -3.22
CA GLY G 305 22.88 -40.44 -3.72
C GLY G 305 22.30 -41.85 -3.87
N PHE G 306 20.99 -42.02 -3.90
CA PHE G 306 20.47 -43.38 -4.11
C PHE G 306 19.24 -43.36 -4.98
N VAL G 307 18.91 -44.51 -5.55
CA VAL G 307 17.85 -44.58 -6.55
C VAL G 307 16.52 -44.78 -5.87
N CYS G 308 15.54 -43.97 -6.24
CA CYS G 308 14.23 -44.15 -5.64
C CYS G 308 13.33 -44.93 -6.58
N HIS G 309 12.56 -45.85 -6.01
CA HIS G 309 11.60 -46.61 -6.78
C HIS G 309 10.24 -46.49 -6.13
N LEU G 310 9.20 -46.66 -6.93
CA LEU G 310 7.84 -46.70 -6.42
C LEU G 310 7.28 -48.09 -6.55
N ARG G 311 6.35 -48.45 -5.68
CA ARG G 311 5.54 -49.63 -5.89
C ARG G 311 4.20 -49.25 -6.46
N ARG G 322 6.35 -55.86 5.61
CA ARG G 322 5.16 -56.28 6.34
C ARG G 322 5.54 -56.68 7.75
N PRO G 323 6.02 -55.71 8.53
CA PRO G 323 6.37 -55.81 9.94
C PRO G 323 5.11 -55.77 10.80
N PHE G 324 4.00 -55.33 10.22
CA PHE G 324 2.82 -54.90 10.95
C PHE G 324 2.18 -56.13 11.59
N LYS G 325 2.36 -57.27 10.94
CA LYS G 325 1.79 -58.52 11.40
C LYS G 325 2.31 -58.79 12.81
N THR G 326 3.58 -58.48 13.04
CA THR G 326 4.20 -58.75 14.33
C THR G 326 3.99 -57.66 15.38
N LEU G 327 3.79 -56.43 14.96
CA LEU G 327 3.49 -55.35 15.89
C LEU G 327 2.12 -55.64 16.48
N ASN G 328 1.22 -56.10 15.63
CA ASN G 328 -0.13 -56.44 16.07
C ASN G 328 -0.10 -57.48 17.17
N ASP G 329 0.60 -58.56 16.90
CA ASP G 329 0.60 -59.68 17.81
C ASP G 329 1.46 -59.41 19.03
N GLN G 330 2.63 -58.81 18.80
CA GLN G 330 3.60 -58.61 19.87
C GLN G 330 3.63 -57.26 20.59
N LEU G 331 2.93 -56.25 20.06
CA LEU G 331 2.80 -54.99 20.80
C LEU G 331 1.40 -54.31 20.86
N PHE G 332 0.90 -53.87 19.70
CA PHE G 332 -0.32 -53.04 19.63
C PHE G 332 -1.64 -53.58 20.19
N SER G 333 -1.93 -54.85 19.95
CA SER G 333 -3.21 -55.43 20.37
C SER G 333 -3.29 -55.55 21.88
N THR G 334 -2.14 -55.37 22.49
CA THR G 334 -2.00 -55.47 23.93
C THR G 334 -1.99 -54.12 24.62
N LEU G 335 -2.09 -53.03 23.87
CA LEU G 335 -1.96 -51.74 24.52
C LEU G 335 -3.32 -51.12 24.84
N PRO G 336 -3.33 -50.29 25.88
CA PRO G 336 -4.44 -49.43 26.28
C PRO G 336 -4.99 -48.65 25.12
N GLY G 337 -6.31 -48.67 24.98
CA GLY G 337 -6.96 -47.94 23.92
C GLY G 337 -7.10 -48.69 22.61
N TYR G 338 -6.61 -49.91 22.60
CA TYR G 338 -6.69 -50.74 21.42
C TYR G 338 -8.15 -50.71 21.01
N THR G 339 -8.42 -50.42 19.74
CA THR G 339 -9.78 -50.13 19.33
C THR G 339 -10.36 -51.48 19.00
N GLY G 340 -9.44 -52.43 18.90
CA GLY G 340 -9.74 -53.84 18.65
C GLY G 340 -9.48 -54.22 17.21
N ASP G 353 -11.88 -45.51 27.74
CA ASP G 353 -11.84 -46.54 28.75
C ASP G 353 -10.48 -46.54 29.40
N ALA G 354 -9.46 -46.35 28.57
CA ALA G 354 -8.07 -46.29 29.03
C ALA G 354 -7.37 -45.20 28.25
N ARG G 355 -6.31 -44.65 28.83
CA ARG G 355 -5.59 -43.56 28.18
C ARG G 355 -4.14 -43.78 27.79
N LEU G 356 -3.77 -43.26 26.63
CA LEU G 356 -2.40 -43.39 26.13
C LEU G 356 -2.06 -42.19 25.24
N THR G 357 -0.96 -41.53 25.54
CA THR G 357 -0.57 -40.32 24.82
C THR G 357 0.27 -40.70 23.62
N LEU G 358 0.48 -39.82 22.66
CA LEU G 358 1.38 -40.20 21.55
C LEU G 358 2.86 -40.49 21.94
N ARG G 359 3.43 -39.65 22.77
CA ARG G 359 4.78 -39.87 23.22
C ARG G 359 4.98 -41.22 23.89
N GLU G 360 4.01 -41.66 24.69
CA GLU G 360 4.14 -42.96 25.33
C GLU G 360 4.13 -44.07 24.31
N LEU G 361 3.24 -43.95 23.32
CA LEU G 361 3.14 -45.01 22.33
C LEU G 361 4.43 -45.12 21.57
N GLU G 362 5.05 -43.98 21.20
CA GLU G 362 6.27 -44.07 20.42
C GLU G 362 7.39 -44.69 21.24
N GLN G 363 7.42 -44.44 22.55
CA GLN G 363 8.44 -45.06 23.38
C GLN G 363 8.29 -46.58 23.38
N LEU G 364 7.04 -47.02 23.43
CA LEU G 364 6.75 -48.44 23.44
C LEU G 364 7.16 -49.06 22.13
N LEU G 365 6.92 -48.33 21.05
CA LEU G 365 7.17 -48.88 19.74
C LEU G 365 8.65 -49.08 19.52
N VAL G 366 9.46 -48.11 19.90
CA VAL G 366 10.88 -48.25 19.65
C VAL G 366 11.49 -49.27 20.57
N ARG G 367 10.90 -49.44 21.75
CA ARG G 367 11.44 -50.44 22.65
C ARG G 367 11.30 -51.82 22.04
N TYR G 368 10.14 -52.09 21.44
CA TYR G 368 9.91 -53.33 20.73
C TYR G 368 10.90 -53.52 19.58
N ILE G 369 11.04 -52.51 18.73
CA ILE G 369 11.95 -52.62 17.59
C ILE G 369 13.44 -52.75 17.90
N VAL G 370 13.97 -51.92 18.79
CA VAL G 370 15.39 -52.04 19.11
C VAL G 370 15.76 -53.24 19.94
N ASP G 371 15.00 -53.54 20.97
CA ASP G 371 15.33 -54.70 21.80
C ASP G 371 14.67 -56.06 21.52
N ARG G 372 13.62 -56.12 20.69
CA ARG G 372 13.06 -57.41 20.33
C ARG G 372 13.10 -57.79 18.84
N TYR G 373 12.44 -57.01 17.98
CA TYR G 373 12.32 -57.41 16.58
C TYR G 373 13.66 -57.57 15.92
N ASN G 374 14.49 -56.55 16.01
CA ASN G 374 15.77 -56.62 15.37
C ASN G 374 16.72 -57.56 16.08
N GLN G 375 16.33 -58.05 17.24
CA GLN G 375 17.25 -58.92 17.95
C GLN G 375 16.86 -60.37 17.81
N SER G 376 15.80 -60.60 17.06
CA SER G 376 15.25 -61.93 16.88
C SER G 376 15.87 -62.67 15.71
N ILE G 377 15.97 -63.97 15.86
CA ILE G 377 16.53 -64.79 14.82
C ILE G 377 15.33 -65.18 14.00
N ASP G 378 15.39 -64.96 12.69
CA ASP G 378 14.32 -65.41 11.82
C ASP G 378 14.40 -66.86 11.36
N ALA G 379 13.25 -67.38 10.96
CA ALA G 379 13.12 -68.75 10.48
C ALA G 379 13.82 -68.93 9.14
N ARG G 380 14.10 -67.83 8.46
CA ARG G 380 14.77 -67.89 7.16
C ARG G 380 16.28 -67.91 7.34
N MET G 381 16.77 -67.80 8.57
CA MET G 381 18.20 -67.75 8.80
C MET G 381 18.61 -68.79 9.82
N GLY G 382 18.18 -68.59 11.07
CA GLY G 382 18.42 -69.53 12.15
C GLY G 382 19.72 -69.32 12.89
N ASP G 383 20.68 -68.66 12.23
CA ASP G 383 22.04 -68.54 12.72
C ASP G 383 22.22 -67.20 13.40
N GLN G 384 21.61 -66.19 12.78
CA GLN G 384 21.88 -64.81 13.11
C GLN G 384 20.54 -64.11 13.27
N THR G 385 20.58 -63.04 14.06
CA THR G 385 19.47 -62.11 14.23
C THR G 385 19.35 -61.20 13.03
N ARG G 386 18.21 -60.55 12.89
CA ARG G 386 18.04 -59.60 11.82
C ARG G 386 19.09 -58.51 11.79
N PHE G 387 19.44 -57.95 12.94
CA PHE G 387 20.57 -57.02 12.95
C PHE G 387 21.92 -57.66 12.72
N GLU G 388 22.17 -58.82 13.32
CA GLU G 388 23.46 -59.45 13.12
C GLU G 388 23.76 -59.77 11.67
N ARG G 389 22.74 -60.24 10.96
CA ARG G 389 22.90 -60.52 9.54
C ARG G 389 23.07 -59.21 8.86
N TRP G 390 22.36 -58.16 9.29
CA TRP G 390 22.61 -56.88 8.63
C TRP G 390 24.08 -56.50 8.72
N GLU G 391 24.64 -56.65 9.91
CA GLU G 391 26.04 -56.33 10.15
C GLU G 391 26.91 -57.18 9.25
N ALA G 392 26.61 -58.48 9.26
CA ALA G 392 27.38 -59.51 8.57
C ALA G 392 27.47 -59.26 7.07
N GLY G 393 26.39 -58.72 6.51
CA GLY G 393 26.31 -58.42 5.10
C GLY G 393 26.84 -57.10 4.61
N LEU G 394 27.49 -56.31 5.48
CA LEU G 394 27.99 -55.03 5.00
C LEU G 394 29.30 -55.27 4.27
N PRO G 395 29.38 -54.82 3.02
CA PRO G 395 30.58 -54.96 2.20
C PRO G 395 31.67 -53.99 2.59
N THR G 396 31.30 -52.99 3.38
CA THR G 396 32.21 -51.93 3.81
C THR G 396 31.63 -51.23 5.02
N VAL G 397 32.51 -50.46 5.66
CA VAL G 397 32.25 -49.58 6.79
C VAL G 397 31.52 -48.38 6.27
N PRO G 398 30.27 -48.17 6.71
CA PRO G 398 29.55 -46.97 6.29
C PRO G 398 30.07 -45.75 7.04
N VAL G 399 30.02 -44.58 6.41
CA VAL G 399 30.53 -43.39 7.06
C VAL G 399 29.37 -42.41 7.15
N PRO G 400 29.14 -41.90 8.36
CA PRO G 400 28.09 -40.90 8.59
C PRO G 400 28.20 -39.65 7.73
N ILE G 401 27.04 -39.11 7.38
CA ILE G 401 26.96 -37.93 6.53
C ILE G 401 26.63 -36.79 7.47
N PRO G 402 27.31 -35.64 7.31
CA PRO G 402 26.99 -34.49 8.15
C PRO G 402 25.51 -34.22 8.03
N GLU G 403 24.82 -33.96 9.14
CA GLU G 403 23.34 -33.87 9.16
C GLU G 403 22.79 -32.83 8.22
N ARG G 404 23.51 -31.74 8.03
CA ARG G 404 22.93 -30.64 7.27
C ARG G 404 22.63 -31.09 5.86
N ASP G 405 23.29 -32.16 5.45
CA ASP G 405 23.14 -32.72 4.12
C ASP G 405 21.74 -33.30 3.93
N LEU G 406 21.06 -33.53 5.04
CA LEU G 406 19.71 -34.07 5.07
C LEU G 406 18.64 -33.02 5.15
N ASP G 407 18.98 -31.75 5.05
CA ASP G 407 17.91 -30.75 5.10
C ASP G 407 17.04 -30.54 3.86
N ILE G 408 16.71 -31.64 3.22
CA ILE G 408 15.78 -31.63 2.11
C ILE G 408 14.52 -32.38 2.54
N CYS G 409 14.54 -32.92 3.76
CA CYS G 409 13.36 -33.58 4.30
C CYS G 409 12.47 -32.82 5.29
N LEU G 410 13.06 -32.17 6.27
CA LEU G 410 12.32 -31.38 7.27
C LEU G 410 11.18 -30.44 6.87
N MET G 411 10.07 -30.49 7.62
CA MET G 411 8.90 -29.71 7.28
C MET G 411 9.16 -28.23 7.39
N LYS G 412 8.48 -27.45 6.56
CA LYS G 412 8.70 -26.01 6.57
C LYS G 412 7.47 -25.15 6.78
N GLN G 413 7.71 -23.94 7.28
CA GLN G 413 6.74 -22.87 7.32
C GLN G 413 7.25 -21.91 6.27
N SER G 414 6.35 -21.34 5.49
CA SER G 414 6.84 -20.51 4.40
C SER G 414 7.35 -19.13 4.73
N ARG G 415 6.77 -18.42 5.70
CA ARG G 415 7.25 -17.07 5.96
C ARG G 415 7.22 -16.70 7.42
N ARG G 416 8.30 -16.13 7.89
CA ARG G 416 8.26 -15.46 9.16
C ARG G 416 9.08 -14.23 9.00
N THR G 417 8.78 -13.24 9.82
CA THR G 417 9.47 -11.95 9.95
C THR G 417 10.40 -11.96 11.15
N VAL G 418 11.66 -11.53 11.07
CA VAL G 418 12.48 -11.43 12.31
C VAL G 418 12.16 -10.19 13.18
N GLN G 419 11.86 -10.44 14.44
CA GLN G 419 11.46 -9.43 15.42
C GLN G 419 12.73 -8.82 15.98
N ARG G 420 12.67 -7.59 16.46
CA ARG G 420 13.90 -6.90 16.87
C ARG G 420 14.65 -7.63 17.95
N GLY G 421 15.96 -7.74 17.81
CA GLY G 421 16.76 -8.50 18.75
C GLY G 421 17.05 -9.89 18.22
N GLY G 422 16.39 -10.30 17.15
CA GLY G 422 16.61 -11.60 16.56
C GLY G 422 15.73 -12.78 16.97
N CYS G 423 14.43 -12.56 17.03
CA CYS G 423 13.48 -13.55 17.54
C CYS G 423 12.37 -14.00 16.56
N LEU G 424 11.85 -15.22 16.67
CA LEU G 424 10.76 -15.68 15.80
C LEU G 424 9.56 -16.33 16.53
N GLN G 425 8.31 -16.21 16.04
CA GLN G 425 7.24 -17.00 16.65
C GLN G 425 6.80 -18.13 15.72
N PHE G 426 6.65 -19.25 16.40
CA PHE G 426 6.23 -20.52 15.88
C PHE G 426 5.37 -21.23 16.94
N GLN G 427 4.19 -21.70 16.57
CA GLN G 427 3.26 -22.35 17.48
C GLN G 427 2.96 -21.76 18.86
N ASN G 428 2.88 -20.44 18.95
CA ASN G 428 2.84 -19.71 20.24
C ASN G 428 4.03 -19.84 21.18
N LEU G 429 5.18 -20.24 20.68
CA LEU G 429 6.42 -20.20 21.46
C LEU G 429 7.30 -19.10 20.88
N MET G 430 8.10 -18.46 21.70
CA MET G 430 9.10 -17.59 21.12
C MET G 430 10.49 -18.20 20.95
N TYR G 431 11.16 -17.96 19.83
CA TYR G 431 12.49 -18.51 19.64
C TYR G 431 13.47 -17.39 19.50
N ARG G 432 14.68 -17.63 19.96
CA ARG G 432 15.72 -16.66 19.87
C ARG G 432 16.87 -17.27 19.13
N GLY G 433 17.34 -16.55 18.12
CA GLY G 433 18.42 -17.03 17.27
C GLY G 433 19.82 -16.60 17.59
N GLU G 434 20.79 -17.33 17.05
CA GLU G 434 22.19 -16.94 17.12
C GLU G 434 22.58 -16.13 15.88
N TYR G 435 22.96 -14.88 16.12
CA TYR G 435 23.27 -13.88 15.09
C TYR G 435 22.13 -13.57 14.14
N LEU G 436 20.91 -13.76 14.59
CA LEU G 436 19.75 -13.52 13.77
C LEU G 436 19.41 -12.04 13.83
N ALA G 437 19.91 -11.39 14.86
CA ALA G 437 19.62 -9.98 15.12
C ALA G 437 19.90 -8.98 14.02
N GLY G 438 20.93 -9.21 13.23
CA GLY G 438 21.21 -8.34 12.12
C GLY G 438 20.15 -8.30 11.04
N TYR G 439 19.21 -9.21 11.12
CA TYR G 439 18.15 -9.16 10.15
C TYR G 439 16.78 -8.67 10.61
N ALA G 440 16.71 -7.98 11.73
CA ALA G 440 15.43 -7.53 12.21
C ALA G 440 14.65 -6.86 11.10
N GLY G 441 13.40 -7.26 10.91
CA GLY G 441 12.61 -6.81 9.79
C GLY G 441 12.58 -7.55 8.46
N GLU G 442 13.47 -8.50 8.21
CA GLU G 442 13.45 -9.24 6.95
C GLU G 442 12.67 -10.57 7.01
N THR G 443 12.22 -11.04 5.87
CA THR G 443 11.59 -12.34 5.82
C THR G 443 12.49 -13.54 5.69
N VAL G 444 12.25 -14.53 6.53
CA VAL G 444 12.98 -15.76 6.47
C VAL G 444 11.96 -16.87 6.46
N ASN G 445 12.38 -18.09 6.15
CA ASN G 445 11.54 -19.28 6.28
C ASN G 445 12.23 -20.31 7.13
N LEU G 446 11.49 -21.28 7.67
CA LEU G 446 12.08 -22.22 8.62
C LEU G 446 11.66 -23.68 8.55
N ARG G 447 12.57 -24.56 8.97
CA ARG G 447 12.35 -26.01 9.01
C ARG G 447 12.54 -26.62 10.41
N PHE G 448 11.77 -27.66 10.75
CA PHE G 448 11.84 -28.31 12.06
C PHE G 448 11.40 -29.77 12.03
N ASP G 449 11.83 -30.54 13.01
CA ASP G 449 11.43 -31.93 13.10
C ASP G 449 10.23 -32.00 13.99
N PRO G 450 9.12 -32.45 13.47
CA PRO G 450 7.97 -32.52 14.34
C PRO G 450 8.19 -33.25 15.66
N ARG G 451 9.12 -34.19 15.76
CA ARG G 451 9.28 -34.85 17.05
C ARG G 451 9.90 -33.99 18.13
N ASP G 452 10.58 -32.91 17.73
CA ASP G 452 11.23 -32.03 18.71
C ASP G 452 11.46 -30.61 18.20
N ILE G 453 10.57 -29.69 18.58
CA ILE G 453 10.60 -28.34 18.06
C ILE G 453 11.32 -27.36 18.94
N THR G 454 12.18 -27.82 19.84
CA THR G 454 12.95 -26.85 20.61
C THR G 454 14.05 -26.10 19.90
N THR G 455 14.59 -26.65 18.82
CA THR G 455 15.50 -25.88 17.97
C THR G 455 15.10 -25.86 16.52
N ILE G 456 15.01 -24.69 15.92
CA ILE G 456 14.48 -24.57 14.59
C ILE G 456 15.56 -24.08 13.66
N LEU G 457 15.57 -24.57 12.44
CA LEU G 457 16.56 -24.16 11.45
C LEU G 457 16.05 -23.02 10.61
N VAL G 458 16.78 -21.92 10.58
CA VAL G 458 16.32 -20.76 9.84
C VAL G 458 16.99 -20.58 8.52
N TYR G 459 16.24 -20.41 7.44
CA TYR G 459 16.87 -20.23 6.13
C TYR G 459 16.62 -18.91 5.47
N ARG G 460 17.63 -18.38 4.78
CA ARG G 460 17.46 -17.17 4.01
C ARG G 460 17.03 -17.47 2.61
N GLN G 461 16.10 -16.69 2.10
CA GLN G 461 15.61 -16.96 0.76
C GLN G 461 16.30 -16.21 -0.34
N GLU G 462 17.07 -16.97 -1.11
CA GLU G 462 17.87 -16.52 -2.23
C GLU G 462 17.14 -17.00 -3.47
N ASN G 463 17.43 -16.44 -4.63
CA ASN G 463 16.71 -16.91 -5.80
C ASN G 463 17.06 -18.37 -6.03
N ASN G 464 16.02 -19.19 -6.00
CA ASN G 464 16.06 -20.63 -6.21
C ASN G 464 16.80 -21.43 -5.14
N GLN G 465 17.03 -20.78 -4.01
CA GLN G 465 17.64 -21.45 -2.90
C GLN G 465 17.41 -20.93 -1.49
N GLU G 466 17.24 -21.91 -0.63
CA GLU G 466 17.04 -21.74 0.77
C GLU G 466 18.48 -21.83 1.28
N VAL G 467 19.07 -20.75 1.76
CA VAL G 467 20.44 -20.86 2.23
C VAL G 467 20.51 -20.71 3.72
N PHE G 468 20.97 -21.78 4.37
CA PHE G 468 20.93 -21.88 5.80
C PHE G 468 21.53 -20.68 6.45
N LEU G 469 20.78 -20.08 7.35
CA LEU G 469 21.26 -18.91 8.06
C LEU G 469 21.69 -19.18 9.49
N THR G 470 20.81 -19.78 10.31
CA THR G 470 21.15 -20.04 11.70
C THR G 470 20.22 -21.01 12.40
N ARG G 471 20.42 -21.18 13.70
CA ARG G 471 19.58 -22.01 14.55
C ARG G 471 18.96 -21.12 15.62
N ALA G 472 17.74 -21.43 16.04
CA ALA G 472 17.11 -20.70 17.13
C ALA G 472 16.48 -21.61 18.15
N HIS G 473 16.53 -21.22 19.42
CA HIS G 473 16.06 -22.06 20.52
C HIS G 473 14.80 -21.48 21.10
N ALA G 474 13.90 -22.36 21.51
CA ALA G 474 12.68 -21.98 22.17
C ALA G 474 12.93 -21.38 23.52
N GLN G 475 12.16 -20.36 23.87
CA GLN G 475 12.25 -19.83 25.24
C GLN G 475 10.93 -19.71 26.00
N GLY G 476 11.02 -19.83 27.31
CA GLY G 476 9.90 -19.70 28.21
C GLY G 476 9.14 -20.99 28.43
N LEU G 477 9.57 -22.03 27.74
CA LEU G 477 8.94 -23.34 27.85
C LEU G 477 9.59 -24.17 28.94
N GLU G 478 9.01 -25.34 29.19
CA GLU G 478 9.55 -26.33 30.12
C GLU G 478 10.83 -27.00 29.63
N THR G 479 11.63 -27.49 30.56
CA THR G 479 12.90 -28.11 30.24
C THR G 479 12.74 -29.30 29.32
N GLU G 480 11.72 -30.12 29.58
CA GLU G 480 11.51 -31.33 28.77
C GLU G 480 11.28 -30.93 27.33
N GLN G 481 11.95 -31.62 26.41
CA GLN G 481 11.85 -31.34 24.99
C GLN G 481 10.42 -31.38 24.46
N LEU G 482 10.03 -30.36 23.71
CA LEU G 482 8.66 -30.28 23.23
C LEU G 482 8.46 -30.72 21.78
N ALA G 483 7.44 -31.55 21.57
CA ALA G 483 7.10 -32.05 20.25
C ALA G 483 6.04 -31.14 19.65
N LEU G 484 5.88 -31.16 18.34
CA LEU G 484 4.87 -30.36 17.67
C LEU G 484 3.41 -30.65 18.01
N ASP G 485 3.04 -31.92 18.13
CA ASP G 485 1.66 -32.23 18.50
C ASP G 485 1.32 -31.70 19.87
N GLU G 486 2.27 -31.76 20.79
CA GLU G 486 2.06 -31.24 22.13
C GLU G 486 1.85 -29.72 22.24
N ALA G 487 2.59 -28.97 21.44
CA ALA G 487 2.36 -27.53 21.30
C ALA G 487 0.98 -27.17 20.78
N GLU G 488 0.49 -27.91 19.80
CA GLU G 488 -0.80 -27.54 19.23
C GLU G 488 -1.96 -27.70 20.24
N ALA G 489 -1.82 -28.78 21.00
CA ALA G 489 -2.71 -29.23 22.04
C ALA G 489 -2.77 -28.21 23.13
N ALA G 490 -1.63 -27.65 23.53
CA ALA G 490 -1.69 -26.69 24.63
C ALA G 490 -2.46 -25.48 24.09
N SER G 491 -2.16 -25.08 22.85
CA SER G 491 -2.71 -23.87 22.32
C SER G 491 -4.21 -24.02 22.14
N ARG G 492 -4.65 -25.18 21.67
CA ARG G 492 -6.08 -25.42 21.46
C ARG G 492 -6.79 -25.62 22.79
N ARG G 493 -6.02 -25.68 23.87
CA ARG G 493 -6.59 -25.85 25.19
C ARG G 493 -6.92 -24.48 25.79
N LEU G 494 -6.27 -23.45 25.26
CA LEU G 494 -6.49 -22.09 25.70
C LEU G 494 -7.66 -21.45 24.97
N ARG G 495 -7.73 -21.70 23.66
CA ARG G 495 -8.80 -21.16 22.83
C ARG G 495 -10.17 -21.47 23.40
N THR G 496 -10.41 -22.74 23.76
CA THR G 496 -11.68 -23.13 24.32
C THR G 496 -11.88 -22.40 25.64
N ALA G 497 -10.83 -22.37 26.45
CA ALA G 497 -10.88 -21.70 27.75
C ALA G 497 -11.30 -20.24 27.55
N GLY G 498 -11.03 -19.70 26.37
CA GLY G 498 -11.37 -18.34 26.08
C GLY G 498 -12.81 -18.44 25.62
N LYS G 499 -13.14 -19.44 24.80
CA LYS G 499 -14.52 -19.44 24.34
C LYS G 499 -15.62 -19.63 25.42
N THR G 500 -15.21 -20.07 26.60
CA THR G 500 -16.10 -20.37 27.68
C THR G 500 -16.81 -19.20 28.32
N ILE G 501 -16.09 -18.25 28.91
CA ILE G 501 -16.77 -17.19 29.63
C ILE G 501 -17.68 -16.30 28.79
N SER G 502 -17.18 -15.84 27.65
CA SER G 502 -17.93 -14.97 26.74
C SER G 502 -18.53 -13.76 27.46
N ASN G 503 -19.76 -13.44 27.10
CA ASN G 503 -20.54 -12.37 27.70
C ASN G 503 -21.93 -12.91 27.72
N GLN G 504 -22.67 -12.75 28.79
CA GLN G 504 -24.03 -13.28 28.77
C GLN G 504 -24.88 -12.11 28.35
N SER G 505 -25.68 -11.58 29.24
CA SER G 505 -26.42 -10.39 28.87
C SER G 505 -25.42 -9.23 28.69
N LEU G 506 -24.46 -9.16 29.62
CA LEU G 506 -23.40 -8.17 29.70
C LEU G 506 -23.05 -7.30 28.49
N LEU G 507 -22.29 -7.84 27.57
CA LEU G 507 -21.86 -7.03 26.46
C LEU G 507 -23.03 -6.55 25.64
N GLN G 508 -23.87 -7.49 25.21
CA GLN G 508 -25.01 -7.17 24.38
C GLN G 508 -25.85 -6.07 25.00
N GLU G 509 -26.10 -6.18 26.30
CA GLU G 509 -26.89 -5.20 26.97
C GLU G 509 -26.23 -3.85 26.87
N VAL G 510 -24.92 -3.81 27.13
CA VAL G 510 -24.26 -2.52 27.06
C VAL G 510 -24.34 -1.93 25.68
N VAL G 511 -24.12 -2.71 24.64
CA VAL G 511 -24.18 -2.13 23.32
C VAL G 511 -25.54 -1.58 22.98
N ASP G 512 -26.57 -2.37 23.27
CA ASP G 512 -27.88 -1.84 22.90
C ASP G 512 -28.24 -0.59 23.72
N ARG G 513 -27.88 -0.57 24.99
CA ARG G 513 -28.15 0.59 25.81
C ARG G 513 -27.39 1.81 25.33
N ASP G 514 -26.16 1.62 24.86
CA ASP G 514 -25.33 2.70 24.37
C ASP G 514 -26.09 3.30 23.21
N ALA G 515 -26.56 2.47 22.29
CA ALA G 515 -27.28 3.04 21.16
C ALA G 515 -28.57 3.77 21.58
N LEU G 516 -29.33 3.19 22.48
CA LEU G 516 -30.55 3.86 22.89
C LEU G 516 -30.29 5.19 23.56
N VAL G 517 -29.28 5.26 24.43
CA VAL G 517 -28.97 6.52 25.10
C VAL G 517 -28.51 7.55 24.09
N ALA G 518 -27.74 7.13 23.10
CA ALA G 518 -27.31 8.09 22.09
C ALA G 518 -28.54 8.63 21.38
N THR G 519 -29.50 7.79 21.03
CA THR G 519 -30.71 8.32 20.42
C THR G 519 -31.65 8.88 21.48
N LEU H 29 29.86 -23.59 11.43
CA LEU H 29 29.00 -22.43 11.25
C LEU H 29 28.95 -21.98 9.80
N GLU H 30 28.73 -22.93 8.87
CA GLU H 30 28.65 -22.59 7.46
C GLU H 30 27.94 -23.64 6.58
N LYS H 31 28.13 -23.50 5.26
CA LYS H 31 27.63 -24.41 4.23
C LYS H 31 26.13 -24.62 4.09
N ASN H 32 25.76 -25.83 3.72
CA ASN H 32 24.38 -26.26 3.55
C ASN H 32 23.43 -25.52 2.60
N VAL H 33 23.87 -25.01 1.46
CA VAL H 33 22.88 -24.38 0.61
C VAL H 33 22.10 -25.54 0.09
N ILE H 34 20.79 -25.48 0.16
CA ILE H 34 19.98 -26.57 -0.35
C ILE H 34 19.10 -26.00 -1.43
N ALA H 35 19.20 -26.57 -2.61
CA ALA H 35 18.46 -26.09 -3.74
C ALA H 35 16.97 -25.99 -3.60
N THR H 36 16.41 -25.05 -4.35
CA THR H 36 14.98 -24.83 -4.49
C THR H 36 14.44 -25.87 -5.48
N GLN H 37 13.12 -26.00 -5.57
CA GLN H 37 12.52 -26.96 -6.51
C GLN H 37 12.90 -26.71 -7.97
N LEU H 38 13.38 -27.77 -8.61
CA LEU H 38 13.81 -27.72 -10.00
C LEU H 38 12.72 -27.70 -11.06
N SER H 39 12.94 -26.86 -12.07
CA SER H 39 12.09 -26.78 -13.24
C SER H 39 12.36 -27.92 -14.22
N GLU H 40 11.45 -28.05 -15.20
CA GLU H 40 11.39 -29.10 -16.21
C GLU H 40 12.63 -29.49 -17.01
N GLU H 41 13.39 -28.49 -17.50
CA GLU H 41 14.66 -28.76 -18.15
C GLU H 41 15.62 -29.49 -17.22
N ALA H 42 15.74 -29.01 -15.98
CA ALA H 42 16.60 -29.62 -14.97
C ALA H 42 16.13 -31.02 -14.60
N GLN H 43 14.79 -31.19 -14.59
CA GLN H 43 14.21 -32.49 -14.28
C GLN H 43 14.66 -33.55 -15.28
N VAL H 44 14.68 -33.10 -16.57
CA VAL H 44 15.14 -33.99 -17.64
C VAL H 44 16.62 -34.31 -17.43
N LYS H 45 17.44 -33.27 -17.16
CA LYS H 45 18.86 -33.43 -16.91
C LYS H 45 19.12 -34.39 -15.75
N LEU H 46 18.26 -34.28 -14.71
CA LEU H 46 18.37 -35.14 -13.54
C LEU H 46 18.31 -36.61 -13.93
N GLU H 47 17.30 -36.92 -14.75
CA GLU H 47 17.13 -38.29 -15.20
C GLU H 47 18.34 -38.77 -16.00
N VAL H 48 18.89 -37.90 -16.82
CA VAL H 48 20.00 -38.24 -17.70
C VAL H 48 21.21 -38.67 -16.88
N ILE H 49 21.42 -37.87 -15.84
CA ILE H 49 22.44 -38.01 -14.82
C ILE H 49 22.35 -39.28 -14.00
N GLN H 50 21.13 -39.60 -13.58
CA GLN H 50 20.87 -40.86 -12.90
C GLN H 50 21.32 -42.05 -13.71
N SER H 51 21.10 -41.99 -15.01
CA SER H 51 21.65 -42.99 -15.90
C SER H 51 23.18 -42.98 -16.11
N LEU H 52 23.77 -41.80 -16.21
CA LEU H 52 25.23 -41.70 -16.34
C LEU H 52 26.16 -41.79 -15.12
N LEU H 53 25.62 -41.62 -13.91
CA LEU H 53 26.45 -41.76 -12.72
C LEU H 53 26.91 -43.19 -12.51
N GLU H 54 26.10 -44.14 -12.95
CA GLU H 54 26.41 -45.53 -12.66
C GLU H 54 27.36 -46.02 -13.74
N PRO H 55 28.52 -46.53 -13.31
CA PRO H 55 29.51 -47.17 -14.18
C PRO H 55 29.12 -48.58 -14.59
N CYS H 56 29.63 -49.00 -15.74
CA CYS H 56 29.31 -50.28 -16.34
C CYS H 56 30.39 -50.51 -17.37
N ASP H 57 30.18 -51.44 -18.27
CA ASP H 57 31.15 -51.65 -19.32
C ASP H 57 31.41 -50.30 -19.97
N ARG H 58 32.69 -50.02 -20.21
CA ARG H 58 33.09 -48.73 -20.76
C ARG H 58 32.37 -48.44 -22.06
N THR H 59 32.25 -49.44 -22.92
CA THR H 59 31.62 -49.23 -24.21
C THR H 59 30.14 -48.93 -24.05
N THR H 60 29.48 -49.68 -23.18
CA THR H 60 28.08 -49.45 -22.86
C THR H 60 27.89 -48.08 -22.28
N TYR H 61 28.85 -47.67 -21.45
CA TYR H 61 28.77 -46.35 -20.84
C TYR H 61 28.78 -45.37 -22.01
N GLY H 62 29.67 -45.62 -22.97
CA GLY H 62 29.79 -44.77 -24.12
C GLY H 62 28.45 -44.68 -24.83
N GLN H 63 27.73 -45.80 -24.90
CA GLN H 63 26.45 -45.80 -25.56
C GLN H 63 25.48 -44.90 -24.80
N LYS H 64 25.54 -44.95 -23.47
CA LYS H 64 24.69 -44.13 -22.65
C LYS H 64 24.92 -42.65 -22.86
N LEU H 65 26.16 -42.28 -23.12
CA LEU H 65 26.48 -40.89 -23.38
C LEU H 65 25.82 -40.40 -24.65
N ARG H 66 25.80 -41.28 -25.64
CA ARG H 66 25.29 -40.94 -26.95
C ARG H 66 23.79 -40.76 -26.72
N GLU H 67 23.20 -41.67 -25.96
CA GLU H 67 21.77 -41.69 -25.67
C GLU H 67 21.40 -40.43 -24.90
N ALA H 68 22.27 -40.05 -23.95
CA ALA H 68 22.11 -38.86 -23.13
C ALA H 68 22.09 -37.60 -23.98
N ALA H 69 23.01 -37.51 -24.93
CA ALA H 69 23.06 -36.40 -25.87
C ALA H 69 21.84 -36.33 -26.75
N GLU H 70 21.28 -37.46 -27.15
CA GLU H 70 20.06 -37.44 -27.95
C GLU H 70 18.87 -37.04 -27.09
N LYS H 71 18.79 -37.54 -25.86
CA LYS H 71 17.68 -37.15 -25.04
C LYS H 71 17.71 -35.64 -24.78
N LEU H 72 18.89 -35.08 -24.58
CA LEU H 72 19.01 -33.64 -24.44
C LEU H 72 19.14 -32.85 -25.76
N ASN H 73 19.55 -33.53 -26.83
CA ASN H 73 19.77 -32.90 -28.13
C ASN H 73 20.79 -31.78 -28.07
N VAL H 74 21.93 -32.02 -27.44
CA VAL H 74 22.94 -30.98 -27.37
C VAL H 74 24.26 -31.34 -28.08
N SER H 75 25.11 -32.17 -27.49
CA SER H 75 26.41 -32.50 -28.06
C SER H 75 26.92 -33.75 -27.38
N LEU H 76 27.90 -34.42 -27.94
CA LEU H 76 28.47 -35.54 -27.21
C LEU H 76 29.44 -35.04 -26.13
N ARG H 77 29.87 -33.79 -26.16
CA ARG H 77 30.76 -33.37 -25.08
C ARG H 77 29.96 -32.98 -23.84
N THR H 78 28.97 -32.13 -24.03
CA THR H 78 28.23 -31.50 -22.90
C THR H 78 27.88 -32.26 -21.59
N VAL H 79 27.46 -33.48 -21.74
CA VAL H 79 27.03 -34.30 -20.70
C VAL H 79 28.14 -34.72 -19.81
N GLN H 80 29.39 -34.54 -20.15
CA GLN H 80 30.48 -34.76 -19.28
C GLN H 80 30.55 -33.66 -18.28
N ARG H 81 30.19 -32.45 -18.64
CA ARG H 81 30.24 -31.33 -17.72
C ARG H 81 29.04 -31.40 -16.91
N LEU H 82 27.91 -31.77 -17.47
CA LEU H 82 26.75 -31.89 -16.71
C LEU H 82 26.91 -32.91 -15.62
N VAL H 83 27.45 -34.09 -15.86
CA VAL H 83 27.62 -34.98 -14.72
C VAL H 83 28.62 -34.51 -13.73
N LYS H 84 29.74 -34.01 -14.18
CA LYS H 84 30.76 -33.55 -13.30
C LYS H 84 30.28 -32.49 -12.43
N ASN H 85 29.51 -31.62 -13.05
CA ASN H 85 28.82 -30.52 -12.38
C ASN H 85 27.92 -31.04 -11.26
N TRP H 86 27.17 -32.05 -11.54
CA TRP H 86 26.33 -32.70 -10.53
C TRP H 86 27.17 -33.27 -9.40
N GLU H 87 28.28 -33.89 -9.79
CA GLU H 87 29.18 -34.53 -8.84
C GLU H 87 29.60 -33.59 -7.70
N GLN H 88 29.82 -32.32 -8.00
CA GLN H 88 30.14 -31.36 -6.96
C GLN H 88 28.96 -30.62 -6.34
N ASP H 89 27.99 -30.24 -7.16
CA ASP H 89 26.86 -29.44 -6.67
C ASP H 89 25.48 -30.08 -6.52
N GLY H 90 25.36 -31.37 -6.77
CA GLY H 90 24.10 -32.04 -6.52
C GLY H 90 22.98 -31.34 -7.24
N LEU H 91 21.87 -31.15 -6.54
CA LEU H 91 20.72 -30.48 -7.11
C LEU H 91 20.94 -29.02 -7.44
N VAL H 92 21.85 -28.37 -6.73
CA VAL H 92 22.12 -26.97 -6.97
C VAL H 92 22.75 -26.74 -8.34
N GLY H 93 23.59 -27.68 -8.77
CA GLY H 93 24.24 -27.57 -10.05
C GLY H 93 23.26 -27.68 -11.19
N LEU H 94 22.03 -28.07 -10.88
CA LEU H 94 21.07 -28.16 -11.88
C LEU H 94 20.26 -26.96 -11.91
N THR H 95 20.49 -25.98 -11.05
CA THR H 95 19.71 -24.75 -11.13
C THR H 95 20.39 -23.83 -12.15
N GLN H 96 19.74 -22.76 -12.58
CA GLN H 96 20.44 -21.82 -13.42
C GLN H 96 21.43 -20.96 -12.63
N THR H 97 22.69 -20.94 -13.05
CA THR H 97 23.65 -20.16 -12.32
C THR H 97 23.33 -18.73 -12.69
N SER H 98 23.32 -17.84 -11.71
CA SER H 98 23.02 -16.44 -11.97
C SER H 98 24.18 -15.80 -12.73
N ARG H 99 23.98 -14.63 -13.32
CA ARG H 99 25.12 -14.05 -14.08
C ARG H 99 26.32 -13.59 -13.26
N ALA H 100 26.12 -13.46 -11.97
CA ALA H 100 27.16 -13.12 -10.98
C ALA H 100 27.74 -11.73 -11.09
N ASP H 101 27.20 -10.95 -12.00
CA ASP H 101 27.45 -9.54 -12.06
C ASP H 101 26.26 -8.83 -11.44
N LYS H 102 25.27 -9.56 -10.93
CA LYS H 102 24.05 -8.97 -10.38
C LYS H 102 24.31 -8.01 -9.23
N GLY H 103 23.76 -6.81 -9.31
CA GLY H 103 23.89 -5.85 -8.22
C GLY H 103 25.00 -4.85 -8.44
N LYS H 104 25.83 -5.17 -9.42
CA LYS H 104 26.96 -4.33 -9.77
C LYS H 104 26.46 -3.17 -10.57
N HIS H 105 27.20 -2.06 -10.54
CA HIS H 105 26.94 -0.98 -11.44
C HIS H 105 28.01 -0.74 -12.48
N ARG H 106 27.57 -0.41 -13.68
CA ARG H 106 28.47 -0.21 -14.79
C ARG H 106 29.00 1.20 -14.93
N ILE H 107 28.50 2.12 -14.12
CA ILE H 107 28.99 3.49 -14.13
C ILE H 107 30.30 3.55 -13.37
N GLY H 108 31.01 4.66 -13.52
CA GLY H 108 32.28 4.82 -12.83
C GLY H 108 32.14 4.85 -11.32
N GLU H 109 33.17 4.35 -10.64
CA GLU H 109 33.21 4.31 -9.17
C GLU H 109 33.04 5.69 -8.56
N PHE H 110 33.63 6.70 -9.18
CA PHE H 110 33.52 8.05 -8.71
C PHE H 110 32.04 8.43 -8.60
N TRP H 111 31.25 8.20 -9.64
CA TRP H 111 29.85 8.61 -9.65
C TRP H 111 28.98 7.85 -8.66
N GLU H 112 29.20 6.55 -8.51
CA GLU H 112 28.41 5.79 -7.57
C GLU H 112 28.59 6.29 -6.16
N ASN H 113 29.82 6.62 -5.82
CA ASN H 113 30.11 7.16 -4.49
C ASN H 113 29.65 8.61 -4.36
N PHE H 114 29.74 9.30 -5.43
CA PHE H 114 29.26 10.68 -5.43
C PHE H 114 27.77 10.73 -5.12
N ILE H 115 26.97 9.85 -5.77
CA ILE H 115 25.53 9.81 -5.58
C ILE H 115 25.20 9.46 -4.13
N THR H 116 25.85 8.38 -3.60
CA THR H 116 25.59 7.93 -2.23
C THR H 116 25.92 9.02 -1.22
N LYS H 117 27.08 9.67 -1.39
CA LYS H 117 27.51 10.74 -0.50
C LYS H 117 26.54 11.91 -0.54
N THR H 118 26.14 12.32 -1.72
CA THR H 118 25.26 13.46 -1.91
C THR H 118 23.93 13.25 -1.17
N TYR H 119 23.40 12.10 -1.38
CA TYR H 119 22.12 11.80 -0.75
C TYR H 119 22.25 11.83 0.77
N LYS H 120 23.25 11.23 1.39
CA LYS H 120 23.43 11.19 2.85
C LYS H 120 23.50 12.60 3.44
N GLU H 121 24.21 13.50 2.73
CA GLU H 121 24.26 14.91 3.12
C GLU H 121 22.93 15.61 2.87
N GLY H 122 22.28 15.24 1.79
CA GLY H 122 21.04 15.89 1.41
C GLY H 122 19.98 15.74 2.48
N ASN H 123 19.96 14.65 3.21
CA ASN H 123 19.00 14.49 4.28
C ASN H 123 19.55 14.67 5.67
N LYS H 124 20.71 15.27 5.82
CA LYS H 124 21.24 15.43 7.16
C LYS H 124 20.50 16.58 7.78
N GLY H 125 20.10 16.46 9.04
CA GLY H 125 19.51 17.57 9.73
C GLY H 125 18.05 17.71 9.40
N SER H 126 17.53 18.92 9.44
CA SER H 126 16.10 19.11 9.29
C SER H 126 15.60 19.09 7.85
N LYS H 127 16.49 19.14 6.89
CA LYS H 127 16.09 19.24 5.49
C LYS H 127 15.80 17.91 4.82
N ARG H 128 15.25 17.95 3.61
CA ARG H 128 14.96 16.74 2.88
C ARG H 128 15.47 16.84 1.46
N MET H 129 15.91 15.73 0.92
CA MET H 129 16.43 15.69 -0.43
C MET H 129 15.65 14.63 -1.16
N THR H 130 15.30 14.90 -2.40
CA THR H 130 14.65 13.91 -3.23
C THR H 130 15.68 13.34 -4.16
N PRO H 131 15.53 12.08 -4.57
CA PRO H 131 16.38 11.46 -5.58
C PRO H 131 16.43 12.28 -6.83
N LYS H 132 15.38 12.97 -7.23
CA LYS H 132 15.43 13.76 -8.45
C LYS H 132 16.38 14.95 -8.31
N GLN H 133 16.37 15.60 -7.16
CA GLN H 133 17.29 16.68 -6.89
C GLN H 133 18.72 16.23 -6.88
N VAL H 134 18.97 15.02 -6.37
CA VAL H 134 20.29 14.42 -6.41
C VAL H 134 20.79 14.23 -7.81
N ALA H 135 19.94 13.71 -8.68
CA ALA H 135 20.32 13.49 -10.05
C ALA H 135 20.72 14.79 -10.72
N LEU H 136 20.04 15.89 -10.38
CA LEU H 136 20.39 17.19 -10.92
C LEU H 136 21.76 17.60 -10.41
N ARG H 137 22.03 17.44 -9.13
CA ARG H 137 23.34 17.81 -8.58
C ARG H 137 24.44 17.07 -9.32
N VAL H 138 24.17 15.81 -9.64
CA VAL H 138 25.10 14.97 -10.37
C VAL H 138 25.35 15.59 -11.71
N GLU H 139 24.29 15.97 -12.39
CA GLU H 139 24.44 16.60 -13.69
C GLU H 139 25.29 17.86 -13.61
N ALA H 140 25.07 18.67 -12.58
CA ALA H 140 25.82 19.91 -12.41
C ALA H 140 27.30 19.65 -12.28
N LYS H 141 27.64 18.62 -11.52
CA LYS H 141 29.02 18.20 -11.32
C LYS H 141 29.60 17.66 -12.60
N ALA H 142 28.78 16.93 -13.34
CA ALA H 142 29.25 16.35 -14.56
C ALA H 142 29.71 17.45 -15.49
N ARG H 143 28.98 18.56 -15.51
CA ARG H 143 29.37 19.72 -16.32
C ARG H 143 30.72 20.31 -15.93
N GLU H 144 30.90 20.50 -14.62
CA GLU H 144 32.15 21.02 -14.06
C GLU H 144 33.32 20.18 -14.46
N LEU H 145 33.13 18.86 -14.48
CA LEU H 145 34.17 17.90 -14.77
C LEU H 145 34.31 17.60 -16.25
N LYS H 146 33.45 18.21 -17.06
CA LYS H 146 33.38 17.92 -18.49
C LYS H 146 33.14 16.45 -18.79
N ASP H 147 32.28 15.81 -18.00
CA ASP H 147 31.99 14.42 -18.23
C ASP H 147 30.76 14.28 -19.11
N SER H 148 30.97 13.83 -20.33
CA SER H 148 29.88 13.71 -21.28
C SER H 148 28.86 12.60 -20.96
N LYS H 149 29.19 11.68 -20.05
CA LYS H 149 28.27 10.58 -19.74
C LYS H 149 27.97 10.25 -18.27
N PRO H 150 27.35 11.19 -17.56
CA PRO H 150 27.01 10.98 -16.15
C PRO H 150 25.85 10.01 -16.15
N PRO H 151 25.54 9.38 -15.02
CA PRO H 151 24.31 8.59 -14.99
C PRO H 151 23.01 9.36 -15.17
N ASN H 152 22.05 8.72 -15.84
CA ASN H 152 20.71 9.25 -16.02
C ASN H 152 19.91 9.15 -14.74
N TYR H 153 18.98 10.07 -14.55
CA TYR H 153 17.99 10.04 -13.46
C TYR H 153 17.42 8.69 -13.13
N LYS H 154 17.13 7.88 -14.12
CA LYS H 154 16.59 6.58 -13.86
C LYS H 154 17.64 5.80 -13.11
N THR H 155 18.89 5.98 -13.48
CA THR H 155 19.95 5.24 -12.80
C THR H 155 20.06 5.64 -11.35
N VAL H 156 19.93 6.94 -11.05
CA VAL H 156 20.03 7.41 -9.68
C VAL H 156 18.96 6.80 -8.83
N LEU H 157 17.76 6.68 -9.37
CA LEU H 157 16.68 6.04 -8.66
C LEU H 157 17.08 4.63 -8.31
N ARG H 158 17.71 3.90 -9.22
CA ARG H 158 18.16 2.56 -8.93
C ARG H 158 19.33 2.49 -7.96
N VAL H 159 20.32 3.36 -8.07
CA VAL H 159 21.43 3.34 -7.12
C VAL H 159 21.06 3.60 -5.67
N LEU H 160 20.12 4.51 -5.43
CA LEU H 160 19.67 4.85 -4.07
C LEU H 160 18.64 3.89 -3.53
N ALA H 161 18.21 2.95 -4.36
CA ALA H 161 17.09 2.10 -4.05
C ALA H 161 17.27 1.40 -2.73
N PRO H 162 18.41 0.70 -2.57
CA PRO H 162 18.61 -0.06 -1.34
C PRO H 162 18.67 0.81 -0.10
N ILE H 163 19.02 2.08 -0.28
CA ILE H 163 19.09 3.00 0.83
C ILE H 163 17.70 3.44 1.27
N LEU H 164 16.84 3.72 0.30
CA LEU H 164 15.47 4.12 0.59
C LEU H 164 14.71 2.96 1.19
N GLU H 165 15.01 1.78 0.68
CA GLU H 165 14.41 0.58 1.14
C GLU H 165 14.69 0.07 2.52
N LYS H 166 15.90 0.17 3.02
CA LYS H 166 16.20 -0.43 4.33
C LYS H 166 15.48 0.22 5.42
N GLN H 167 15.20 1.45 5.09
CA GLN H 167 14.60 2.39 6.02
C GLN H 167 13.18 1.99 6.30
N GLN H 168 12.59 1.28 5.38
CA GLN H 168 11.22 1.01 5.47
C GLN H 168 10.94 -0.08 6.43
N LYS H 169 11.95 -0.91 6.65
CA LYS H 169 11.87 -1.99 7.61
C LYS H 169 12.35 -1.43 8.93
N ALA H 170 13.38 -0.59 8.86
CA ALA H 170 13.99 -0.02 10.05
C ALA H 170 13.00 0.76 10.90
N LYS H 171 12.09 1.46 10.26
CA LYS H 171 11.10 2.20 11.00
C LYS H 171 9.94 1.33 11.43
N SER H 172 9.90 0.07 10.99
CA SER H 172 8.73 -0.76 11.25
C SER H 172 8.90 -2.10 11.96
N ILE H 173 9.94 -2.28 12.77
CA ILE H 173 10.18 -3.53 13.50
C ILE H 173 9.14 -3.68 14.61
N ARG H 174 8.55 -4.86 14.74
CA ARG H 174 7.56 -5.08 15.79
C ARG H 174 8.18 -5.77 17.00
N SER H 175 8.24 -5.09 18.14
CA SER H 175 8.83 -5.71 19.31
C SER H 175 8.06 -6.93 19.78
N PRO H 176 8.76 -7.95 20.29
CA PRO H 176 8.03 -9.11 20.84
C PRO H 176 7.25 -8.90 22.13
N GLY H 177 7.51 -7.84 22.87
CA GLY H 177 6.85 -7.65 24.15
C GLY H 177 7.34 -8.68 25.14
N TRP H 178 6.48 -9.13 26.04
CA TRP H 178 6.88 -10.09 27.05
C TRP H 178 6.04 -11.33 26.79
N ARG H 179 6.53 -12.48 27.21
CA ARG H 179 5.82 -13.74 26.96
C ARG H 179 4.74 -14.08 27.98
N GLY H 180 4.73 -13.37 29.09
CA GLY H 180 3.72 -13.58 30.09
C GLY H 180 4.24 -14.15 31.38
N THR H 181 3.47 -13.85 32.42
CA THR H 181 3.59 -14.23 33.83
C THR H 181 4.78 -13.64 34.57
N THR H 182 5.75 -13.13 33.82
CA THR H 182 6.92 -12.50 34.43
C THR H 182 7.14 -11.12 33.82
N LEU H 183 7.33 -10.11 34.66
CA LEU H 183 7.64 -8.79 34.12
C LEU H 183 8.31 -7.85 35.09
N SER H 184 9.03 -6.94 34.50
CA SER H 184 9.67 -5.85 35.21
C SER H 184 9.79 -4.58 34.36
N VAL H 185 9.96 -3.44 35.01
CA VAL H 185 10.06 -2.17 34.31
C VAL H 185 11.26 -1.41 34.78
N LYS H 186 11.89 -0.66 33.90
CA LYS H 186 13.03 0.15 34.28
C LYS H 186 12.67 1.57 34.69
N THR H 187 13.48 2.14 35.58
CA THR H 187 13.37 3.53 35.97
C THR H 187 14.43 4.35 35.26
N ARG H 188 14.29 5.66 35.32
CA ARG H 188 15.32 6.56 34.78
C ARG H 188 16.70 6.25 35.32
N GLU H 189 16.76 5.78 36.57
CA GLU H 189 18.01 5.52 37.25
C GLU H 189 18.67 4.24 36.72
N GLY H 190 17.91 3.46 35.94
CA GLY H 190 18.38 2.19 35.43
C GLY H 190 18.04 1.03 36.32
N LYS H 191 17.28 1.31 37.38
CA LYS H 191 16.87 0.27 38.30
C LYS H 191 15.74 -0.57 37.71
N ASP H 192 15.83 -1.88 37.89
CA ASP H 192 14.77 -2.83 37.56
C ASP H 192 13.81 -3.02 38.73
N LEU H 193 12.53 -2.74 38.44
CA LEU H 193 11.53 -2.97 39.48
C LEU H 193 10.61 -4.13 39.08
N SER H 194 10.53 -5.13 39.96
CA SER H 194 9.65 -6.26 39.71
C SER H 194 8.19 -5.88 39.90
N VAL H 195 7.29 -6.58 39.19
CA VAL H 195 5.85 -6.49 39.44
C VAL H 195 5.32 -7.84 39.89
N ASP H 196 5.26 -8.05 41.20
CA ASP H 196 4.95 -9.34 41.78
C ASP H 196 3.55 -9.65 42.24
N TYR H 197 2.71 -8.65 42.45
CA TYR H 197 1.37 -8.93 42.90
C TYR H 197 0.43 -7.76 42.77
N SER H 198 -0.86 -8.00 42.95
CA SER H 198 -1.86 -6.95 42.77
C SER H 198 -1.60 -5.83 43.77
N ASN H 199 -1.73 -4.61 43.29
CA ASN H 199 -1.41 -3.39 44.02
C ASN H 199 0.06 -3.29 44.36
N HIS H 200 0.92 -4.04 43.70
CA HIS H 200 2.34 -3.73 43.83
C HIS H 200 2.67 -2.45 43.11
N VAL H 201 2.47 -2.37 41.81
CA VAL H 201 2.85 -1.15 41.12
C VAL H 201 1.68 -0.60 40.37
N TRP H 202 1.35 0.67 40.61
CA TRP H 202 0.28 1.34 39.89
C TRP H 202 0.86 2.37 38.94
N GLN H 203 0.18 2.62 37.83
CA GLN H 203 0.63 3.64 36.89
C GLN H 203 -0.49 4.61 36.55
N CYS H 204 -0.05 5.78 36.15
CA CYS H 204 -1.04 6.83 35.87
C CYS H 204 -0.54 7.74 34.76
N ASP H 205 -1.49 8.17 33.90
CA ASP H 205 -1.18 9.15 32.86
C ASP H 205 -2.42 9.95 32.48
N HIS H 206 -2.13 10.90 31.55
CA HIS H 206 -3.18 11.81 31.12
C HIS H 206 -3.34 11.78 29.61
N THR H 207 -4.57 11.84 29.12
CA THR H 207 -4.84 12.03 27.71
C THR H 207 -6.04 12.96 27.50
N ARG H 208 -6.28 13.18 26.24
CA ARG H 208 -7.54 13.84 25.93
C ARG H 208 -8.60 12.83 25.50
N VAL H 209 -9.87 13.13 25.73
CA VAL H 209 -11.00 12.38 25.18
C VAL H 209 -11.42 12.99 23.85
N ASP H 210 -11.52 12.20 22.79
CA ASP H 210 -11.74 12.66 21.42
C ASP H 210 -13.23 12.88 21.16
N VAL H 211 -13.89 13.57 22.07
CA VAL H 211 -15.32 13.85 21.97
C VAL H 211 -15.51 15.28 22.42
N LEU H 212 -16.26 16.08 21.67
CA LEU H 212 -16.58 17.43 22.13
C LEU H 212 -17.82 17.34 22.97
N LEU H 213 -17.94 18.19 23.97
CA LEU H 213 -19.11 18.20 24.82
C LEU H 213 -19.88 19.47 24.71
N VAL H 214 -21.14 19.44 25.14
CA VAL H 214 -21.98 20.61 25.20
C VAL H 214 -22.46 20.70 26.62
N ASP H 215 -22.92 21.87 27.02
CA ASP H 215 -23.59 22.04 28.30
C ASP H 215 -25.08 21.76 28.21
N GLN H 216 -25.82 22.03 29.28
CA GLN H 216 -27.24 21.72 29.29
C GLN H 216 -28.03 22.59 28.32
N HIS H 217 -27.39 23.62 27.75
CA HIS H 217 -28.02 24.45 26.76
C HIS H 217 -27.65 24.19 25.30
N GLY H 218 -26.79 23.22 25.00
CA GLY H 218 -26.39 23.04 23.62
C GLY H 218 -25.16 23.82 23.18
N GLU H 219 -24.50 24.48 24.12
CA GLU H 219 -23.30 25.25 23.85
C GLU H 219 -22.03 24.38 24.01
N ILE H 220 -21.12 24.45 23.05
CA ILE H 220 -19.96 23.57 23.01
C ILE H 220 -18.79 23.94 23.93
N LEU H 221 -18.29 22.95 24.68
CA LEU H 221 -17.12 23.11 25.53
C LEU H 221 -16.01 22.24 24.97
N SER H 222 -14.77 22.69 25.02
CA SER H 222 -13.66 21.87 24.55
C SER H 222 -13.55 20.53 25.23
N ARG H 223 -13.19 19.50 24.46
CA ARG H 223 -13.03 18.17 25.01
C ARG H 223 -12.19 18.16 26.25
N PRO H 224 -12.56 17.31 27.19
CA PRO H 224 -12.00 17.02 28.50
C PRO H 224 -10.78 16.14 28.58
N TRP H 225 -10.11 16.20 29.73
CA TRP H 225 -8.93 15.43 29.97
C TRP H 225 -9.36 14.15 30.62
N LEU H 226 -8.69 13.06 30.33
CA LEU H 226 -8.98 11.81 31.01
C LEU H 226 -7.78 11.32 31.76
N THR H 227 -7.95 11.05 33.04
CA THR H 227 -6.83 10.53 33.82
C THR H 227 -7.16 9.14 34.38
N THR H 228 -6.20 8.25 34.23
CA THR H 228 -6.47 6.86 34.62
C THR H 228 -5.41 6.38 35.61
N VAL H 229 -5.80 5.48 36.51
CA VAL H 229 -4.85 4.74 37.34
C VAL H 229 -5.04 3.28 37.04
N ILE H 230 -3.95 2.62 36.65
CA ILE H 230 -3.97 1.24 36.19
C ILE H 230 -3.09 0.35 37.02
N ASP H 231 -3.59 -0.83 37.35
CA ASP H 231 -2.81 -1.79 38.14
C ASP H 231 -1.90 -2.59 37.24
N THR H 232 -0.61 -2.43 37.41
CA THR H 232 0.34 -3.05 36.52
C THR H 232 0.31 -4.55 36.51
N TYR H 233 0.19 -5.17 37.67
CA TYR H 233 0.13 -6.61 37.68
C TYR H 233 -1.04 -7.18 36.96
N SER H 234 -2.23 -6.65 37.13
CA SER H 234 -3.39 -7.28 36.52
C SER H 234 -3.90 -6.62 35.24
N ARG H 235 -3.49 -5.38 34.99
CA ARG H 235 -4.03 -4.50 33.93
C ARG H 235 -5.49 -4.17 34.10
N CYS H 236 -6.04 -4.35 35.29
CA CYS H 236 -7.37 -3.87 35.62
C CYS H 236 -7.33 -2.39 35.94
N ILE H 237 -8.40 -1.67 35.57
CA ILE H 237 -8.49 -0.22 35.82
C ILE H 237 -8.83 0.04 37.25
N MET H 238 -8.00 0.82 37.93
CA MET H 238 -8.22 1.07 39.35
C MET H 238 -9.14 2.25 39.69
N GLY H 239 -9.11 3.30 38.87
CA GLY H 239 -9.97 4.45 39.09
C GLY H 239 -9.78 5.44 37.98
N ILE H 240 -10.82 6.19 37.61
CA ILE H 240 -10.68 7.22 36.59
C ILE H 240 -11.33 8.51 37.00
N ASN H 241 -11.02 9.60 36.30
CA ASN H 241 -11.79 10.84 36.36
C ASN H 241 -11.67 11.53 35.02
N LEU H 242 -12.71 12.21 34.56
CA LEU H 242 -12.56 13.05 33.38
C LEU H 242 -13.30 14.36 33.55
N GLY H 243 -12.80 15.43 32.94
CA GLY H 243 -13.43 16.74 33.03
C GLY H 243 -12.57 17.82 32.41
N PHE H 244 -12.83 19.10 32.68
CA PHE H 244 -12.14 20.14 31.93
C PHE H 244 -10.94 20.78 32.60
N ASP H 245 -10.51 20.25 33.73
CA ASP H 245 -9.38 20.83 34.46
C ASP H 245 -8.06 20.31 33.92
N ALA H 246 -7.23 21.23 33.54
CA ALA H 246 -5.93 20.85 33.01
C ALA H 246 -5.12 20.06 34.03
N PRO H 247 -4.21 19.20 33.54
CA PRO H 247 -3.40 18.38 34.45
C PRO H 247 -2.69 19.20 35.51
N SER H 248 -2.68 18.72 36.70
CA SER H 248 -2.04 19.32 37.87
C SER H 248 -1.87 18.30 38.99
N SER H 249 -1.16 18.72 40.02
CA SER H 249 -0.97 17.86 41.18
C SER H 249 -2.34 17.67 41.79
N GLY H 250 -3.20 18.67 41.64
CA GLY H 250 -4.54 18.58 42.18
C GLY H 250 -5.31 17.49 41.47
N VAL H 251 -5.19 17.43 40.15
CA VAL H 251 -5.92 16.43 39.38
C VAL H 251 -5.45 15.05 39.78
N VAL H 252 -4.14 14.89 39.93
CA VAL H 252 -3.60 13.60 40.31
C VAL H 252 -4.13 13.14 41.66
N ALA H 253 -4.17 14.05 42.62
CA ALA H 253 -4.69 13.74 43.94
C ALA H 253 -6.12 13.31 43.86
N LEU H 254 -6.92 13.98 43.04
CA LEU H 254 -8.31 13.59 42.91
C LEU H 254 -8.41 12.21 42.28
N ALA H 255 -7.59 11.94 41.28
CA ALA H 255 -7.59 10.64 40.65
C ALA H 255 -7.23 9.55 41.63
N LEU H 256 -6.24 9.78 42.49
CA LEU H 256 -5.81 8.77 43.45
C LEU H 256 -6.93 8.48 44.46
N ARG H 257 -7.58 9.57 44.87
CA ARG H 257 -8.65 9.43 45.84
C ARG H 257 -9.70 8.44 45.37
N HIS H 258 -10.07 8.50 44.15
CA HIS H 258 -11.03 7.58 43.54
C HIS H 258 -10.47 6.15 43.48
N ALA H 259 -9.27 6.00 43.03
CA ALA H 259 -8.59 4.72 42.92
C ALA H 259 -8.41 4.07 44.29
N ILE H 260 -8.14 4.85 45.33
CA ILE H 260 -8.00 4.30 46.70
C ILE H 260 -9.26 3.89 47.52
N LEU H 261 -10.30 4.70 47.55
CA LEU H 261 -11.47 4.36 48.36
C LEU H 261 -12.42 3.39 47.66
N PRO H 262 -13.18 2.63 48.44
CA PRO H 262 -14.23 1.74 47.93
C PRO H 262 -15.18 2.47 47.01
N LYS H 263 -15.63 1.82 45.94
CA LYS H 263 -16.49 2.48 44.98
C LYS H 263 -17.96 2.12 45.17
N ARG H 264 -18.86 3.00 44.76
CA ARG H 264 -20.30 2.72 44.78
C ARG H 264 -21.00 3.61 43.77
N TYR H 265 -21.97 3.05 43.05
CA TYR H 265 -22.82 3.84 42.18
C TYR H 265 -24.32 3.61 42.32
N GLY H 266 -25.08 4.63 41.96
CA GLY H 266 -26.53 4.59 41.97
C GLY H 266 -27.18 3.84 40.81
N SER H 267 -28.47 3.57 40.95
CA SER H 267 -29.22 2.79 39.96
C SER H 267 -29.34 3.40 38.57
N GLU H 268 -29.17 4.71 38.49
CA GLU H 268 -29.26 5.44 37.23
C GLU H 268 -28.16 4.99 36.26
N TYR H 269 -27.07 4.35 36.77
CA TYR H 269 -25.96 3.93 35.95
C TYR H 269 -26.25 2.60 35.25
N LYS H 270 -27.32 1.95 35.60
CA LYS H 270 -27.77 0.72 34.96
C LYS H 270 -26.64 -0.31 34.87
N LEU H 271 -25.97 -0.56 36.04
CA LEU H 271 -24.84 -1.48 36.09
C LEU H 271 -25.31 -2.90 36.37
N HIS H 272 -24.65 -3.95 35.86
CA HIS H 272 -24.81 -5.35 36.23
C HIS H 272 -23.78 -5.78 37.26
N CYS H 273 -22.53 -5.40 37.08
CA CYS H 273 -21.55 -5.78 38.09
C CYS H 273 -21.07 -4.62 38.94
N GLU H 274 -20.62 -4.92 40.15
CA GLU H 274 -19.97 -3.92 40.96
C GLU H 274 -18.54 -3.83 40.54
N TRP H 275 -17.98 -2.63 40.61
CA TRP H 275 -16.59 -2.35 40.31
C TRP H 275 -15.97 -2.59 41.67
N GLY H 276 -15.29 -3.72 41.87
CA GLY H 276 -14.75 -4.02 43.18
C GLY H 276 -13.37 -3.64 43.68
N THR H 277 -12.68 -2.72 43.04
CA THR H 277 -11.29 -2.47 43.40
C THR H 277 -10.93 -1.32 44.34
N TYR H 278 -10.05 -1.61 45.30
CA TYR H 278 -9.51 -0.62 46.24
C TYR H 278 -8.25 -1.13 46.92
N GLY H 279 -7.54 -0.24 47.61
CA GLY H 279 -6.28 -0.60 48.24
C GLY H 279 -5.30 0.56 48.30
N LYS H 280 -4.03 0.26 48.21
CA LYS H 280 -2.92 1.21 48.23
C LYS H 280 -1.67 0.60 47.58
N PRO H 281 -1.09 1.40 46.61
CA PRO H 281 0.10 0.85 45.97
C PRO H 281 1.35 0.94 46.84
N GLU H 282 2.42 0.26 46.42
CA GLU H 282 3.72 0.42 47.05
C GLU H 282 4.63 1.33 46.24
N HIS H 283 4.41 1.20 44.92
CA HIS H 283 5.18 2.03 44.00
C HIS H 283 4.25 2.84 43.10
N PHE H 284 4.61 4.06 42.76
CA PHE H 284 3.81 4.87 41.88
C PHE H 284 4.69 5.10 40.71
N TYR H 285 4.47 4.37 39.63
CA TYR H 285 5.36 4.41 38.49
C TYR H 285 4.68 5.24 37.42
N THR H 286 5.22 6.37 37.00
CA THR H 286 4.52 7.28 36.12
C THR H 286 5.49 8.10 35.31
N ASP H 287 5.02 9.14 34.62
CA ASP H 287 5.85 10.02 33.76
C ASP H 287 6.71 11.06 34.50
N GLY H 288 7.58 11.77 33.79
CA GLY H 288 8.39 12.79 34.42
C GLY H 288 7.96 14.24 34.32
N GLY H 289 6.72 14.48 33.91
CA GLY H 289 6.17 15.81 33.72
C GLY H 289 6.00 16.41 35.08
N LYS H 290 5.88 17.72 35.18
CA LYS H 290 5.82 18.35 36.49
C LYS H 290 4.64 17.94 37.37
N ASP H 291 3.53 17.53 36.79
CA ASP H 291 2.38 17.17 37.61
C ASP H 291 2.81 16.09 38.62
N PHE H 292 3.78 15.23 38.29
CA PHE H 292 4.29 14.12 39.15
C PHE H 292 5.61 14.23 39.92
N ARG H 293 6.25 15.39 39.98
CA ARG H 293 7.50 15.50 40.71
C ARG H 293 7.46 16.69 41.63
N SER H 294 6.24 17.02 41.94
CA SER H 294 5.81 18.11 42.80
C SER H 294 5.98 17.74 44.28
N ASN H 295 6.17 18.76 45.14
CA ASN H 295 6.19 18.67 46.59
C ASN H 295 4.84 18.18 47.13
N HIS H 296 3.78 18.56 46.44
CA HIS H 296 2.46 18.10 46.83
C HIS H 296 2.35 16.58 46.75
N LEU H 297 2.75 15.95 45.68
CA LEU H 297 2.68 14.50 45.50
C LEU H 297 3.65 13.78 46.43
N SER H 298 4.79 14.47 46.61
CA SER H 298 5.77 13.91 47.53
C SER H 298 5.21 13.82 48.95
N GLN H 299 4.49 14.82 49.36
CA GLN H 299 3.84 14.84 50.67
C GLN H 299 2.81 13.72 50.78
N ILE H 300 2.08 13.52 49.67
CA ILE H 300 1.10 12.45 49.63
C ILE H 300 1.80 11.10 49.79
N GLY H 301 2.84 10.99 49.01
CA GLY H 301 3.58 9.73 49.06
C GLY H 301 4.15 9.43 50.44
N ALA H 302 4.68 10.44 51.12
CA ALA H 302 5.27 10.29 52.45
C ALA H 302 4.20 9.90 53.47
N GLN H 303 3.00 10.48 53.33
CA GLN H 303 1.94 10.31 54.32
C GLN H 303 1.22 8.98 54.11
N LEU H 304 1.08 8.59 52.87
CA LEU H 304 0.44 7.32 52.56
C LEU H 304 1.44 6.17 52.60
N GLY H 305 2.74 6.48 52.36
CA GLY H 305 3.79 5.47 52.45
C GLY H 305 4.02 4.74 51.14
N PHE H 306 4.15 5.43 50.03
CA PHE H 306 4.52 4.76 48.79
C PHE H 306 5.60 5.54 48.05
N VAL H 307 6.33 4.92 47.13
CA VAL H 307 7.39 5.63 46.42
C VAL H 307 7.23 5.85 44.90
N CYS H 308 7.53 7.07 44.44
CA CYS H 308 7.46 7.43 43.02
C CYS H 308 8.67 7.10 42.17
N HIS H 309 8.43 6.70 40.92
CA HIS H 309 9.46 6.38 39.93
C HIS H 309 9.15 6.95 38.57
N LEU H 310 10.16 7.33 37.80
CA LEU H 310 9.91 7.98 36.51
C LEU H 310 10.29 7.10 35.32
N ARG H 311 9.51 7.13 34.24
CA ARG H 311 9.88 6.43 33.01
C ARG H 311 11.13 6.91 32.33
N ASP H 312 11.89 5.98 31.76
CA ASP H 312 13.08 6.29 30.98
C ASP H 312 12.76 6.86 29.59
N ARG H 313 11.64 6.44 29.01
CA ARG H 313 11.26 6.81 27.65
C ARG H 313 9.82 6.42 27.41
N PRO H 314 9.13 7.04 26.44
CA PRO H 314 7.71 6.77 26.23
C PRO H 314 7.45 5.30 25.93
N SER H 315 8.42 4.59 25.39
CA SER H 315 8.24 3.21 25.02
C SER H 315 8.36 2.24 26.20
N GLU H 316 8.84 2.75 27.33
CA GLU H 316 9.07 1.94 28.56
C GLU H 316 7.83 1.50 29.33
N GLY H 317 6.81 2.33 29.34
CA GLY H 317 5.60 1.96 30.04
C GLY H 317 4.65 2.03 28.89
N GLY H 318 4.03 0.92 28.53
CA GLY H 318 3.17 0.92 27.37
C GLY H 318 1.83 0.45 27.83
N VAL H 319 1.89 -0.23 28.98
CA VAL H 319 0.71 -0.74 29.61
C VAL H 319 -0.11 0.37 30.17
N VAL H 320 0.52 1.46 30.60
CA VAL H 320 -0.23 2.60 31.12
C VAL H 320 -0.94 3.36 30.00
N GLU H 321 -0.24 3.54 28.89
CA GLU H 321 -0.72 4.28 27.75
C GLU H 321 -1.74 3.54 26.89
N ARG H 322 -1.41 2.31 26.54
CA ARG H 322 -2.21 1.44 25.67
C ARG H 322 -3.74 1.51 25.67
N PRO H 323 -4.37 1.27 26.83
CA PRO H 323 -5.82 1.24 26.97
C PRO H 323 -6.50 2.44 26.33
N PHE H 324 -5.82 3.57 26.18
CA PHE H 324 -6.42 4.73 25.54
C PHE H 324 -6.82 4.41 24.11
N LYS H 325 -6.05 3.64 23.37
CA LYS H 325 -6.50 3.23 22.05
C LYS H 325 -7.78 2.36 22.06
N THR H 326 -7.94 1.46 23.01
CA THR H 326 -9.13 0.63 23.04
C THR H 326 -10.35 1.42 23.40
N LEU H 327 -10.22 2.48 24.16
CA LEU H 327 -11.37 3.33 24.38
C LEU H 327 -11.81 4.02 23.12
N ASN H 328 -10.87 4.46 22.30
CA ASN H 328 -11.25 5.08 21.06
C ASN H 328 -11.95 4.08 20.17
N ASP H 329 -11.38 2.90 20.07
CA ASP H 329 -11.94 1.86 19.21
C ASP H 329 -13.25 1.18 19.61
N GLN H 330 -13.46 0.98 20.89
CA GLN H 330 -14.69 0.39 21.34
C GLN H 330 -15.72 1.34 21.85
N LEU H 331 -15.35 2.51 22.36
CA LEU H 331 -16.36 3.40 22.88
C LEU H 331 -16.51 4.75 22.23
N PHE H 332 -15.46 5.54 22.25
CA PHE H 332 -15.64 6.93 21.90
C PHE H 332 -15.96 7.14 20.44
N SER H 333 -15.42 6.33 19.55
CA SER H 333 -15.68 6.50 18.13
C SER H 333 -17.11 6.21 17.71
N THR H 334 -17.90 5.70 18.65
CA THR H 334 -19.29 5.41 18.35
C THR H 334 -20.20 6.52 18.85
N LEU H 335 -19.65 7.54 19.49
CA LEU H 335 -20.45 8.62 20.07
C LEU H 335 -20.48 9.83 19.14
N PRO H 336 -21.61 10.57 19.14
CA PRO H 336 -21.67 11.82 18.39
C PRO H 336 -20.71 12.88 18.93
N GLY H 337 -20.05 13.64 18.03
CA GLY H 337 -19.06 14.64 18.42
C GLY H 337 -17.65 14.09 18.43
N TYR H 338 -17.52 12.87 18.01
CA TYR H 338 -16.21 12.25 17.91
C TYR H 338 -15.29 13.06 17.00
N THR H 339 -14.06 13.32 17.41
CA THR H 339 -13.18 14.04 16.51
C THR H 339 -12.37 12.99 15.82
N GLY H 340 -11.08 12.90 16.11
CA GLY H 340 -10.25 11.90 15.48
C GLY H 340 -8.95 11.75 16.21
N SER H 341 -8.15 10.77 15.87
CA SER H 341 -6.86 10.67 16.50
C SER H 341 -5.99 11.87 16.14
N ASN H 342 -6.01 12.31 14.90
CA ASN H 342 -5.20 13.43 14.43
C ASN H 342 -6.02 14.39 13.65
N VAL H 343 -5.48 15.56 13.40
CA VAL H 343 -6.20 16.53 12.63
C VAL H 343 -6.30 16.11 11.17
N GLN H 344 -5.63 15.05 10.77
CA GLN H 344 -5.67 14.59 9.38
C GLN H 344 -6.94 13.86 9.12
N GLU H 345 -7.49 13.29 10.16
CA GLU H 345 -8.68 12.49 10.02
C GLU H 345 -9.87 13.10 10.70
N ARG H 346 -9.77 14.35 11.13
CA ARG H 346 -10.84 14.91 11.92
C ARG H 346 -12.04 15.07 11.03
N PRO H 347 -13.14 14.41 11.38
CA PRO H 347 -14.35 14.53 10.57
C PRO H 347 -14.81 15.96 10.50
N GLU H 348 -15.23 16.42 9.33
CA GLU H 348 -15.71 17.78 9.18
C GLU H 348 -16.99 18.06 9.94
N ASP H 349 -17.73 17.01 10.27
CA ASP H 349 -18.99 17.15 10.97
C ASP H 349 -18.84 17.25 12.48
N ALA H 350 -17.61 17.04 12.94
CA ALA H 350 -17.22 16.97 14.36
C ALA H 350 -17.56 18.10 15.33
N GLU H 351 -17.66 19.30 14.79
CA GLU H 351 -17.95 20.51 15.54
C GLU H 351 -19.41 20.81 15.70
N LYS H 352 -20.24 20.28 14.82
CA LYS H 352 -21.65 20.63 14.80
C LYS H 352 -22.50 19.56 15.45
N ASP H 353 -22.10 18.31 15.30
CA ASP H 353 -22.87 17.19 15.81
C ASP H 353 -22.94 16.95 17.32
N ALA H 354 -21.98 17.46 18.09
CA ALA H 354 -21.99 17.20 19.53
C ALA H 354 -23.22 17.63 20.32
N ARG H 355 -23.72 16.68 21.09
CA ARG H 355 -24.90 16.87 21.91
C ARG H 355 -24.78 16.28 23.32
N LEU H 356 -23.68 15.59 23.62
CA LEU H 356 -23.51 14.95 24.92
C LEU H 356 -23.03 15.90 25.99
N THR H 357 -23.52 15.75 27.20
CA THR H 357 -22.91 16.47 28.31
C THR H 357 -21.83 15.75 29.10
N LEU H 358 -21.05 16.48 29.93
CA LEU H 358 -20.07 15.74 30.72
C LEU H 358 -20.72 14.71 31.60
N ARG H 359 -21.84 15.05 32.22
CA ARG H 359 -22.50 14.09 33.07
C ARG H 359 -22.88 12.82 32.33
N GLU H 360 -23.42 12.96 31.13
CA GLU H 360 -23.83 11.80 30.35
C GLU H 360 -22.67 10.96 29.93
N LEU H 361 -21.59 11.59 29.50
CA LEU H 361 -20.44 10.84 29.02
C LEU H 361 -19.81 10.06 30.14
N GLU H 362 -19.70 10.65 31.32
CA GLU H 362 -19.15 9.95 32.45
C GLU H 362 -19.96 8.73 32.78
N GLN H 363 -21.29 8.82 32.73
CA GLN H 363 -22.10 7.66 33.01
C GLN H 363 -21.81 6.55 32.01
N LEU H 364 -21.64 6.91 30.75
CA LEU H 364 -21.35 5.94 29.71
C LEU H 364 -20.01 5.29 29.95
N LEU H 365 -19.05 6.08 30.36
CA LEU H 365 -17.73 5.55 30.56
C LEU H 365 -17.71 4.61 31.72
N VAL H 366 -18.40 4.94 32.79
CA VAL H 366 -18.47 4.02 33.90
C VAL H 366 -19.13 2.70 33.57
N ARG H 367 -20.25 2.71 32.88
CA ARG H 367 -20.86 1.45 32.53
C ARG H 367 -19.98 0.66 31.59
N TYR H 368 -19.32 1.32 30.66
CA TYR H 368 -18.39 0.63 29.78
C TYR H 368 -17.29 -0.06 30.53
N ILE H 369 -16.63 0.65 31.44
CA ILE H 369 -15.51 0.08 32.19
C ILE H 369 -15.97 -1.06 33.04
N VAL H 370 -17.06 -0.88 33.77
CA VAL H 370 -17.51 -1.87 34.73
C VAL H 370 -18.07 -3.16 34.15
N ASP H 371 -18.96 -3.11 33.18
CA ASP H 371 -19.52 -4.34 32.66
C ASP H 371 -18.93 -4.86 31.39
N ARG H 372 -17.88 -4.24 30.90
CA ARG H 372 -17.26 -4.77 29.69
C ARG H 372 -15.75 -4.90 29.76
N TYR H 373 -15.09 -3.80 30.05
CA TYR H 373 -13.66 -3.77 30.01
C TYR H 373 -13.05 -4.61 31.09
N ASN H 374 -13.39 -4.36 32.32
CA ASN H 374 -12.76 -5.12 33.37
C ASN H 374 -13.25 -6.55 33.37
N GLN H 375 -14.30 -6.83 32.58
CA GLN H 375 -14.81 -8.20 32.31
C GLN H 375 -14.13 -9.01 31.21
N SER H 376 -13.22 -8.42 30.46
CA SER H 376 -12.56 -9.13 29.38
C SER H 376 -11.42 -10.03 29.86
N ILE H 377 -10.97 -10.92 28.97
CA ILE H 377 -9.93 -11.88 29.30
C ILE H 377 -8.57 -11.23 29.22
N ASP H 378 -7.71 -11.50 30.19
CA ASP H 378 -6.37 -10.91 30.17
C ASP H 378 -5.76 -11.24 28.82
N ALA H 379 -5.11 -10.27 28.19
CA ALA H 379 -4.52 -10.54 26.88
C ALA H 379 -3.24 -11.36 26.82
N ARG H 380 -2.57 -11.44 27.96
CA ARG H 380 -1.31 -12.12 27.98
C ARG H 380 -1.55 -13.59 28.12
N MET H 381 -2.45 -13.95 29.04
CA MET H 381 -2.67 -15.37 29.28
C MET H 381 -3.97 -15.85 29.91
N GLY H 382 -4.28 -17.09 29.61
CA GLY H 382 -5.33 -17.84 30.27
C GLY H 382 -6.79 -17.56 30.11
N ASP H 383 -7.50 -17.83 31.21
CA ASP H 383 -8.94 -17.68 31.26
C ASP H 383 -9.34 -16.78 32.40
N GLN H 384 -8.44 -15.91 32.79
CA GLN H 384 -8.78 -14.98 33.85
C GLN H 384 -9.26 -13.69 33.23
N THR H 385 -10.34 -13.15 33.77
CA THR H 385 -10.81 -11.84 33.38
C THR H 385 -9.87 -10.87 34.06
N ARG H 386 -9.82 -9.62 33.61
CA ARG H 386 -8.98 -8.58 34.21
C ARG H 386 -9.25 -8.37 35.70
N PHE H 387 -10.52 -8.33 36.03
CA PHE H 387 -11.00 -8.21 37.39
C PHE H 387 -10.53 -9.40 38.23
N GLU H 388 -10.71 -10.60 37.71
CA GLU H 388 -10.20 -11.81 38.38
C GLU H 388 -8.70 -11.94 38.52
N ARG H 389 -7.94 -11.42 37.56
CA ARG H 389 -6.49 -11.49 37.64
C ARG H 389 -6.01 -10.74 38.86
N TRP H 390 -6.67 -9.61 38.99
CA TRP H 390 -6.46 -8.71 40.10
C TRP H 390 -6.82 -9.26 41.45
N GLU H 391 -8.02 -9.81 41.57
CA GLU H 391 -8.43 -10.43 42.82
C GLU H 391 -7.65 -11.69 43.17
N ALA H 392 -7.40 -12.59 42.23
CA ALA H 392 -6.69 -13.80 42.60
C ALA H 392 -5.29 -13.40 43.06
N GLY H 393 -4.74 -12.37 42.42
CA GLY H 393 -3.39 -11.90 42.71
C GLY H 393 -3.13 -10.99 43.91
N LEU H 394 -4.15 -10.70 44.71
CA LEU H 394 -3.93 -9.76 45.81
C LEU H 394 -3.65 -10.57 47.06
N PRO H 395 -2.44 -10.41 47.63
CA PRO H 395 -1.98 -11.18 48.78
C PRO H 395 -2.92 -11.25 49.97
N THR H 396 -3.54 -10.13 50.32
CA THR H 396 -4.36 -10.08 51.52
C THR H 396 -5.64 -9.38 51.20
N VAL H 397 -6.63 -9.49 52.10
CA VAL H 397 -7.83 -8.68 52.00
C VAL H 397 -7.45 -7.27 52.36
N PRO H 398 -7.80 -6.31 51.51
CA PRO H 398 -7.40 -4.94 51.83
C PRO H 398 -8.26 -4.45 52.96
N VAL H 399 -7.77 -3.48 53.73
CA VAL H 399 -8.59 -2.86 54.75
C VAL H 399 -8.94 -1.52 54.16
N PRO H 400 -10.23 -1.18 54.11
CA PRO H 400 -10.55 0.14 53.56
C PRO H 400 -9.88 1.22 54.35
N ILE H 401 -9.36 2.24 53.66
CA ILE H 401 -8.83 3.40 54.34
C ILE H 401 -9.97 4.36 54.60
N PRO H 402 -10.17 4.75 55.86
CA PRO H 402 -11.27 5.65 56.15
C PRO H 402 -11.19 6.88 55.29
N GLU H 403 -12.34 7.34 54.81
CA GLU H 403 -12.41 8.50 53.93
C GLU H 403 -11.79 9.70 54.60
N ARG H 404 -11.93 9.80 55.91
CA ARG H 404 -11.39 10.93 56.67
C ARG H 404 -9.86 10.98 56.80
N ASP H 405 -9.20 9.90 56.38
CA ASP H 405 -7.75 9.80 56.41
C ASP H 405 -7.19 10.22 55.06
N LEU H 406 -8.05 10.72 54.16
CA LEU H 406 -7.60 11.26 52.88
C LEU H 406 -7.41 12.76 52.91
N ASP H 407 -7.53 13.34 54.11
CA ASP H 407 -7.20 14.73 54.36
C ASP H 407 -5.73 15.01 54.07
N ILE H 408 -4.88 13.99 54.17
CA ILE H 408 -3.48 14.07 53.77
C ILE H 408 -3.31 14.51 52.33
N CYS H 409 -4.35 14.42 51.51
CA CYS H 409 -4.13 14.92 50.14
C CYS H 409 -4.24 16.42 49.94
N LEU H 410 -4.53 17.12 51.03
CA LEU H 410 -4.64 18.53 51.08
C LEU H 410 -3.20 19.00 51.02
N MET H 411 -2.94 20.20 50.56
CA MET H 411 -1.58 20.72 50.45
C MET H 411 -0.99 21.20 51.76
N LYS H 412 0.31 21.00 52.01
CA LYS H 412 0.92 21.63 53.18
C LYS H 412 1.98 22.60 52.80
N GLN H 413 1.85 23.80 53.31
CA GLN H 413 2.81 24.87 53.12
C GLN H 413 3.80 24.63 54.27
N SER H 414 5.10 24.69 53.97
CA SER H 414 6.11 24.35 54.95
C SER H 414 6.23 25.37 56.06
N ARG H 415 5.77 26.61 55.82
CA ARG H 415 5.83 27.63 56.86
C ARG H 415 5.12 28.96 56.62
N ARG H 416 4.53 29.43 57.71
CA ARG H 416 4.09 30.83 57.95
C ARG H 416 4.41 31.10 59.44
N THR H 417 4.50 32.37 59.81
CA THR H 417 4.86 32.68 61.19
C THR H 417 3.61 33.21 61.83
N VAL H 418 3.34 32.79 63.05
CA VAL H 418 2.18 33.33 63.74
C VAL H 418 2.46 34.70 64.33
N GLN H 419 1.56 35.63 64.06
CA GLN H 419 1.77 37.03 64.40
C GLN H 419 1.22 37.27 65.79
N ARG H 420 1.65 38.36 66.41
CA ARG H 420 1.16 38.72 67.74
C ARG H 420 -0.36 38.89 67.71
N GLY H 421 -1.02 38.38 68.75
CA GLY H 421 -2.46 38.40 68.83
C GLY H 421 -3.09 37.10 68.36
N GLY H 422 -2.27 36.24 67.75
CA GLY H 422 -2.74 34.94 67.29
C GLY H 422 -3.22 34.81 65.85
N CYS H 423 -3.01 35.83 65.05
CA CYS H 423 -3.41 35.74 63.64
C CYS H 423 -2.27 35.22 62.81
N LEU H 424 -2.54 34.40 61.80
CA LEU H 424 -1.44 33.97 60.94
C LEU H 424 -1.56 34.47 59.49
N GLN H 425 -0.42 34.68 58.83
CA GLN H 425 -0.41 35.15 57.44
C GLN H 425 -0.62 34.00 56.48
N PHE H 426 -1.50 34.20 55.51
CA PHE H 426 -1.66 33.23 54.45
C PHE H 426 -1.75 33.91 53.10
N GLN H 427 -2.65 33.44 52.26
CA GLN H 427 -2.66 33.87 50.89
C GLN H 427 -3.44 35.15 50.82
N ASN H 428 -2.78 36.22 51.28
CA ASN H 428 -3.37 37.55 51.31
C ASN H 428 -4.54 37.65 52.29
N LEU H 429 -4.66 36.66 53.17
CA LEU H 429 -5.65 36.68 54.23
C LEU H 429 -4.99 36.39 55.57
N MET H 430 -5.60 36.88 56.65
CA MET H 430 -5.20 36.48 57.98
C MET H 430 -6.15 35.44 58.57
N TYR H 431 -5.64 34.46 59.28
CA TYR H 431 -6.54 33.49 59.93
C TYR H 431 -6.34 33.49 61.43
N ARG H 432 -7.40 33.21 62.19
CA ARG H 432 -7.30 33.18 63.65
C ARG H 432 -8.18 32.07 64.22
N GLY H 433 -7.78 31.57 65.38
CA GLY H 433 -8.54 30.56 66.10
C GLY H 433 -7.96 30.22 67.45
N GLU H 434 -8.55 29.23 68.10
CA GLU H 434 -8.17 28.85 69.46
C GLU H 434 -6.68 28.48 69.54
N TYR H 435 -6.04 28.92 70.63
CA TYR H 435 -4.64 28.68 71.07
C TYR H 435 -3.63 29.69 70.55
N LEU H 436 -3.79 30.15 69.32
CA LEU H 436 -2.68 30.67 68.51
C LEU H 436 -1.87 31.80 69.14
N ALA H 437 -2.55 32.66 69.86
CA ALA H 437 -1.92 33.80 70.51
C ALA H 437 -0.76 33.49 71.44
N GLY H 438 -0.85 32.35 72.11
CA GLY H 438 0.15 31.89 73.06
C GLY H 438 1.36 31.29 72.37
N TYR H 439 1.26 31.14 71.06
CA TYR H 439 2.32 30.57 70.23
C TYR H 439 2.91 31.59 69.25
N ALA H 440 2.57 32.86 69.39
CA ALA H 440 3.08 33.89 68.46
C ALA H 440 4.60 33.96 68.36
N GLY H 441 5.08 34.07 67.12
CA GLY H 441 6.50 34.07 66.80
C GLY H 441 7.02 32.73 66.34
N GLU H 442 6.22 31.69 66.58
CA GLU H 442 6.54 30.33 66.17
C GLU H 442 6.35 30.21 64.66
N THR H 443 7.11 29.32 64.02
CA THR H 443 6.86 28.99 62.63
C THR H 443 5.99 27.76 62.53
N VAL H 444 4.90 27.85 61.78
CA VAL H 444 3.96 26.74 61.66
C VAL H 444 3.56 26.20 60.27
N ASN H 445 3.12 24.94 60.22
CA ASN H 445 2.78 24.32 58.95
C ASN H 445 1.29 24.37 58.69
N LEU H 446 0.92 24.69 57.45
CA LEU H 446 -0.49 24.89 57.15
C LEU H 446 -1.04 23.91 56.13
N ARG H 447 -2.06 23.16 56.51
CA ARG H 447 -2.64 22.19 55.62
C ARG H 447 -3.94 22.83 55.17
N PHE H 448 -4.19 22.88 53.86
CA PHE H 448 -5.38 23.54 53.37
C PHE H 448 -5.85 22.92 52.07
N ASP H 449 -7.13 23.14 51.76
CA ASP H 449 -7.73 22.65 50.52
C ASP H 449 -7.66 23.73 49.44
N PRO H 450 -6.92 23.47 48.37
CA PRO H 450 -6.80 24.48 47.32
C PRO H 450 -8.14 24.95 46.78
N ARG H 451 -9.18 24.14 46.92
CA ARG H 451 -10.51 24.49 46.39
C ARG H 451 -11.36 25.41 47.29
N ASP H 452 -11.02 25.46 48.57
CA ASP H 452 -11.77 26.20 49.59
C ASP H 452 -10.89 26.47 50.81
N ILE H 453 -10.41 27.71 50.95
CA ILE H 453 -9.57 28.03 52.09
C ILE H 453 -10.23 28.77 53.23
N THR H 454 -11.52 28.52 53.47
CA THR H 454 -12.19 29.15 54.61
C THR H 454 -11.54 28.90 55.95
N THR H 455 -11.07 27.68 56.18
CA THR H 455 -10.34 27.40 57.42
C THR H 455 -9.01 26.73 57.13
N ILE H 456 -8.09 26.79 58.08
CA ILE H 456 -6.80 26.16 57.90
C ILE H 456 -6.43 25.27 59.06
N LEU H 457 -5.84 24.12 58.79
CA LEU H 457 -5.37 23.26 59.86
C LEU H 457 -3.90 23.55 60.18
N VAL H 458 -3.64 23.94 61.42
CA VAL H 458 -2.33 24.42 61.81
C VAL H 458 -1.54 23.40 62.60
N TYR H 459 -0.33 23.10 62.14
CA TYR H 459 0.52 22.15 62.84
C TYR H 459 1.82 22.81 63.29
N ARG H 460 2.38 22.30 64.39
CA ARG H 460 3.66 22.78 64.88
C ARG H 460 4.63 21.64 65.12
N GLN H 461 5.92 21.93 65.18
CA GLN H 461 6.90 20.88 65.38
C GLN H 461 7.10 20.61 66.86
N GLU H 462 6.97 19.35 67.24
CA GLU H 462 7.19 18.92 68.62
C GLU H 462 8.09 17.70 68.50
N ASN H 463 9.36 17.90 68.88
CA ASN H 463 10.38 16.87 68.73
C ASN H 463 10.49 16.37 67.29
N ASN H 464 10.37 17.28 66.34
CA ASN H 464 10.50 16.97 64.92
C ASN H 464 9.31 16.20 64.40
N GLN H 465 8.28 16.08 65.26
CA GLN H 465 6.99 15.55 64.83
C GLN H 465 6.00 16.67 64.51
N GLU H 466 5.30 16.44 63.44
CA GLU H 466 4.25 17.39 63.09
C GLU H 466 2.96 17.11 63.87
N VAL H 467 2.66 18.03 64.75
CA VAL H 467 1.56 17.81 65.68
C VAL H 467 0.51 18.92 65.52
N PHE H 468 -0.73 18.50 65.42
CA PHE H 468 -1.87 19.40 65.24
C PHE H 468 -2.06 20.28 66.46
N LEU H 469 -2.28 21.55 66.19
CA LEU H 469 -2.62 22.48 67.23
C LEU H 469 -4.06 22.92 67.10
N THR H 470 -4.43 23.47 65.95
CA THR H 470 -5.70 24.18 65.85
C THR H 470 -6.25 24.34 64.44
N ARG H 471 -7.52 24.71 64.37
CA ARG H 471 -8.17 24.97 63.10
C ARG H 471 -8.51 26.45 63.13
N ALA H 472 -7.88 27.19 62.23
CA ALA H 472 -8.08 28.63 62.13
C ALA H 472 -9.03 29.08 61.05
N HIS H 473 -9.76 30.16 61.36
CA HIS H 473 -10.77 30.70 60.46
C HIS H 473 -10.33 32.02 59.84
N ALA H 474 -10.70 32.22 58.58
CA ALA H 474 -10.44 33.47 57.87
C ALA H 474 -11.04 34.66 58.61
N ASP I 196 -11.94 -25.39 -55.70
CA ASP I 196 -12.86 -25.81 -56.72
C ASP I 196 -13.95 -24.77 -56.97
N TYR I 197 -14.00 -23.79 -56.07
CA TYR I 197 -14.97 -22.69 -56.15
C TYR I 197 -14.42 -21.45 -55.45
N SER I 198 -15.05 -20.30 -55.67
CA SER I 198 -14.60 -19.05 -55.11
C SER I 198 -14.77 -19.06 -53.57
N ASN I 199 -13.76 -18.54 -52.88
CA ASN I 199 -13.61 -18.69 -51.42
C ASN I 199 -13.45 -20.11 -50.91
N HIS I 200 -13.14 -21.05 -51.77
CA HIS I 200 -12.80 -22.35 -51.27
C HIS I 200 -11.52 -22.28 -50.45
N VAL I 201 -10.42 -21.82 -51.06
CA VAL I 201 -9.17 -21.64 -50.30
C VAL I 201 -8.54 -20.24 -50.42
N TRP I 202 -8.26 -19.60 -49.28
CA TRP I 202 -7.53 -18.33 -49.23
C TRP I 202 -6.06 -18.58 -48.91
N GLN I 203 -5.16 -17.75 -49.47
CA GLN I 203 -3.73 -17.80 -49.13
C GLN I 203 -3.18 -16.42 -48.74
N CYS I 204 -2.49 -16.29 -47.61
CA CYS I 204 -1.81 -15.04 -47.24
C CYS I 204 -0.33 -14.92 -47.66
N ASP I 205 0.10 -13.68 -47.97
CA ASP I 205 1.53 -13.41 -48.23
C ASP I 205 2.11 -12.07 -47.71
N HIS I 206 3.41 -12.03 -47.48
CA HIS I 206 4.05 -10.90 -46.80
C HIS I 206 5.44 -10.69 -47.42
N THR I 207 5.83 -9.39 -47.42
CA THR I 207 7.18 -8.82 -47.72
C THR I 207 7.50 -7.47 -47.08
N ARG I 208 8.80 -7.19 -46.99
CA ARG I 208 9.34 -5.88 -46.69
C ARG I 208 9.14 -5.15 -48.02
N VAL I 209 8.75 -3.89 -47.96
CA VAL I 209 8.54 -3.11 -49.16
C VAL I 209 9.66 -2.10 -49.28
N ASP I 210 10.45 -2.16 -50.34
CA ASP I 210 11.64 -1.32 -50.40
C ASP I 210 11.45 0.07 -50.96
N VAL I 211 10.58 0.81 -50.30
CA VAL I 211 10.19 2.18 -50.60
C VAL I 211 10.50 2.96 -49.34
N LEU I 212 11.24 4.03 -49.43
CA LEU I 212 11.53 4.78 -48.21
C LEU I 212 10.38 5.72 -47.82
N LEU I 213 9.91 5.64 -46.58
CA LEU I 213 8.92 6.64 -46.21
C LEU I 213 9.51 7.74 -45.36
N VAL I 214 8.87 8.90 -45.45
CA VAL I 214 9.32 10.10 -44.79
C VAL I 214 8.11 10.57 -44.01
N ASP I 215 8.34 11.05 -42.80
CA ASP I 215 7.27 11.49 -41.93
C ASP I 215 6.77 12.91 -42.19
N GLN I 216 5.76 13.28 -41.40
CA GLN I 216 5.07 14.57 -41.44
C GLN I 216 5.95 15.79 -41.22
N HIS I 217 7.09 15.58 -40.55
CA HIS I 217 8.02 16.66 -40.31
C HIS I 217 9.28 16.53 -41.14
N GLY I 218 9.22 15.67 -42.15
CA GLY I 218 10.30 15.53 -43.09
C GLY I 218 11.40 14.64 -42.58
N GLU I 219 11.09 13.92 -41.52
CA GLU I 219 12.04 13.04 -40.89
C GLU I 219 12.01 11.72 -41.63
N ILE I 220 13.13 11.03 -41.67
CA ILE I 220 13.19 9.81 -42.44
C ILE I 220 12.69 8.64 -41.61
N LEU I 221 11.83 7.81 -42.18
CA LEU I 221 11.38 6.61 -41.50
C LEU I 221 11.99 5.37 -42.14
N SER I 222 12.03 4.27 -41.39
CA SER I 222 12.47 2.98 -41.94
C SER I 222 11.43 2.38 -42.89
N ARG I 223 11.86 1.38 -43.67
CA ARG I 223 10.95 0.67 -44.58
C ARG I 223 9.84 -0.14 -43.92
N PRO I 224 8.63 -0.06 -44.49
CA PRO I 224 7.39 -0.76 -44.16
C PRO I 224 7.25 -2.22 -44.59
N TRP I 225 6.26 -2.91 -44.01
CA TRP I 225 5.93 -4.30 -44.32
C TRP I 225 4.60 -4.28 -45.09
N LEU I 226 4.38 -5.20 -46.03
CA LEU I 226 3.05 -5.37 -46.60
C LEU I 226 2.56 -6.80 -46.52
N THR I 227 1.35 -6.99 -46.01
CA THR I 227 0.72 -8.30 -45.95
C THR I 227 -0.57 -8.29 -46.77
N THR I 228 -0.76 -9.32 -47.57
CA THR I 228 -1.93 -9.44 -48.42
C THR I 228 -2.63 -10.78 -48.18
N VAL I 229 -3.96 -10.80 -48.44
CA VAL I 229 -4.76 -12.02 -48.45
C VAL I 229 -5.37 -12.22 -49.82
N ILE I 230 -5.14 -13.39 -50.42
CA ILE I 230 -5.66 -13.72 -51.76
C ILE I 230 -6.51 -14.98 -51.91
N ASP I 231 -7.59 -14.88 -52.69
CA ASP I 231 -8.42 -16.04 -53.02
C ASP I 231 -7.79 -16.83 -54.16
N THR I 232 -7.37 -18.05 -53.87
CA THR I 232 -6.73 -18.89 -54.87
C THR I 232 -7.56 -19.40 -56.04
N TYR I 233 -8.88 -19.29 -55.99
CA TYR I 233 -9.62 -19.68 -57.17
C TYR I 233 -9.42 -18.81 -58.40
N SER I 234 -9.45 -17.50 -58.24
CA SER I 234 -9.21 -16.62 -59.37
C SER I 234 -8.00 -15.73 -59.18
N ARG I 235 -7.23 -16.00 -58.13
CA ARG I 235 -6.09 -15.17 -57.78
C ARG I 235 -6.45 -13.75 -57.38
N CYS I 236 -7.60 -13.57 -56.75
CA CYS I 236 -8.05 -12.23 -56.39
C CYS I 236 -7.75 -11.78 -54.96
N ILE I 237 -7.31 -10.53 -54.83
CA ILE I 237 -6.86 -9.93 -53.59
C ILE I 237 -8.07 -9.58 -52.72
N MET I 238 -8.14 -10.13 -51.53
CA MET I 238 -9.30 -10.03 -50.64
C MET I 238 -9.18 -8.82 -49.72
N GLY I 239 -7.96 -8.55 -49.27
CA GLY I 239 -7.70 -7.49 -48.32
C GLY I 239 -6.22 -7.26 -48.08
N ILE I 240 -5.85 -6.10 -47.56
CA ILE I 240 -4.44 -5.84 -47.31
C ILE I 240 -4.08 -5.26 -45.97
N ASN I 241 -2.81 -5.31 -45.60
CA ASN I 241 -2.39 -4.53 -44.45
C ASN I 241 -1.02 -3.92 -44.65
N LEU I 242 -0.95 -2.59 -44.68
CA LEU I 242 0.32 -1.88 -44.87
C LEU I 242 0.65 -1.12 -43.61
N GLY I 243 1.87 -1.31 -43.13
CA GLY I 243 2.33 -0.69 -41.91
C GLY I 243 3.78 -0.96 -41.62
N PHE I 244 4.23 -0.62 -40.42
CA PHE I 244 5.64 -0.75 -40.04
C PHE I 244 6.03 -1.95 -39.19
N ASP I 245 5.06 -2.80 -38.89
CA ASP I 245 5.31 -3.94 -38.03
C ASP I 245 5.53 -5.22 -38.82
N ALA I 246 6.45 -6.03 -38.34
CA ALA I 246 6.76 -7.34 -38.94
C ALA I 246 5.58 -8.30 -38.86
N PRO I 247 5.39 -9.17 -39.90
CA PRO I 247 4.31 -10.14 -40.09
C PRO I 247 4.70 -11.32 -39.21
N SER I 248 4.68 -11.07 -37.91
CA SER I 248 5.02 -12.01 -36.92
C SER I 248 3.95 -11.84 -35.92
N SER I 249 3.17 -12.93 -35.76
CA SER I 249 2.07 -13.06 -34.78
C SER I 249 0.89 -12.16 -35.13
N GLY I 250 1.15 -10.87 -35.18
CA GLY I 250 0.19 -9.84 -35.52
C GLY I 250 0.11 -9.61 -37.02
N VAL I 251 -0.42 -8.44 -37.39
CA VAL I 251 -0.63 -7.95 -38.78
C VAL I 251 -1.60 -8.78 -39.61
N VAL I 252 -1.36 -10.09 -39.73
CA VAL I 252 -2.22 -10.94 -40.54
C VAL I 252 -3.59 -11.00 -39.90
N ALA I 253 -3.64 -10.91 -38.58
CA ALA I 253 -4.90 -10.94 -37.86
C ALA I 253 -5.75 -9.79 -38.34
N LEU I 254 -5.11 -8.65 -38.60
CA LEU I 254 -5.84 -7.47 -39.01
C LEU I 254 -6.12 -7.54 -40.49
N ALA I 255 -5.19 -8.08 -41.27
CA ALA I 255 -5.36 -8.31 -42.73
C ALA I 255 -6.51 -9.23 -43.08
N LEU I 256 -6.68 -10.26 -42.27
CA LEU I 256 -7.77 -11.20 -42.34
C LEU I 256 -9.09 -10.49 -42.07
N ARG I 257 -9.12 -9.74 -40.97
CA ARG I 257 -10.29 -8.96 -40.63
C ARG I 257 -10.68 -8.05 -41.78
N HIS I 258 -9.68 -7.41 -42.38
CA HIS I 258 -9.84 -6.53 -43.53
C HIS I 258 -10.45 -7.32 -44.69
N ALA I 259 -9.96 -8.55 -44.86
CA ALA I 259 -10.46 -9.35 -45.96
C ALA I 259 -11.93 -9.69 -45.73
N ILE I 260 -12.23 -10.07 -44.49
CA ILE I 260 -13.52 -10.57 -44.12
C ILE I 260 -14.62 -9.52 -44.17
N LEU I 261 -14.33 -8.34 -43.67
CA LEU I 261 -15.33 -7.29 -43.55
C LEU I 261 -15.48 -6.55 -44.86
N PRO I 262 -16.68 -6.01 -45.11
CA PRO I 262 -16.87 -5.13 -46.26
C PRO I 262 -15.87 -3.99 -46.25
N LYS I 263 -15.53 -3.52 -47.44
CA LYS I 263 -14.46 -2.56 -47.65
C LYS I 263 -14.82 -1.08 -47.48
N ARG I 264 -15.83 -0.60 -48.19
CA ARG I 264 -16.39 0.74 -47.95
C ARG I 264 -15.34 1.86 -47.95
N TYR I 265 -14.57 1.98 -49.02
CA TYR I 265 -13.61 3.07 -49.12
C TYR I 265 -14.11 4.45 -49.50
N GLY I 266 -13.44 5.48 -48.98
CA GLY I 266 -13.85 6.87 -49.13
C GLY I 266 -13.47 7.52 -50.45
N SER I 267 -13.93 8.75 -50.63
CA SER I 267 -13.76 9.47 -51.90
C SER I 267 -12.31 9.79 -52.19
N GLU I 268 -11.55 9.95 -51.12
CA GLU I 268 -10.15 10.30 -51.10
C GLU I 268 -9.26 9.27 -51.79
N TYR I 269 -9.72 8.04 -51.97
CA TYR I 269 -8.86 7.02 -52.52
C TYR I 269 -9.02 7.07 -54.03
N LYS I 270 -9.95 7.90 -54.48
CA LYS I 270 -10.22 8.14 -55.90
C LYS I 270 -10.40 6.83 -56.64
N LEU I 271 -11.20 5.94 -56.07
CA LEU I 271 -11.40 4.64 -56.69
C LEU I 271 -12.54 4.77 -57.67
N HIS I 272 -12.43 4.03 -58.77
CA HIS I 272 -13.48 4.02 -59.77
C HIS I 272 -14.33 2.75 -59.61
N CYS I 273 -13.66 1.66 -59.28
CA CYS I 273 -14.33 0.37 -59.17
C CYS I 273 -14.61 0.10 -57.70
N GLU I 274 -15.66 -0.67 -57.44
CA GLU I 274 -15.94 -1.20 -56.12
C GLU I 274 -15.13 -2.46 -55.79
N TRP I 275 -14.59 -2.50 -54.57
CA TRP I 275 -13.82 -3.63 -54.04
C TRP I 275 -14.91 -4.47 -53.41
N GLY I 276 -15.49 -5.41 -54.15
CA GLY I 276 -16.70 -6.04 -53.66
C GLY I 276 -16.65 -7.28 -52.79
N THR I 277 -15.49 -7.67 -52.25
CA THR I 277 -15.48 -8.92 -51.52
C THR I 277 -15.77 -8.73 -50.07
N TYR I 278 -16.28 -9.78 -49.48
CA TYR I 278 -16.38 -9.93 -48.05
C TYR I 278 -16.66 -11.39 -47.76
N GLY I 279 -16.53 -11.83 -46.52
CA GLY I 279 -16.82 -13.23 -46.25
C GLY I 279 -15.78 -14.30 -46.01
N LYS I 280 -16.15 -15.28 -45.19
CA LYS I 280 -15.23 -16.32 -44.77
C LYS I 280 -15.04 -17.31 -45.90
N PRO I 281 -13.83 -17.86 -46.03
CA PRO I 281 -13.44 -18.99 -46.87
C PRO I 281 -13.67 -20.30 -46.15
N GLU I 282 -13.62 -21.41 -46.85
CA GLU I 282 -13.48 -22.71 -46.20
C GLU I 282 -12.13 -22.95 -45.56
N HIS I 283 -11.04 -22.67 -46.29
CA HIS I 283 -9.70 -22.76 -45.71
C HIS I 283 -8.86 -21.48 -45.85
N PHE I 284 -8.05 -21.18 -44.84
CA PHE I 284 -7.15 -20.03 -44.89
C PHE I 284 -5.71 -20.45 -44.60
N TYR I 285 -4.81 -20.30 -45.59
CA TYR I 285 -3.39 -20.62 -45.42
C TYR I 285 -2.52 -19.40 -45.09
N THR I 286 -1.72 -19.50 -44.03
CA THR I 286 -0.77 -18.45 -43.66
C THR I 286 0.66 -18.98 -43.57
N ASP I 287 1.62 -18.07 -43.62
CA ASP I 287 3.02 -18.45 -43.58
C ASP I 287 3.53 -18.49 -42.16
N GLY I 288 3.99 -19.66 -41.73
CA GLY I 288 4.54 -19.82 -40.40
C GLY I 288 5.96 -19.30 -40.27
N ASN I 295 -0.88 -20.49 -32.08
CA ASN I 295 -2.19 -20.93 -31.62
C ASN I 295 -3.25 -19.92 -31.98
N HIS I 296 -2.96 -18.66 -31.71
CA HIS I 296 -3.97 -17.61 -31.77
C HIS I 296 -4.57 -17.50 -33.15
N LEU I 297 -3.80 -17.84 -34.17
CA LEU I 297 -4.29 -17.83 -35.54
C LEU I 297 -5.41 -18.85 -35.76
N SER I 298 -5.32 -20.02 -35.13
CA SER I 298 -6.37 -21.03 -35.19
C SER I 298 -7.57 -20.74 -34.28
N GLN I 299 -7.37 -19.99 -33.19
CA GLN I 299 -8.45 -19.51 -32.36
C GLN I 299 -9.33 -18.55 -33.10
N ILE I 300 -8.73 -17.71 -33.93
CA ILE I 300 -9.48 -16.82 -34.79
C ILE I 300 -10.26 -17.62 -35.79
N GLY I 301 -9.61 -18.58 -36.42
CA GLY I 301 -10.31 -19.41 -37.38
C GLY I 301 -11.56 -19.99 -36.73
N ALA I 302 -11.33 -20.64 -35.60
CA ALA I 302 -12.31 -21.33 -34.76
C ALA I 302 -13.45 -20.56 -34.20
N GLN I 303 -13.18 -19.35 -33.77
CA GLN I 303 -14.26 -18.51 -33.30
C GLN I 303 -15.06 -17.99 -34.47
N LEU I 304 -14.42 -17.79 -35.62
CA LEU I 304 -15.14 -17.37 -36.80
C LEU I 304 -15.79 -18.44 -37.70
N GLY I 305 -15.24 -19.65 -37.76
CA GLY I 305 -15.81 -20.61 -38.69
C GLY I 305 -15.01 -21.14 -39.88
N PHE I 306 -13.69 -21.02 -39.89
CA PHE I 306 -12.95 -21.59 -41.02
C PHE I 306 -11.65 -22.21 -40.55
N VAL I 307 -11.09 -23.06 -41.38
CA VAL I 307 -9.93 -23.85 -40.99
C VAL I 307 -8.67 -23.08 -41.27
N CYS I 308 -7.79 -23.00 -40.29
CA CYS I 308 -6.53 -22.31 -40.52
C CYS I 308 -5.43 -23.29 -40.81
N HIS I 309 -4.60 -22.95 -41.78
CA HIS I 309 -3.46 -23.78 -42.12
C HIS I 309 -2.21 -22.93 -42.08
N LEU I 310 -1.07 -23.57 -41.86
CA LEU I 310 0.22 -22.89 -41.92
C LEU I 310 0.99 -23.39 -43.11
N ARG I 311 1.87 -22.56 -43.65
CA ARG I 311 2.87 -23.03 -44.59
C ARG I 311 4.19 -23.23 -43.89
N ARG I 322 1.81 -14.58 -54.53
CA ARG I 322 2.96 -13.87 -55.05
C ARG I 322 2.50 -12.75 -55.97
N PRO I 323 1.80 -11.76 -55.40
CA PRO I 323 1.31 -10.54 -56.03
C PRO I 323 2.44 -9.53 -56.17
N PHE I 324 3.53 -9.76 -55.43
CA PHE I 324 4.55 -8.74 -55.16
C PHE I 324 5.29 -8.48 -56.46
N LYS I 325 5.35 -9.48 -57.31
CA LYS I 325 6.07 -9.39 -58.57
C LYS I 325 5.45 -8.26 -59.39
N THR I 326 4.13 -8.12 -59.31
CA THR I 326 3.43 -7.12 -60.09
C THR I 326 3.34 -5.74 -59.43
N LEU I 327 3.39 -5.69 -58.11
CA LEU I 327 3.43 -4.41 -57.41
C LEU I 327 4.75 -3.75 -57.74
N ASN I 328 5.80 -4.55 -57.78
CA ASN I 328 7.13 -4.06 -58.09
C ASN I 328 7.14 -3.39 -59.44
N ASP I 329 6.65 -4.10 -60.43
CA ASP I 329 6.73 -3.64 -61.80
C ASP I 329 5.70 -2.55 -62.07
N GLN I 330 4.49 -2.74 -61.55
CA GLN I 330 3.39 -1.84 -61.86
C GLN I 330 3.08 -0.71 -60.86
N LEU I 331 3.67 -0.76 -59.66
CA LEU I 331 3.52 0.37 -58.74
C LEU I 331 4.78 0.87 -57.98
N PHE I 332 5.33 0.03 -57.11
CA PHE I 332 6.40 0.43 -56.17
C PHE I 332 7.73 0.97 -56.73
N SER I 333 8.23 0.37 -57.80
CA SER I 333 9.53 0.76 -58.34
C SER I 333 9.47 2.12 -58.99
N THR I 334 8.24 2.58 -59.16
CA THR I 334 7.98 3.87 -59.78
C THR I 334 7.67 4.96 -58.77
N LEU I 335 7.69 4.64 -57.49
CA LEU I 335 7.30 5.66 -56.53
C LEU I 335 8.48 6.37 -55.93
N PRO I 336 8.26 7.62 -55.51
CA PRO I 336 9.17 8.45 -54.74
C PRO I 336 9.72 7.73 -53.55
N GLY I 337 11.03 7.80 -53.37
CA GLY I 337 11.67 7.15 -52.25
C GLY I 337 12.07 5.71 -52.46
N TYR I 338 11.77 5.22 -53.65
CA TYR I 338 12.12 3.85 -53.99
C TYR I 338 13.58 3.70 -53.66
N THR I 339 13.93 2.66 -52.91
CA THR I 339 15.29 2.60 -52.35
C THR I 339 16.08 1.92 -53.43
N GLY I 340 15.34 1.36 -54.37
CA GLY I 340 15.89 0.72 -55.55
C GLY I 340 15.84 -0.79 -55.43
N ASP I 353 15.71 12.29 -50.81
CA ASP I 353 15.73 12.87 -52.14
C ASP I 353 14.33 13.26 -52.52
N ALA I 354 13.38 12.41 -52.16
CA ALA I 354 11.96 12.64 -52.42
C ALA I 354 11.18 12.17 -51.21
N ARG I 355 9.99 12.73 -51.01
CA ARG I 355 9.20 12.37 -49.84
C ARG I 355 7.84 11.71 -50.06
N LEU I 356 7.52 10.75 -49.21
CA LEU I 356 6.24 10.04 -49.29
C LEU I 356 5.83 9.57 -47.91
N THR I 357 4.61 9.89 -47.51
CA THR I 357 4.11 9.58 -46.18
C THR I 357 3.47 8.21 -46.20
N LEU I 358 3.24 7.56 -45.06
CA LEU I 358 2.53 6.28 -45.12
C LEU I 358 1.10 6.31 -45.69
N ARG I 359 0.31 7.27 -45.25
CA ARG I 359 -1.04 7.42 -45.77
C ARG I 359 -1.10 7.54 -47.29
N GLU I 360 -0.16 8.29 -47.87
CA GLU I 360 -0.16 8.43 -49.32
C GLU I 360 0.15 7.11 -49.99
N LEU I 361 1.09 6.36 -49.43
CA LEU I 361 1.46 5.10 -50.05
C LEU I 361 0.30 4.16 -50.02
N GLU I 362 -0.44 4.11 -48.91
CA GLU I 362 -1.54 3.16 -48.84
C GLU I 362 -2.64 3.54 -49.83
N GLN I 363 -2.84 4.84 -50.05
CA GLN I 363 -3.84 5.24 -51.05
C GLN I 363 -3.46 4.75 -52.43
N LEU I 364 -2.17 4.85 -52.74
CA LEU I 364 -1.66 4.42 -54.01
C LEU I 364 -1.83 2.93 -54.18
N LEU I 365 -1.59 2.20 -53.09
CA LEU I 365 -1.61 0.77 -53.16
C LEU I 365 -3.00 0.27 -53.43
N VAL I 366 -3.99 0.83 -52.75
CA VAL I 366 -5.33 0.32 -52.94
C VAL I 366 -5.88 0.73 -54.28
N ARG I 367 -5.40 1.87 -54.79
CA ARG I 367 -5.87 2.28 -56.10
C ARG I 367 -5.45 1.27 -57.15
N TYR I 368 -4.21 0.81 -57.06
CA TYR I 368 -3.73 -0.24 -57.94
C TYR I 368 -4.54 -1.53 -57.81
N ILE I 369 -4.74 -2.00 -56.58
CA ILE I 369 -5.49 -3.23 -56.38
C ILE I 369 -6.96 -3.21 -56.77
N VAL I 370 -7.71 -2.19 -56.37
CA VAL I 370 -9.12 -2.16 -56.75
C VAL I 370 -9.40 -1.85 -58.21
N ASP I 371 -8.70 -0.88 -58.77
CA ASP I 371 -8.94 -0.54 -60.17
C ASP I 371 -8.05 -1.16 -61.27
N ARG I 372 -6.93 -1.79 -60.91
CA ARG I 372 -6.13 -2.48 -61.92
C ARG I 372 -5.95 -3.99 -61.75
N TYR I 373 -5.34 -4.42 -60.64
CA TYR I 373 -5.00 -5.84 -60.50
C TYR I 373 -6.23 -6.72 -60.57
N ASN I 374 -7.21 -6.41 -59.74
CA ASN I 374 -8.39 -7.25 -59.72
C ASN I 374 -9.25 -7.04 -60.94
N GLN I 375 -8.90 -6.05 -61.77
CA GLN I 375 -9.76 -5.84 -62.94
C GLN I 375 -9.14 -6.40 -64.19
N SER I 376 -7.97 -7.00 -64.02
CA SER I 376 -7.20 -7.54 -65.13
C SER I 376 -7.58 -8.97 -65.47
N ILE I 377 -7.49 -9.28 -66.75
CA ILE I 377 -7.81 -10.62 -67.19
C ILE I 377 -6.47 -11.33 -67.13
N ASP I 378 -6.44 -12.47 -66.47
CA ASP I 378 -5.21 -13.27 -66.46
C ASP I 378 -5.02 -14.19 -67.65
N ALA I 379 -3.76 -14.57 -67.87
CA ALA I 379 -3.37 -15.45 -68.96
C ALA I 379 -3.89 -16.86 -68.74
N ARG I 380 -4.26 -17.17 -67.50
CA ARG I 380 -4.78 -18.49 -67.17
C ARG I 380 -6.27 -18.57 -67.42
N MET I 381 -6.89 -17.47 -67.81
CA MET I 381 -8.33 -17.47 -67.99
C MET I 381 -8.69 -16.92 -69.36
N GLY I 382 -8.44 -15.63 -69.56
CA GLY I 382 -8.64 -14.99 -70.84
C GLY I 382 -10.03 -14.44 -71.06
N ASP I 383 -11.00 -14.97 -70.31
CA ASP I 383 -12.41 -14.68 -70.53
C ASP I 383 -12.86 -13.63 -69.53
N GLN I 384 -12.36 -13.77 -68.32
CA GLN I 384 -12.87 -13.04 -67.18
C GLN I 384 -11.68 -12.44 -66.44
N THR I 385 -11.97 -11.36 -65.73
CA THR I 385 -11.04 -10.71 -64.82
C THR I 385 -10.94 -11.51 -63.54
N ARG I 386 -9.90 -11.23 -62.76
CA ARG I 386 -9.77 -11.88 -61.48
C ARG I 386 -10.97 -11.71 -60.56
N PHE I 387 -11.52 -10.51 -60.49
CA PHE I 387 -12.77 -10.36 -59.75
C PHE I 387 -13.97 -10.99 -60.42
N GLU I 388 -14.10 -10.87 -61.72
CA GLU I 388 -15.26 -11.47 -62.37
C GLU I 388 -15.34 -12.97 -62.20
N ARG I 389 -14.19 -13.63 -62.27
CA ARG I 389 -14.15 -15.06 -62.04
C ARG I 389 -14.45 -15.28 -60.60
N TRP I 390 -13.96 -14.42 -59.71
CA TRP I 390 -14.33 -14.63 -58.30
C TRP I 390 -15.84 -14.66 -58.14
N GLU I 391 -16.51 -13.69 -58.77
CA GLU I 391 -17.95 -13.59 -58.70
C GLU I 391 -18.58 -14.82 -59.28
N ALA I 392 -18.08 -15.22 -60.44
CA ALA I 392 -18.60 -16.31 -61.24
C ALA I 392 -18.57 -17.65 -60.50
N GLY I 393 -17.54 -17.81 -59.68
CA GLY I 393 -17.35 -19.01 -58.89
C GLY I 393 -18.03 -19.10 -57.53
N LEU I 394 -18.87 -18.14 -57.19
CA LEU I 394 -19.52 -18.22 -55.89
C LEU I 394 -20.68 -19.18 -55.99
N PRO I 395 -20.69 -20.20 -55.12
CA PRO I 395 -21.77 -21.20 -55.10
C PRO I 395 -23.03 -20.68 -54.44
N THR I 396 -22.90 -19.54 -53.77
CA THR I 396 -24.01 -18.95 -53.03
C THR I 396 -23.69 -17.48 -52.74
N VAL I 397 -24.72 -16.77 -52.36
CA VAL I 397 -24.73 -15.38 -51.92
C VAL I 397 -24.15 -15.35 -50.52
N PRO I 398 -23.01 -14.67 -50.35
CA PRO I 398 -22.44 -14.54 -49.02
C PRO I 398 -23.22 -13.53 -48.21
N VAL I 399 -23.28 -13.71 -46.90
CA VAL I 399 -24.03 -12.78 -46.08
C VAL I 399 -23.06 -12.18 -45.07
N PRO I 400 -23.04 -10.85 -45.00
CA PRO I 400 -22.19 -10.13 -44.04
C PRO I 400 -22.39 -10.53 -42.59
N ILE I 401 -21.30 -10.50 -41.84
CA ILE I 401 -21.31 -10.87 -40.44
C ILE I 401 -21.27 -9.57 -39.66
N PRO I 402 -22.10 -9.44 -38.62
CA PRO I 402 -22.06 -8.21 -37.82
C PRO I 402 -20.63 -8.01 -37.36
N GLU I 403 -20.11 -6.78 -37.44
CA GLU I 403 -18.68 -6.51 -37.21
C GLU I 403 -18.19 -6.95 -35.85
N ARG I 404 -19.05 -6.87 -34.84
CA ARG I 404 -18.57 -7.10 -33.49
C ARG I 404 -18.06 -8.52 -33.37
N ASP I 405 -18.49 -9.37 -34.30
CA ASP I 405 -18.10 -10.77 -34.32
C ASP I 405 -16.63 -10.92 -34.65
N LEU I 406 -16.04 -9.86 -35.19
CA LEU I 406 -14.64 -9.80 -35.55
C LEU I 406 -13.75 -9.21 -34.48
N ASP I 407 -14.27 -8.93 -33.29
CA ASP I 407 -13.39 -8.39 -32.28
C ASP I 407 -12.44 -9.33 -31.55
N ILE I 408 -11.87 -10.25 -32.32
CA ILE I 408 -10.84 -11.13 -31.81
C ILE I 408 -9.53 -10.79 -32.53
N CYS I 409 -9.59 -9.84 -33.46
CA CYS I 409 -8.39 -9.37 -34.13
C CYS I 409 -7.74 -8.07 -33.68
N LEU I 410 -8.53 -7.03 -33.50
CA LEU I 410 -8.03 -5.71 -33.03
C LEU I 410 -7.02 -5.59 -31.90
N MET I 411 -6.01 -4.75 -32.10
CA MET I 411 -4.94 -4.61 -31.11
C MET I 411 -5.43 -4.04 -29.82
N LYS I 412 -4.81 -4.46 -28.73
CA LYS I 412 -5.24 -4.00 -27.42
C LYS I 412 -4.18 -3.32 -26.55
N GLN I 413 -4.66 -2.49 -25.63
CA GLN I 413 -3.88 -1.94 -24.55
C GLN I 413 -4.41 -2.67 -23.34
N SER I 414 -3.54 -3.06 -22.43
CA SER I 414 -4.03 -3.86 -21.34
C SER I 414 -4.79 -3.17 -20.22
N ARG I 415 -4.42 -1.96 -19.85
CA ARG I 415 -5.13 -1.32 -18.73
C ARG I 415 -5.31 0.15 -18.91
N ARG I 416 -6.51 0.63 -18.65
CA ARG I 416 -6.72 2.04 -18.50
C ARG I 416 -7.70 2.18 -17.38
N THR I 417 -7.65 3.32 -16.71
CA THR I 417 -8.53 3.76 -15.65
C THR I 417 -9.58 4.73 -16.18
N VAL I 418 -10.88 4.61 -15.88
CA VAL I 418 -11.82 5.66 -16.31
C VAL I 418 -11.80 6.94 -15.45
N GLN I 419 -11.60 8.07 -16.09
CA GLN I 419 -11.47 9.38 -15.46
C GLN I 419 -12.87 9.92 -15.23
N ARG I 420 -13.06 10.79 -14.24
CA ARG I 420 -14.41 11.21 -13.89
C ARG I 420 -15.16 11.84 -15.03
N GLY I 421 -16.41 11.47 -15.21
CA GLY I 421 -17.17 11.96 -16.33
C GLY I 421 -17.20 10.97 -17.48
N GLY I 422 -16.37 9.93 -17.39
CA GLY I 422 -16.31 8.91 -18.43
C GLY I 422 -15.31 9.02 -19.58
N CYS I 423 -14.08 9.37 -19.25
CA CYS I 423 -13.05 9.65 -20.25
C CYS I 423 -11.78 8.77 -20.19
N LEU I 424 -11.10 8.53 -21.31
CA LEU I 424 -9.86 7.74 -21.31
C LEU I 424 -8.65 8.38 -22.05
N GLN I 425 -7.39 8.16 -21.63
CA GLN I 425 -6.29 8.62 -22.46
C GLN I 425 -5.58 7.45 -23.13
N PHE I 426 -5.34 7.73 -24.41
CA PHE I 426 -4.66 6.89 -25.36
C PHE I 426 -3.83 7.76 -26.30
N GLN I 427 -2.56 7.43 -26.47
CA GLN I 427 -1.63 8.22 -27.30
C GLN I 427 -1.58 9.74 -27.20
N ASN I 428 -1.72 10.29 -26.01
CA ASN I 428 -1.94 11.74 -25.78
C ASN I 428 -3.18 12.39 -26.36
N LEU I 429 -4.20 11.60 -26.69
CA LEU I 429 -5.50 12.15 -27.05
C LEU I 429 -6.47 11.84 -25.93
N MET I 430 -7.45 12.69 -25.70
CA MET I 430 -8.51 12.29 -24.80
C MET I 430 -9.75 11.71 -25.46
N TYR I 431 -10.33 10.65 -24.91
CA TYR I 431 -11.53 10.08 -25.49
C TYR I 431 -12.65 10.18 -24.51
N ARG I 432 -13.85 10.34 -25.02
CA ARG I 432 -15.02 10.42 -24.20
C ARG I 432 -15.98 9.35 -24.62
N GLY I 433 -16.44 8.57 -23.66
CA GLY I 433 -17.33 7.46 -23.92
C GLY I 433 -18.80 7.69 -23.78
N GLU I 434 -19.59 6.80 -24.37
CA GLU I 434 -21.03 6.76 -24.18
C GLU I 434 -21.41 5.84 -23.04
N TYR I 435 -22.00 6.41 -22.00
CA TYR I 435 -22.35 5.75 -20.74
C TYR I 435 -21.17 5.14 -19.99
N LEU I 436 -19.99 5.69 -20.20
CA LEU I 436 -18.80 5.19 -19.55
C LEU I 436 -18.71 5.80 -18.17
N ALA I 437 -19.40 6.89 -17.98
CA ALA I 437 -19.36 7.65 -16.74
C ALA I 437 -19.68 6.93 -15.44
N GLY I 438 -20.57 5.96 -15.49
CA GLY I 438 -20.85 5.17 -14.31
C GLY I 438 -19.71 4.36 -13.79
N TYR I 439 -18.66 4.27 -14.55
CA TYR I 439 -17.51 3.54 -14.06
C TYR I 439 -16.30 4.35 -13.61
N ALA I 440 -16.46 5.63 -13.35
CA ALA I 440 -15.31 6.44 -12.98
C ALA I 440 -14.53 5.75 -11.88
N GLY I 441 -13.22 5.63 -12.05
CA GLY I 441 -12.41 4.85 -11.14
C GLY I 441 -12.11 3.38 -11.35
N GLU I 442 -12.81 2.69 -12.25
CA GLU I 442 -12.54 1.27 -12.48
C GLU I 442 -11.58 1.00 -13.65
N THR I 443 -10.95 -0.15 -13.64
CA THR I 443 -10.10 -0.53 -14.76
C THR I 443 -10.79 -1.19 -15.92
N VAL I 444 -10.49 -0.71 -17.11
CA VAL I 444 -11.03 -1.30 -18.32
C VAL I 444 -9.84 -1.53 -19.23
N ASN I 445 -10.03 -2.29 -20.30
CA ASN I 445 -9.04 -2.44 -21.37
C ASN I 445 -9.65 -2.11 -22.70
N LEU I 446 -8.83 -1.81 -23.70
CA LEU I 446 -9.36 -1.34 -24.98
C LEU I 446 -8.72 -1.83 -26.27
N ARG I 447 -9.53 -1.87 -27.34
CA ARG I 447 -9.08 -2.29 -28.68
C ARG I 447 -9.33 -1.23 -29.76
N PHE I 448 -8.45 -1.14 -30.75
CA PHE I 448 -8.56 -0.16 -31.84
C PHE I 448 -7.89 -0.62 -33.13
N ASP I 449 -8.29 -0.03 -34.24
CA ASP I 449 -7.71 -0.35 -35.53
C ASP I 449 -6.61 0.64 -35.77
N PRO I 450 -5.39 0.17 -35.89
CA PRO I 450 -4.34 1.15 -36.13
C PRO I 450 -4.59 2.08 -37.30
N ARG I 451 -5.38 1.72 -38.31
CA ARG I 451 -5.57 2.67 -39.40
C ARG I 451 -6.43 3.87 -39.04
N ASP I 452 -7.22 3.76 -37.98
CA ASP I 452 -8.09 4.86 -37.58
C ASP I 452 -8.48 4.83 -36.11
N ILE I 453 -7.80 5.63 -35.30
CA ILE I 453 -7.98 5.60 -33.86
C ILE I 453 -8.95 6.64 -33.34
N THR I 454 -9.80 7.18 -34.17
CA THR I 454 -10.79 8.11 -33.63
C THR I 454 -11.92 7.52 -32.80
N THR I 455 -12.25 6.25 -32.98
CA THR I 455 -13.17 5.58 -32.07
C THR I 455 -12.61 4.29 -31.49
N ILE I 456 -12.65 4.16 -30.18
CA ILE I 456 -12.00 3.05 -29.54
C ILE I 456 -13.03 2.18 -28.87
N LEU I 457 -12.84 0.87 -28.90
CA LEU I 457 -13.77 -0.06 -28.27
C LEU I 457 -13.36 -0.37 -26.87
N VAL I 458 -14.24 -0.14 -25.91
CA VAL I 458 -13.89 -0.36 -24.53
C VAL I 458 -14.43 -1.64 -23.95
N TYR I 459 -13.60 -2.47 -23.35
CA TYR I 459 -14.11 -3.71 -22.77
C TYR I 459 -14.00 -3.84 -21.27
N ARG I 460 -15.00 -4.47 -20.66
CA ARG I 460 -14.93 -4.74 -19.24
C ARG I 460 -14.32 -6.08 -18.98
N GLN I 461 -13.47 -6.16 -17.96
CA GLN I 461 -12.80 -7.41 -17.68
C GLN I 461 -13.48 -8.29 -16.67
N GLU I 462 -14.03 -9.37 -17.19
CA GLU I 462 -14.76 -10.40 -16.46
C GLU I 462 -13.84 -11.59 -16.38
N ASN I 463 -14.09 -12.52 -15.48
CA ASN I 463 -13.18 -13.66 -15.42
C ASN I 463 -13.27 -14.42 -16.74
N ASN I 464 -12.12 -14.50 -17.40
CA ASN I 464 -11.92 -15.20 -18.67
C ASN I 464 -12.63 -14.58 -19.88
N GLN I 465 -13.09 -13.35 -19.69
CA GLN I 465 -13.71 -12.63 -20.77
C GLN I 465 -13.71 -11.11 -20.76
N GLU I 466 -13.48 -10.62 -21.96
CA GLU I 466 -13.46 -9.23 -22.29
C GLU I 466 -14.91 -9.01 -22.70
N VAL I 467 -15.71 -8.29 -21.93
CA VAL I 467 -17.10 -8.11 -22.34
C VAL I 467 -17.35 -6.68 -22.76
N PHE I 468 -17.70 -6.52 -24.02
CA PHE I 468 -17.81 -5.21 -24.62
C PHE I 468 -18.65 -4.30 -23.80
N LEU I 469 -18.10 -3.15 -23.48
CA LEU I 469 -18.83 -2.17 -22.70
C LEU I 469 -19.36 -0.99 -23.51
N THR I 470 -18.50 -0.30 -24.25
CA THR I 470 -18.94 0.85 -25.03
C THR I 470 -17.95 1.32 -26.07
N ARG I 471 -18.26 2.44 -26.72
CA ARG I 471 -17.40 3.08 -27.70
C ARG I 471 -17.05 4.46 -27.19
N ALA I 472 -15.84 4.94 -27.48
CA ALA I 472 -15.45 6.30 -27.13
C ALA I 472 -14.80 7.05 -28.28
N HIS I 473 -15.05 8.35 -28.36
CA HIS I 473 -14.58 9.15 -29.48
C HIS I 473 -13.49 10.08 -29.01
N ALA I 474 -12.52 10.31 -29.89
CA ALA I 474 -11.46 11.24 -29.64
C ALA I 474 -11.94 12.66 -29.58
N GLN I 475 -11.37 13.44 -28.68
CA GLN I 475 -11.69 14.87 -28.68
C GLN I 475 -10.50 15.83 -28.70
N GLY I 476 -10.71 16.99 -29.29
CA GLY I 476 -9.72 18.04 -29.36
C GLY I 476 -8.81 17.93 -30.56
N LEU I 477 -8.99 16.87 -31.33
CA LEU I 477 -8.18 16.63 -32.51
C LEU I 477 -8.81 17.26 -33.75
N GLU I 478 -8.08 17.19 -34.85
CA GLU I 478 -8.56 17.64 -36.16
C GLU I 478 -9.66 16.75 -36.74
N THR I 479 -10.47 17.34 -37.62
CA THR I 479 -11.59 16.63 -38.22
C THR I 479 -11.14 15.40 -38.98
N GLU I 480 -10.05 15.52 -39.72
CA GLU I 480 -9.57 14.40 -40.54
C GLU I 480 -9.25 13.23 -39.62
N GLN I 481 -9.70 12.05 -40.02
CA GLN I 481 -9.49 10.83 -39.23
C GLN I 481 -8.03 10.54 -38.93
N LEU I 482 -7.72 10.26 -37.68
CA LEU I 482 -6.33 10.05 -37.28
C LEU I 482 -5.91 8.58 -37.16
N ALA I 483 -4.76 8.26 -37.74
CA ALA I 483 -4.21 6.93 -37.70
C ALA I 483 -3.24 6.85 -36.54
N LEU I 484 -2.94 5.64 -36.07
CA LEU I 484 -1.99 5.44 -34.97
C LEU I 484 -0.55 5.89 -35.22
N ASP I 485 0.00 5.63 -36.39
CA ASP I 485 1.35 6.08 -36.67
C ASP I 485 1.46 7.58 -36.62
N GLU I 486 0.44 8.27 -37.11
CA GLU I 486 0.41 9.73 -37.08
C GLU I 486 0.38 10.37 -35.68
N ALA I 487 -0.38 9.76 -34.78
CA ALA I 487 -0.36 10.16 -33.38
C ALA I 487 0.99 10.01 -32.71
N GLU I 488 1.70 8.93 -32.98
CA GLU I 488 2.97 8.73 -32.30
C GLU I 488 4.02 9.78 -32.69
N ALA I 489 3.97 10.10 -33.98
CA ALA I 489 4.81 11.06 -34.68
C ALA I 489 4.58 12.42 -34.10
N ALA I 490 3.33 12.80 -33.84
CA ALA I 490 3.13 14.16 -33.34
C ALA I 490 3.74 14.19 -31.93
N SER I 491 3.53 13.12 -31.17
CA SER I 491 3.94 13.12 -29.78
C SER I 491 5.46 13.13 -29.69
N ARG I 492 6.17 12.37 -30.53
CA ARG I 492 7.61 12.39 -30.38
C ARG I 492 8.19 13.69 -30.85
N ARG I 493 7.53 14.40 -31.76
CA ARG I 493 8.04 15.69 -32.15
C ARG I 493 7.96 16.65 -30.96
N LEU I 494 6.88 16.58 -30.18
CA LEU I 494 6.75 17.47 -29.05
C LEU I 494 7.84 17.15 -28.05
N ARG I 495 8.12 15.88 -27.79
CA ARG I 495 9.19 15.51 -26.87
C ARG I 495 10.56 16.05 -27.33
N THR I 496 10.86 15.91 -28.61
CA THR I 496 12.12 16.37 -29.17
C THR I 496 12.21 17.83 -28.89
N ALA I 497 11.13 18.57 -29.10
CA ALA I 497 11.25 19.97 -28.87
C ALA I 497 11.60 20.29 -27.40
N GLY I 498 11.02 19.58 -26.46
CA GLY I 498 11.19 19.83 -25.05
C GLY I 498 12.65 19.59 -24.82
N LYS I 499 13.23 18.53 -25.35
CA LYS I 499 14.65 18.28 -25.07
C LYS I 499 15.65 19.29 -25.62
N THR I 500 15.21 20.45 -26.06
CA THR I 500 16.15 21.41 -26.61
C THR I 500 16.33 22.71 -25.88
N ILE I 501 15.35 23.13 -25.10
CA ILE I 501 15.50 24.40 -24.41
C ILE I 501 16.69 24.33 -23.47
N SER I 502 16.57 23.45 -22.48
CA SER I 502 17.60 23.13 -21.48
C SER I 502 17.90 24.25 -20.48
N ASN I 503 18.91 23.99 -19.67
CA ASN I 503 19.37 24.90 -18.65
C ASN I 503 20.85 24.89 -18.82
N GLN I 504 21.37 25.64 -19.79
CA GLN I 504 22.81 25.60 -20.06
C GLN I 504 23.59 26.01 -18.84
N SER I 505 23.17 27.09 -18.20
CA SER I 505 23.77 27.48 -16.96
C SER I 505 22.68 27.93 -15.98
N LEU I 506 21.49 28.15 -16.48
CA LEU I 506 20.45 28.70 -15.64
C LEU I 506 20.10 27.82 -14.47
N LEU I 507 19.97 26.53 -14.65
CA LEU I 507 19.57 25.73 -13.52
C LEU I 507 20.73 25.19 -12.71
N GLN I 508 21.77 24.70 -13.37
CA GLN I 508 22.90 24.14 -12.65
C GLN I 508 23.54 25.17 -11.73
N GLU I 509 23.69 26.38 -12.24
CA GLU I 509 24.30 27.42 -11.45
C GLU I 509 23.47 27.68 -10.22
N VAL I 510 22.15 27.78 -10.40
CA VAL I 510 21.30 28.05 -9.26
C VAL I 510 21.42 26.95 -8.24
N VAL I 511 21.42 25.69 -8.65
CA VAL I 511 21.52 24.66 -7.65
C VAL I 511 22.81 24.71 -6.88
N ASP I 512 23.92 24.86 -7.59
CA ASP I 512 25.17 24.89 -6.83
C ASP I 512 25.25 26.11 -5.90
N ARG I 513 24.77 27.25 -6.37
CA ARG I 513 24.78 28.44 -5.55
C ARG I 513 23.90 28.30 -4.33
N ASP I 514 22.76 27.62 -4.48
CA ASP I 514 21.83 27.41 -3.40
C ASP I 514 22.59 26.65 -2.35
N ALA I 515 23.26 25.57 -2.75
CA ALA I 515 23.99 24.81 -1.74
C ALA I 515 25.10 25.62 -1.05
N LEU I 516 25.86 26.39 -1.84
CA LEU I 516 26.92 27.16 -1.22
C LEU I 516 26.39 28.20 -0.24
N VAL I 517 25.31 28.89 -0.59
CA VAL I 517 24.76 29.90 0.31
C VAL I 517 24.24 29.24 1.56
N ALA I 518 23.63 28.06 1.44
CA ALA I 518 23.14 27.39 2.63
C ALA I 518 24.33 27.07 3.52
N THR I 519 25.43 26.59 2.96
CA THR I 519 26.59 26.34 3.79
C THR I 519 27.25 27.67 4.19
N LEU J 29 -26.91 -1.94 -29.15
CA LEU J 29 -26.22 -1.58 -27.91
C LEU J 29 -26.07 -2.78 -26.98
N GLU J 30 -25.63 -3.91 -27.51
CA GLU J 30 -25.43 -5.11 -26.69
C GLU J 30 -24.48 -6.16 -27.27
N LYS J 31 -24.56 -7.37 -26.69
CA LYS J 31 -23.81 -8.56 -27.12
C LYS J 31 -22.28 -8.51 -27.11
N ASN J 32 -21.70 -9.22 -28.05
CA ASN J 32 -20.26 -9.31 -28.25
C ASN J 32 -19.33 -9.79 -27.13
N VAL J 33 -19.72 -10.74 -26.29
CA VAL J 33 -18.76 -11.18 -25.29
C VAL J 33 -17.76 -11.93 -26.10
N ILE J 34 -16.50 -11.63 -25.94
CA ILE J 34 -15.46 -12.35 -26.67
C ILE J 34 -14.58 -13.03 -25.67
N ALA J 35 -14.45 -14.33 -25.80
CA ALA J 35 -13.68 -15.10 -24.86
C ALA J 35 -12.25 -14.70 -24.67
N THR J 36 -11.77 -15.00 -23.47
CA THR J 36 -10.38 -14.83 -23.06
C THR J 36 -9.58 -16.02 -23.61
N GLN J 37 -8.25 -15.95 -23.57
CA GLN J 37 -7.42 -17.05 -24.06
C GLN J 37 -7.67 -18.38 -23.35
N LEU J 38 -7.91 -19.40 -24.16
CA LEU J 38 -8.20 -20.74 -23.66
C LEU J 38 -7.01 -21.56 -23.15
N SER J 39 -7.25 -22.24 -22.03
CA SER J 39 -6.29 -23.17 -21.45
C SER J 39 -6.28 -24.51 -22.20
N GLU J 40 -5.27 -25.31 -21.87
CA GLU J 40 -4.93 -26.60 -22.48
C GLU J 40 -6.01 -27.68 -22.68
N GLU J 41 -6.85 -27.90 -21.68
CA GLU J 41 -7.99 -28.80 -21.82
C GLU J 41 -8.92 -28.32 -22.95
N ALA J 42 -9.23 -27.03 -22.95
CA ALA J 42 -10.11 -26.43 -23.96
C ALA J 42 -9.47 -26.50 -25.34
N GLN J 43 -8.13 -26.33 -25.36
CA GLN J 43 -7.38 -26.38 -26.62
C GLN J 43 -7.55 -27.75 -27.29
N VAL J 44 -7.50 -28.79 -26.41
CA VAL J 44 -7.70 -30.16 -26.91
C VAL J 44 -9.13 -30.29 -27.45
N LYS J 45 -10.12 -29.83 -26.66
CA LYS J 45 -11.53 -29.86 -27.05
C LYS J 45 -11.75 -29.15 -28.38
N LEU J 46 -11.04 -28.02 -28.56
CA LEU J 46 -11.15 -27.23 -29.79
C LEU J 46 -10.81 -28.09 -31.00
N GLU J 47 -9.69 -28.80 -30.89
CA GLU J 47 -9.26 -29.66 -31.99
C GLU J 47 -10.29 -30.75 -32.28
N VAL J 48 -10.87 -31.30 -31.24
CA VAL J 48 -11.82 -32.41 -31.36
C VAL J 48 -13.02 -31.96 -32.18
N ILE J 49 -13.46 -30.76 -31.84
CA ILE J 49 -14.55 -30.02 -32.43
C ILE J 49 -14.36 -29.68 -33.90
N GLN J 50 -13.17 -29.20 -34.21
CA GLN J 50 -12.78 -28.96 -35.59
C GLN J 50 -12.96 -30.19 -36.45
N SER J 51 -12.60 -31.34 -35.91
CA SER J 51 -12.89 -32.59 -36.60
C SER J 51 -14.37 -33.01 -36.67
N LEU J 52 -15.13 -32.79 -35.60
CA LEU J 52 -16.56 -33.12 -35.62
C LEU J 52 -17.59 -32.16 -36.24
N LEU J 53 -17.22 -30.89 -36.45
CA LEU J 53 -18.14 -29.96 -37.09
C LEU J 53 -18.39 -30.32 -38.54
N GLU J 54 -17.40 -30.92 -39.18
CA GLU J 54 -17.52 -31.17 -40.61
C GLU J 54 -18.27 -32.49 -40.78
N PRO J 55 -19.37 -32.44 -41.53
CA PRO J 55 -20.16 -33.61 -41.93
C PRO J 55 -19.50 -34.41 -43.05
N CYS J 56 -19.82 -35.70 -43.08
CA CYS J 56 -19.24 -36.63 -44.03
C CYS J 56 -20.17 -37.83 -43.99
N ASP J 57 -19.71 -38.96 -44.51
CA ASP J 57 -20.52 -40.17 -44.44
C ASP J 57 -20.92 -40.35 -42.98
N ARG J 58 -22.19 -40.62 -42.77
CA ARG J 58 -22.74 -40.81 -41.43
C ARG J 58 -21.95 -41.82 -40.61
N THR J 59 -21.56 -42.92 -41.22
CA THR J 59 -20.83 -43.96 -40.50
C THR J 59 -19.43 -43.47 -40.12
N THR J 60 -18.76 -42.81 -41.06
CA THR J 60 -17.46 -42.23 -40.81
C THR J 60 -17.55 -41.20 -39.72
N TYR J 61 -18.64 -40.43 -39.73
CA TYR J 61 -18.83 -39.41 -38.72
C TYR J 61 -18.87 -40.17 -37.40
N GLY J 62 -19.61 -41.28 -37.39
CA GLY J 62 -19.72 -42.09 -36.19
C GLY J 62 -18.34 -42.50 -35.72
N GLN J 63 -17.47 -42.84 -36.66
CA GLN J 63 -16.13 -43.24 -36.29
C GLN J 63 -15.40 -42.09 -35.61
N LYS J 64 -15.59 -40.88 -36.15
CA LYS J 64 -14.97 -39.70 -35.58
C LYS J 64 -15.41 -39.44 -34.15
N LEU J 65 -16.66 -39.75 -33.85
CA LEU J 65 -17.16 -39.57 -32.50
C LEU J 65 -16.44 -40.48 -31.53
N ARG J 66 -16.19 -41.70 -31.99
CA ARG J 66 -15.59 -42.72 -31.16
C ARG J 66 -14.18 -42.22 -30.91
N GLU J 67 -13.54 -41.72 -31.96
CA GLU J 67 -12.17 -41.24 -31.93
C GLU J 67 -12.08 -40.03 -30.99
N ALA J 68 -13.09 -39.17 -31.06
CA ALA J 68 -13.21 -37.98 -30.23
C ALA J 68 -13.28 -38.34 -28.77
N ALA J 69 -14.10 -39.34 -28.44
CA ALA J 69 -14.22 -39.84 -27.08
C ALA J 69 -12.93 -40.44 -26.57
N GLU J 70 -12.17 -41.11 -27.43
CA GLU J 70 -10.90 -41.66 -26.98
C GLU J 70 -9.88 -40.55 -26.80
N LYS J 71 -9.86 -39.56 -27.69
CA LYS J 71 -8.92 -38.49 -27.50
C LYS J 71 -9.20 -37.74 -26.19
N LEU J 72 -10.48 -37.55 -25.87
CA LEU J 72 -10.83 -36.96 -24.59
C LEU J 72 -10.93 -37.93 -23.41
N ASN J 73 -11.12 -39.23 -23.70
CA ASN J 73 -11.28 -40.26 -22.68
C ASN J 73 -12.47 -39.97 -21.76
N VAL J 74 -13.62 -39.65 -22.34
CA VAL J 74 -14.77 -39.40 -21.49
C VAL J 74 -15.95 -40.37 -21.73
N SER J 75 -16.72 -40.24 -22.80
CA SER J 75 -17.87 -41.09 -23.04
C SER J 75 -18.26 -40.94 -24.50
N LEU J 76 -19.06 -41.85 -25.02
CA LEU J 76 -19.53 -41.64 -26.38
C LEU J 76 -20.66 -40.60 -26.46
N ARG J 77 -21.29 -40.28 -25.34
CA ARG J 77 -22.39 -39.31 -25.35
C ARG J 77 -21.97 -37.83 -25.17
N THR J 78 -20.89 -37.59 -24.46
CA THR J 78 -20.38 -36.23 -24.15
C THR J 78 -20.06 -35.22 -25.27
N VAL J 79 -19.44 -35.70 -26.31
CA VAL J 79 -19.00 -34.95 -27.38
C VAL J 79 -20.13 -34.43 -28.22
N GLN J 80 -21.35 -34.89 -28.06
CA GLN J 80 -22.47 -34.32 -28.69
C GLN J 80 -22.82 -33.03 -28.04
N ARG J 81 -22.61 -32.90 -26.74
CA ARG J 81 -22.93 -31.68 -26.04
C ARG J 81 -21.83 -30.76 -26.26
N LEU J 82 -20.61 -31.24 -26.29
CA LEU J 82 -19.52 -30.38 -26.54
C LEU J 82 -19.65 -29.75 -27.88
N VAL J 83 -19.96 -30.44 -28.96
CA VAL J 83 -20.12 -29.72 -30.20
C VAL J 83 -21.28 -28.79 -30.24
N LYS J 84 -22.42 -29.21 -29.73
CA LYS J 84 -23.58 -28.40 -29.72
C LYS J 84 -23.36 -27.15 -28.99
N ASN J 85 -22.68 -27.34 -27.88
CA ASN J 85 -22.25 -26.22 -27.03
C ASN J 85 -21.40 -25.22 -27.81
N TRP J 86 -20.48 -25.70 -28.57
CA TRP J 86 -19.66 -24.86 -29.43
C TRP J 86 -20.52 -24.13 -30.46
N GLU J 87 -21.47 -24.87 -31.01
CA GLU J 87 -22.36 -24.34 -32.04
C GLU J 87 -23.04 -23.03 -31.62
N GLN J 88 -23.42 -22.93 -30.35
CA GLN J 88 -24.00 -21.68 -29.87
C GLN J 88 -23.02 -20.68 -29.26
N ASP J 89 -22.03 -21.16 -28.53
CA ASP J 89 -21.10 -20.26 -27.84
C ASP J 89 -19.67 -20.12 -28.33
N GLY J 90 -19.32 -20.77 -29.43
CA GLY J 90 -18.01 -20.56 -30.01
C GLY J 90 -16.94 -20.83 -28.99
N LEU J 91 -15.95 -19.94 -28.94
CA LEU J 91 -14.86 -20.06 -28.00
C LEU J 91 -15.27 -19.91 -26.54
N VAL J 92 -16.34 -19.17 -26.29
CA VAL J 92 -16.80 -18.97 -24.93
C VAL J 92 -17.30 -20.25 -24.31
N GLY J 93 -17.94 -21.10 -25.11
CA GLY J 93 -18.46 -22.36 -24.62
C GLY J 93 -17.35 -23.30 -24.21
N LEU J 94 -16.11 -22.95 -24.56
CA LEU J 94 -15.05 -23.77 -24.18
C LEU J 94 -14.44 -23.27 -22.97
N THR J 95 -14.90 -22.17 -22.39
CA THR J 95 -14.32 -21.70 -21.13
C THR J 95 -15.03 -22.45 -19.99
N GLN J 96 -14.50 -22.38 -18.78
CA GLN J 96 -15.25 -22.96 -17.68
C GLN J 96 -16.44 -22.10 -17.27
N THR J 97 -17.63 -22.67 -17.24
CA THR J 97 -18.77 -21.87 -16.87
C THR J 97 -18.63 -21.69 -15.37
N SER J 98 -18.87 -20.48 -14.90
CA SER J 98 -18.77 -20.21 -13.48
C SER J 98 -19.92 -20.86 -12.74
N ARG J 99 -19.81 -21.00 -11.41
CA ARG J 99 -20.90 -21.65 -10.64
C ARG J 99 -22.28 -20.96 -10.73
N ALA J 100 -22.27 -19.67 -11.03
CA ALA J 100 -23.45 -18.80 -11.19
C ALA J 100 -24.23 -18.53 -9.91
N ASP J 101 -23.71 -19.03 -8.81
CA ASP J 101 -24.17 -18.64 -7.51
C ASP J 101 -23.18 -17.65 -6.94
N LYS J 102 -22.16 -17.26 -7.69
CA LYS J 102 -21.11 -16.37 -7.21
C LYS J 102 -21.63 -15.01 -6.75
N GLY J 103 -21.27 -14.59 -5.54
CA GLY J 103 -21.66 -13.29 -5.06
C GLY J 103 -22.89 -13.32 -4.17
N LYS J 104 -23.55 -14.46 -4.21
CA LYS J 104 -24.74 -14.69 -3.43
C LYS J 104 -24.35 -14.96 -2.01
N HIS J 105 -25.24 -14.67 -1.08
CA HIS J 105 -25.05 -15.10 0.28
C HIS J 105 -26.01 -16.17 0.77
N ARG J 106 -25.47 -17.10 1.56
CA ARG J 106 -26.23 -18.23 2.07
C ARG J 106 -27.02 -17.94 3.34
N ILE J 107 -26.74 -16.80 3.97
CA ILE J 107 -27.48 -16.42 5.17
C ILE J 107 -28.86 -15.89 4.81
N GLY J 108 -29.71 -15.77 5.81
CA GLY J 108 -31.04 -15.26 5.59
C GLY J 108 -31.09 -13.83 5.09
N GLU J 109 -32.09 -13.53 4.28
CA GLU J 109 -32.29 -12.18 3.72
C GLU J 109 -32.39 -11.13 4.80
N PHE J 110 -33.07 -11.46 5.89
CA PHE J 110 -33.21 -10.56 7.00
C PHE J 110 -31.83 -10.08 7.46
N TRP J 111 -30.91 -11.01 7.71
CA TRP J 111 -29.60 -10.66 8.24
C TRP J 111 -28.73 -9.86 7.27
N GLU J 112 -28.77 -10.20 5.99
CA GLU J 112 -27.96 -9.46 5.04
C GLU J 112 -28.37 -8.01 4.98
N ASN J 113 -29.67 -7.77 5.03
CA ASN J 113 -30.19 -6.41 5.03
C ASN J 113 -29.97 -5.72 6.38
N PHE J 114 -30.05 -6.49 7.39
CA PHE J 114 -29.80 -5.95 8.72
C PHE J 114 -28.36 -5.42 8.82
N ILE J 115 -27.38 -6.18 8.32
CA ILE J 115 -25.97 -5.81 8.37
C ILE J 115 -25.76 -4.53 7.57
N THR J 116 -26.28 -4.49 6.30
CA THR J 116 -26.11 -3.34 5.43
C THR J 116 -26.70 -2.09 6.05
N LYS J 117 -27.93 -2.21 6.57
CA LYS J 117 -28.62 -1.08 7.22
C LYS J 117 -27.83 -0.58 8.43
N THR J 118 -27.38 -1.47 9.25
CA THR J 118 -26.67 -1.12 10.48
C THR J 118 -25.41 -0.31 10.18
N TYR J 119 -24.68 -0.81 9.23
CA TYR J 119 -23.46 -0.12 8.86
C TYR J 119 -23.75 1.29 8.35
N LYS J 120 -24.71 1.50 7.46
CA LYS J 120 -25.04 2.80 6.89
C LYS J 120 -25.40 3.82 7.97
N GLU J 121 -26.14 3.35 8.99
CA GLU J 121 -26.46 4.19 10.14
C GLU J 121 -25.23 4.40 11.03
N GLY J 122 -24.41 3.37 11.15
CA GLY J 122 -23.27 3.42 12.01
C GLY J 122 -22.31 4.53 11.61
N ASN J 123 -22.21 4.84 10.34
CA ASN J 123 -21.35 5.94 9.92
C ASN J 123 -22.06 7.20 9.53
N LYS J 124 -23.32 7.36 9.91
CA LYS J 124 -24.01 8.59 9.52
C LYS J 124 -23.53 9.67 10.46
N GLY J 125 -23.25 10.85 9.93
CA GLY J 125 -22.92 11.96 10.78
C GLY J 125 -21.46 11.92 11.19
N SER J 126 -21.15 12.45 12.35
CA SER J 126 -19.75 12.60 12.75
C SER J 126 -19.11 11.33 13.29
N LYS J 127 -19.89 10.31 13.58
CA LYS J 127 -19.36 9.11 14.22
C LYS J 127 -18.80 8.08 13.24
N ARG J 128 -18.14 7.07 13.77
CA ARG J 128 -17.58 6.02 12.93
C ARG J 128 -17.94 4.67 13.48
N MET J 129 -18.15 3.72 12.59
CA MET J 129 -18.50 2.37 12.98
C MET J 129 -17.49 1.45 12.33
N THR J 130 -17.06 0.44 13.05
CA THR J 130 -16.17 -0.55 12.50
C THR J 130 -17.00 -1.78 12.20
N PRO J 131 -16.61 -2.55 11.19
CA PRO J 131 -17.25 -3.83 10.88
C PRO J 131 -17.29 -4.73 12.09
N LYS J 132 -16.29 -4.66 12.96
CA LYS J 132 -16.27 -5.49 14.16
C LYS J 132 -17.48 -5.19 15.04
N GLN J 133 -17.70 -3.90 15.29
CA GLN J 133 -18.80 -3.43 16.10
C GLN J 133 -20.15 -3.79 15.52
N VAL J 134 -20.26 -3.76 14.19
CA VAL J 134 -21.45 -4.21 13.51
C VAL J 134 -21.76 -5.65 13.77
N ALA J 135 -20.76 -6.50 13.69
CA ALA J 135 -20.94 -7.92 13.94
C ALA J 135 -21.47 -8.15 15.34
N LEU J 136 -21.00 -7.37 16.30
CA LEU J 136 -21.50 -7.47 17.67
C LEU J 136 -22.96 -7.09 17.73
N ARG J 137 -23.35 -5.99 17.08
CA ARG J 137 -24.74 -5.57 17.10
C ARG J 137 -25.62 -6.67 16.56
N VAL J 138 -25.13 -7.34 15.52
CA VAL J 138 -25.83 -8.45 14.91
C VAL J 138 -26.03 -9.52 15.93
N GLU J 139 -24.98 -9.87 16.64
CA GLU J 139 -25.08 -10.89 17.67
C GLU J 139 -26.12 -10.51 18.73
N ALA J 140 -26.14 -9.25 19.12
CA ALA J 140 -27.08 -8.79 20.14
C ALA J 140 -28.51 -8.99 19.70
N LYS J 141 -28.77 -8.68 18.43
CA LYS J 141 -30.09 -8.86 17.83
C LYS J 141 -30.43 -10.31 17.72
N ALA J 142 -29.43 -11.11 17.38
CA ALA J 142 -29.67 -12.52 17.23
C ALA J 142 -30.20 -13.09 18.53
N ARG J 143 -29.65 -12.61 19.65
CA ARG J 143 -30.12 -13.03 20.97
C ARG J 143 -31.58 -12.67 21.23
N GLU J 144 -31.93 -11.43 20.93
CA GLU J 144 -33.29 -10.93 21.08
C GLU J 144 -34.28 -11.77 20.32
N LEU J 145 -33.87 -12.19 19.12
CA LEU J 145 -34.74 -12.95 18.22
C LEU J 145 -34.66 -14.45 18.45
N LYS J 146 -33.82 -14.87 19.39
CA LYS J 146 -33.54 -16.27 19.64
C LYS J 146 -33.04 -17.01 18.41
N ASP J 147 -32.19 -16.36 17.63
CA ASP J 147 -31.66 -17.01 16.44
C ASP J 147 -30.35 -17.67 16.76
N SER J 148 -30.36 -18.99 16.76
CA SER J 148 -29.16 -19.74 17.09
C SER J 148 -28.02 -19.67 16.06
N LYS J 149 -28.29 -19.19 14.85
CA LYS J 149 -27.26 -19.12 13.82
C LYS J 149 -27.07 -17.83 13.02
N PRO J 150 -26.69 -16.75 13.71
CA PRO J 150 -26.47 -15.46 13.05
C PRO J 150 -25.17 -15.61 12.27
N PRO J 151 -24.90 -14.72 11.33
CA PRO J 151 -23.58 -14.77 10.70
C PRO J 151 -22.40 -14.48 11.63
N ASN J 152 -21.28 -15.16 11.37
CA ASN J 152 -20.03 -14.94 12.08
C ASN J 152 -19.37 -13.66 11.62
N TYR J 153 -18.61 -13.03 12.50
CA TYR J 153 -17.76 -11.88 12.19
C TYR J 153 -17.03 -11.93 10.87
N LYS J 154 -16.51 -13.09 10.51
CA LYS J 154 -15.80 -13.19 9.26
C LYS J 154 -16.79 -12.93 8.18
N THR J 155 -18.01 -13.41 8.33
CA THR J 155 -19.01 -13.18 7.29
C THR J 155 -19.34 -11.72 7.13
N VAL J 156 -19.45 -10.99 8.24
CA VAL J 156 -19.76 -9.57 8.18
C VAL J 156 -18.70 -8.82 7.42
N LEU J 157 -17.45 -9.17 7.63
CA LEU J 157 -16.38 -8.57 6.91
C LEU J 157 -16.58 -8.78 5.42
N ARG J 158 -16.99 -9.96 5.01
CA ARG J 158 -17.26 -10.22 3.61
C ARG J 158 -18.50 -9.52 3.07
N VAL J 159 -19.60 -9.49 3.83
CA VAL J 159 -20.79 -8.78 3.35
C VAL J 159 -20.61 -7.29 3.11
N LEU J 160 -19.86 -6.61 3.97
CA LEU J 160 -19.62 -5.17 3.85
C LEU J 160 -18.51 -4.83 2.89
N ALA J 161 -17.86 -5.85 2.35
CA ALA J 161 -16.65 -5.67 1.57
C ALA J 161 -16.88 -4.72 0.43
N PRO J 162 -17.89 -4.97 -0.40
CA PRO J 162 -18.11 -4.13 -1.57
C PRO J 162 -18.43 -2.70 -1.20
N ILE J 163 -18.96 -2.49 0.00
CA ILE J 163 -19.29 -1.15 0.45
C ILE J 163 -18.04 -0.39 0.86
N LEU J 164 -17.13 -1.05 1.55
CA LEU J 164 -15.88 -0.43 1.97
C LEU J 164 -15.02 -0.15 0.76
N GLU J 165 -15.07 -1.07 -0.19
CA GLU J 165 -14.36 -0.95 -1.39
C GLU J 165 -14.69 0.12 -2.39
N LYS J 166 -15.95 0.42 -2.61
CA LYS J 166 -16.30 1.38 -3.65
C LYS J 166 -15.82 2.73 -3.37
N GLN J 167 -15.69 2.89 -2.08
CA GLN J 167 -15.35 4.16 -1.47
C GLN J 167 -13.92 4.50 -1.78
N GLN J 168 -13.13 3.49 -2.06
CA GLN J 168 -11.76 3.71 -2.20
C GLN J 168 -11.42 4.27 -3.51
N LYS J 169 -12.30 4.04 -4.47
CA LYS J 169 -12.17 4.57 -5.81
C LYS J 169 -12.86 5.92 -5.81
N ALA J 170 -13.99 5.98 -5.11
CA ALA J 170 -14.81 7.18 -5.08
C ALA J 170 -14.06 8.39 -4.54
N LYS J 171 -13.20 8.17 -3.56
CA LYS J 171 -12.42 9.27 -3.03
C LYS J 171 -11.18 9.55 -3.87
N SER J 172 -10.91 8.72 -4.88
CA SER J 172 -9.67 8.87 -5.63
C SER J 172 -9.69 9.05 -7.15
N ILE J 173 -10.77 9.58 -7.70
CA ILE J 173 -10.89 9.80 -9.14
C ILE J 173 -9.98 10.93 -9.57
N ARG J 174 -9.22 10.75 -10.64
CA ARG J 174 -8.34 11.81 -11.10
C ARG J 174 -8.97 12.59 -12.25
N SER J 175 -9.25 13.88 -12.03
CA SER J 175 -9.87 14.67 -13.10
C SER J 175 -8.98 14.82 -14.31
N PRO J 176 -9.55 14.83 -15.51
CA PRO J 176 -8.72 15.06 -16.70
C PRO J 176 -8.12 16.46 -16.88
N GLY J 177 -8.63 17.46 -16.19
CA GLY J 177 -8.14 18.81 -16.40
C GLY J 177 -8.57 19.30 -17.76
N TRP J 178 -7.75 20.13 -18.40
CA TRP J 178 -8.10 20.68 -19.69
C TRP J 178 -7.06 20.15 -20.67
N ARG J 179 -7.40 20.08 -21.94
CA ARG J 179 -6.50 19.53 -22.94
C ARG J 179 -5.49 20.53 -23.51
N GLY J 180 -5.72 21.80 -23.24
CA GLY J 180 -4.78 22.82 -23.69
C GLY J 180 -5.35 23.74 -24.72
N THR J 181 -4.75 24.93 -24.73
CA THR J 181 -4.97 26.09 -25.60
C THR J 181 -6.31 26.79 -25.43
N THR J 182 -7.26 26.12 -24.80
CA THR J 182 -8.56 26.71 -24.56
C THR J 182 -8.94 26.58 -23.09
N LEU J 183 -9.37 27.67 -22.47
CA LEU J 183 -9.81 27.57 -21.08
C LEU J 183 -10.72 28.67 -20.62
N SER J 184 -11.52 28.31 -19.65
CA SER J 184 -12.39 29.26 -18.95
C SER J 184 -12.60 28.87 -17.48
N VAL J 185 -13.02 29.83 -16.67
CA VAL J 185 -13.23 29.60 -15.25
C VAL J 185 -14.59 30.11 -14.85
N LYS J 186 -15.22 29.44 -13.90
CA LYS J 186 -16.52 29.89 -13.41
C LYS J 186 -16.42 30.80 -12.20
N THR J 187 -17.39 31.69 -12.07
CA THR J 187 -17.55 32.54 -10.91
C THR J 187 -18.63 31.99 -10.01
N ARG J 188 -18.71 32.52 -8.79
CA ARG J 188 -19.81 32.15 -7.88
C ARG J 188 -21.17 32.34 -8.51
N GLU J 189 -21.29 33.33 -9.39
CA GLU J 189 -22.56 33.69 -10.02
C GLU J 189 -22.94 32.66 -11.08
N GLY J 190 -21.99 31.80 -11.46
CA GLY J 190 -22.20 30.82 -12.49
C GLY J 190 -21.78 31.31 -13.85
N LYS J 191 -21.20 32.50 -13.89
CA LYS J 191 -20.74 33.07 -15.14
C LYS J 191 -19.43 32.41 -15.58
N ASP J 192 -19.33 32.12 -16.87
CA ASP J 192 -18.12 31.65 -17.53
C ASP J 192 -17.27 32.82 -18.02
N LEU J 193 -16.03 32.86 -17.51
CA LEU J 193 -15.12 33.90 -17.99
C LEU J 193 -14.00 33.29 -18.83
N SER J 194 -13.86 33.78 -20.07
CA SER J 194 -12.77 33.29 -20.93
C SER J 194 -11.43 33.83 -20.48
N VAL J 195 -10.36 33.07 -20.78
CA VAL J 195 -8.99 33.56 -20.64
C VAL J 195 -8.31 33.60 -22.01
N ASP J 196 -8.36 34.76 -22.65
CA ASP J 196 -7.91 34.91 -24.02
C ASP J 196 -6.53 35.45 -24.32
N TYR J 197 -5.90 36.11 -23.37
CA TYR J 197 -4.58 36.64 -23.66
C TYR J 197 -3.83 37.06 -22.43
N SER J 198 -2.53 37.35 -22.57
CA SER J 198 -1.70 37.70 -21.42
C SER J 198 -2.24 38.95 -20.77
N ASN J 199 -2.25 38.94 -19.45
CA ASN J 199 -2.84 39.98 -18.62
C ASN J 199 -4.33 40.10 -18.79
N HIS J 200 -4.99 39.10 -19.35
CA HIS J 200 -6.44 39.11 -19.26
C HIS J 200 -6.89 38.82 -17.85
N VAL J 201 -6.55 37.67 -17.29
CA VAL J 201 -7.05 37.38 -15.96
C VAL J 201 -5.91 37.06 -15.05
N TRP J 202 -5.81 37.75 -13.93
CA TRP J 202 -4.78 37.48 -12.93
C TRP J 202 -5.41 36.85 -11.70
N GLN J 203 -4.65 36.01 -11.00
CA GLN J 203 -5.15 35.40 -9.77
C GLN J 203 -4.16 35.60 -8.63
N CYS J 204 -4.73 35.55 -7.45
CA CYS J 204 -3.90 35.80 -6.27
C CYS J 204 -4.41 35.01 -5.08
N ASP J 205 -3.44 34.49 -4.28
CA ASP J 205 -3.79 33.81 -3.02
C ASP J 205 -2.65 33.92 -2.01
N HIS J 206 -2.99 33.34 -0.84
CA HIS J 206 -2.04 33.40 0.27
C HIS J 206 -1.72 32.01 0.79
N THR J 207 -0.47 31.78 1.16
CA THR J 207 -0.09 30.56 1.88
C THR J 207 0.97 30.87 2.94
N ARG J 208 1.31 29.82 3.61
CA ARG J 208 2.48 29.94 4.47
C ARG J 208 3.72 29.36 3.80
N VAL J 209 4.90 29.87 4.14
CA VAL J 209 6.18 29.29 3.75
C VAL J 209 6.65 28.32 4.84
N ASP J 210 6.98 27.08 4.49
CA ASP J 210 7.27 26.01 5.43
C ASP J 210 8.73 26.07 5.89
N VAL J 211 9.18 27.26 6.27
CA VAL J 211 10.55 27.47 6.71
C VAL J 211 10.46 28.40 7.91
N LEU J 212 11.16 28.10 9.00
CA LEU J 212 11.21 29.01 10.12
C LEU J 212 12.36 29.96 9.86
N LEU J 213 12.23 31.20 10.32
CA LEU J 213 13.29 32.17 10.15
C LEU J 213 13.87 32.62 11.46
N VAL J 214 15.06 33.21 11.40
CA VAL J 214 15.70 33.78 12.57
C VAL J 214 16.00 35.20 12.19
N ASP J 215 16.23 36.04 13.19
CA ASP J 215 16.71 37.39 12.95
C ASP J 215 18.24 37.45 12.90
N GLN J 216 18.79 38.65 12.84
CA GLN J 216 20.25 38.77 12.70
C GLN J 216 20.99 38.27 13.94
N HIS J 217 20.27 38.00 15.02
CA HIS J 217 20.87 37.46 16.23
C HIS J 217 20.70 35.95 16.46
N GLY J 218 20.04 35.22 15.57
CA GLY J 218 19.82 33.83 15.86
C GLY J 218 18.54 33.48 16.59
N GLU J 219 17.69 34.47 16.81
CA GLU J 219 16.42 34.30 17.50
C GLU J 219 15.29 33.95 16.49
N ILE J 220 14.48 32.94 16.80
CA ILE J 220 13.48 32.43 15.87
C ILE J 220 12.19 33.22 15.76
N LEU J 221 11.76 33.51 14.53
CA LEU J 221 10.49 34.18 14.25
C LEU J 221 9.61 33.19 13.51
N SER J 222 8.31 33.20 13.79
CA SER J 222 7.40 32.32 13.08
C SER J 222 7.42 32.48 11.57
N ARG J 223 7.25 31.36 10.87
CA ARG J 223 7.24 31.35 9.42
C ARG J 223 6.28 32.37 8.83
N PRO J 224 6.74 33.06 7.78
CA PRO J 224 6.10 34.09 6.98
C PRO J 224 5.02 33.69 6.01
N TRP J 225 4.24 34.66 5.59
CA TRP J 225 3.16 34.43 4.66
C TRP J 225 3.72 34.68 3.30
N LEU J 226 3.26 33.94 2.31
CA LEU J 226 3.66 34.19 0.93
C LEU J 226 2.48 34.54 0.09
N THR J 227 2.54 35.66 -0.61
CA THR J 227 1.45 36.05 -1.49
C THR J 227 1.91 36.15 -2.94
N THR J 228 1.14 35.56 -3.82
CA THR J 228 1.56 35.49 -5.21
C THR J 228 0.50 36.08 -6.13
N VAL J 229 0.91 36.67 -7.23
CA VAL J 229 0.02 37.05 -8.31
C VAL J 229 0.45 36.30 -9.55
N ILE J 230 -0.47 35.56 -10.14
CA ILE J 230 -0.18 34.66 -11.25
C ILE J 230 -1.00 35.01 -12.47
N ASP J 231 -0.37 34.99 -13.63
CA ASP J 231 -1.06 35.27 -14.88
C ASP J 231 -1.74 34.03 -15.40
N THR J 232 -3.06 34.04 -15.46
CA THR J 232 -3.80 32.86 -15.82
C THR J 232 -3.53 32.34 -17.21
N TYR J 233 -3.44 33.23 -18.18
CA TYR J 233 -3.16 32.78 -19.51
C TYR J 233 -1.85 32.08 -19.67
N SER J 234 -0.79 32.61 -19.10
CA SER J 234 0.53 32.01 -19.35
C SER J 234 1.06 31.12 -18.23
N ARG J 235 0.49 31.25 -17.02
CA ARG J 235 1.00 30.65 -15.79
C ARG J 235 2.37 31.14 -15.37
N CYS J 236 2.81 32.27 -15.91
CA CYS J 236 3.99 32.93 -15.44
C CYS J 236 3.70 33.73 -14.18
N ILE J 237 4.68 33.81 -13.27
CA ILE J 237 4.52 34.53 -12.01
C ILE J 237 4.66 36.00 -12.22
N MET J 238 3.66 36.78 -11.83
CA MET J 238 3.68 38.21 -12.07
C MET J 238 4.35 39.06 -11.01
N GLY J 239 4.25 38.65 -9.75
CA GLY J 239 4.90 39.38 -8.66
C GLY J 239 4.68 38.64 -7.36
N ILE J 240 5.62 38.71 -6.42
CA ILE J 240 5.43 38.09 -5.12
C ILE J 240 5.84 39.01 -4.00
N ASN J 241 5.44 38.68 -2.78
CA ASN J 241 6.00 39.27 -1.56
C ASN J 241 5.91 38.25 -0.46
N LEU J 242 6.87 38.21 0.44
CA LEU J 242 6.73 37.37 1.62
C LEU J 242 7.24 38.10 2.87
N GLY J 243 6.65 37.81 4.03
CA GLY J 243 7.05 38.42 5.28
C GLY J 243 6.10 38.08 6.41
N PHE J 244 6.14 38.79 7.53
CA PHE J 244 5.38 38.34 8.69
C PHE J 244 4.02 38.99 8.91
N ASP J 245 3.57 39.80 7.97
CA ASP J 245 2.29 40.50 8.13
C ASP J 245 1.12 39.62 7.71
N ALA J 246 0.21 39.46 8.60
CA ALA J 246 -0.95 38.62 8.30
C ALA J 246 -1.73 39.17 7.11
N PRO J 247 -2.44 38.30 6.39
CA PRO J 247 -3.21 38.73 5.22
C PRO J 247 -4.15 39.89 5.52
N SER J 248 -4.21 40.83 4.66
CA SER J 248 -5.05 42.01 4.73
C SER J 248 -5.18 42.69 3.37
N SER J 249 -6.06 43.68 3.31
CA SER J 249 -6.24 44.43 2.09
C SER J 249 -4.93 45.14 1.85
N GLY J 250 -4.22 45.48 2.92
CA GLY J 250 -2.95 46.15 2.78
C GLY J 250 -1.95 45.25 2.10
N VAL J 251 -1.92 43.99 2.52
CA VAL J 251 -0.96 43.05 1.93
C VAL J 251 -1.25 42.88 0.46
N VAL J 252 -2.53 42.76 0.11
CA VAL J 252 -2.90 42.61 -1.28
C VAL J 252 -2.46 43.77 -2.13
N ALA J 253 -2.67 44.99 -1.62
CA ALA J 253 -2.25 46.18 -2.32
C ALA J 253 -0.76 46.19 -2.54
N LEU J 254 0.01 45.77 -1.54
CA LEU J 254 1.44 45.73 -1.71
C LEU J 254 1.83 44.71 -2.76
N ALA J 255 1.17 43.56 -2.75
CA ALA J 255 1.44 42.53 -3.72
C ALA J 255 1.15 43.01 -5.12
N LEU J 256 0.05 43.74 -5.32
CA LEU J 256 -0.32 44.23 -6.64
C LEU J 256 0.70 45.25 -7.14
N ARG J 257 1.14 46.08 -6.21
CA ARG J 257 2.11 47.12 -6.57
C ARG J 257 3.34 46.50 -7.22
N HIS J 258 3.83 45.44 -6.68
CA HIS J 258 4.97 44.72 -7.23
C HIS J 258 4.65 44.10 -8.58
N ALA J 259 3.54 43.45 -8.69
CA ALA J 259 3.09 42.80 -9.92
C ALA J 259 2.86 43.83 -11.03
N ILE J 260 2.37 45.01 -10.70
CA ILE J 260 2.17 46.08 -11.71
C ILE J 260 3.37 46.90 -12.25
N LEU J 261 4.26 47.37 -11.39
CA LEU J 261 5.37 48.18 -11.87
C LEU J 261 6.54 47.36 -12.43
N PRO J 262 7.32 47.94 -13.33
CA PRO J 262 8.53 47.32 -13.86
C PRO J 262 9.45 46.87 -12.75
N LYS J 263 10.12 45.73 -12.93
CA LYS J 263 10.97 45.19 -11.88
C LYS J 263 12.45 45.47 -12.13
N ARG J 264 13.24 45.52 -11.07
CA ARG J 264 14.68 45.68 -11.18
C ARG J 264 15.36 45.14 -9.92
N TYR J 265 16.47 44.44 -10.08
CA TYR J 265 17.28 44.02 -8.95
C TYR J 265 18.77 44.30 -9.05
N GLY J 266 19.41 44.43 -7.89
CA GLY J 266 20.83 44.66 -7.77
C GLY J 266 21.70 43.44 -8.00
N SER J 267 23.00 43.67 -8.16
CA SER J 267 23.96 42.62 -8.45
C SER J 267 24.14 41.54 -7.37
N GLU J 268 23.77 41.88 -6.15
CA GLU J 268 23.88 40.97 -5.02
C GLU J 268 22.98 39.75 -5.20
N TYR J 269 21.96 39.84 -6.11
CA TYR J 269 21.01 38.76 -6.32
C TYR J 269 21.57 37.71 -7.28
N LYS J 270 22.70 37.97 -7.89
CA LYS J 270 23.41 37.04 -8.75
C LYS J 270 22.46 36.44 -9.80
N LEU J 271 21.72 37.34 -10.52
CA LEU J 271 20.75 36.88 -11.51
C LEU J 271 21.39 36.75 -12.89
N HIS J 272 20.95 35.82 -13.75
CA HIS J 272 21.30 35.72 -15.16
C HIS J 272 20.23 36.37 -16.03
N CYS J 273 18.96 36.12 -15.76
CA CYS J 273 17.96 36.79 -16.57
C CYS J 273 17.22 37.90 -15.84
N GLU J 274 16.69 38.84 -16.60
CA GLU J 274 15.81 39.83 -16.02
C GLU J 274 14.44 39.25 -15.95
N TRP J 275 13.70 39.65 -14.91
CA TRP J 275 12.32 39.24 -14.70
C TRP J 275 11.60 40.32 -15.47
N GLY J 276 11.09 40.03 -16.67
CA GLY J 276 10.46 41.06 -17.47
C GLY J 276 8.99 41.45 -17.44
N THR J 277 8.24 41.04 -16.44
CA THR J 277 6.80 41.24 -16.47
C THR J 277 6.16 42.45 -15.78
N TYR J 278 5.24 43.11 -16.48
CA TYR J 278 4.46 44.23 -15.95
C TYR J 278 3.23 44.49 -16.80
N GLY J 279 2.31 45.32 -16.31
CA GLY J 279 1.06 45.59 -16.99
C GLY J 279 -0.08 45.88 -16.04
N LYS J 280 -1.28 45.51 -16.43
CA LYS J 280 -2.52 45.66 -15.67
C LYS J 280 -3.58 44.68 -16.15
N PRO J 281 -4.17 43.96 -15.11
CA PRO J 281 -5.18 42.98 -15.52
C PRO J 281 -6.52 43.63 -15.89
N GLU J 282 -7.41 42.84 -16.48
CA GLU J 282 -8.78 43.28 -16.70
C GLU J 282 -9.73 42.70 -15.66
N HIS J 283 -9.36 41.46 -15.29
CA HIS J 283 -10.14 40.76 -14.26
C HIS J 283 -9.25 40.35 -13.10
N PHE J 284 -9.76 40.39 -11.88
CA PHE J 284 -9.00 39.97 -10.73
C PHE J 284 -9.78 38.82 -10.21
N TYR J 285 -9.34 37.61 -10.47
CA TYR J 285 -10.09 36.42 -10.12
C TYR J 285 -9.43 35.81 -8.91
N THR J 286 -10.09 35.73 -7.76
CA THR J 286 -9.45 35.32 -6.53
C THR J 286 -10.45 34.69 -5.59
N ASP J 287 -10.07 34.48 -4.32
CA ASP J 287 -10.92 33.84 -3.30
C ASP J 287 -12.01 34.75 -2.69
N GLY J 288 -12.90 34.20 -1.86
CA GLY J 288 -13.93 35.00 -1.23
C GLY J 288 -13.72 35.46 0.19
N GLY J 289 -12.49 35.36 0.70
CA GLY J 289 -12.14 35.71 2.07
C GLY J 289 -12.19 37.21 2.15
N LYS J 290 -12.30 37.75 3.35
CA LYS J 290 -12.48 39.20 3.48
C LYS J 290 -11.35 40.05 2.91
N ASP J 291 -10.13 39.55 2.85
CA ASP J 291 -9.04 40.37 2.35
C ASP J 291 -9.40 40.87 0.95
N PHE J 292 -10.19 40.13 0.16
CA PHE J 292 -10.61 40.47 -1.24
C PHE J 292 -12.00 41.03 -1.54
N ARG J 293 -12.82 41.37 -0.56
CA ARG J 293 -14.14 41.88 -0.85
C ARG J 293 -14.38 43.15 -0.07
N SER J 294 -13.27 43.74 0.26
CA SER J 294 -13.11 44.98 1.02
C SER J 294 -13.39 46.19 0.13
N ASN J 295 -13.83 47.30 0.75
CA ASN J 295 -13.97 48.62 0.15
C ASN J 295 -12.64 49.17 -0.35
N HIS J 296 -11.58 48.82 0.36
CA HIS J 296 -10.25 49.23 -0.06
C HIS J 296 -9.91 48.67 -1.45
N LEU J 297 -10.09 47.39 -1.68
CA LEU J 297 -9.77 46.75 -2.96
C LEU J 297 -10.72 47.22 -4.06
N SER J 298 -11.96 47.44 -3.61
CA SER J 298 -12.94 47.96 -4.56
C SER J 298 -12.53 49.34 -5.08
N GLN J 299 -12.02 50.17 -4.22
CA GLN J 299 -11.52 51.48 -4.60
C GLN J 299 -10.35 51.37 -5.57
N ILE J 300 -9.49 50.39 -5.28
CA ILE J 300 -8.35 50.14 -6.16
C ILE J 300 -8.84 49.72 -7.54
N GLY J 301 -9.76 48.81 -7.49
CA GLY J 301 -10.30 48.31 -8.75
C GLY J 301 -10.97 49.40 -9.58
N ALA J 302 -11.72 50.28 -8.94
CA ALA J 302 -12.41 51.39 -9.61
C ALA J 302 -11.41 52.37 -10.23
N GLN J 303 -10.31 52.62 -9.51
CA GLN J 303 -9.35 53.64 -9.90
C GLN J 303 -8.41 53.11 -10.98
N LEU J 304 -8.09 51.84 -10.89
CA LEU J 304 -7.21 51.24 -11.90
C LEU J 304 -8.04 50.73 -13.09
N GLY J 305 -9.33 50.41 -12.84
CA GLY J 305 -10.21 49.99 -13.93
C GLY J 305 -10.18 48.49 -14.17
N PHE J 306 -10.31 47.66 -13.15
CA PHE J 306 -10.43 46.24 -13.37
C PHE J 306 -11.52 45.65 -12.49
N VAL J 307 -12.05 44.47 -12.83
CA VAL J 307 -13.13 43.89 -12.02
C VAL J 307 -12.84 42.57 -11.25
N CYS J 308 -13.27 42.51 -10.00
CA CYS J 308 -13.10 41.32 -9.15
C CYS J 308 -14.15 40.24 -9.29
N HIS J 309 -13.72 38.98 -9.20
CA HIS J 309 -14.58 37.80 -9.25
C HIS J 309 -14.21 36.76 -8.21
N LEU J 310 -15.17 36.02 -7.68
CA LEU J 310 -14.90 35.08 -6.59
C LEU J 310 -15.01 33.62 -7.03
N ARG J 311 -14.13 32.75 -6.54
CA ARG J 311 -14.24 31.32 -6.79
C ARG J 311 -15.48 30.65 -6.25
N ASP J 312 -16.02 29.70 -6.98
CA ASP J 312 -17.15 28.88 -6.54
C ASP J 312 -16.77 27.84 -5.49
N ARG J 313 -15.55 27.34 -5.55
CA ARG J 313 -15.08 26.25 -4.69
C ARG J 313 -13.57 26.13 -4.81
N PRO J 314 -12.90 25.54 -3.81
CA PRO J 314 -11.45 25.47 -3.84
C PRO J 314 -10.92 24.74 -5.06
N SER J 315 -11.71 23.85 -5.63
CA SER J 315 -11.28 23.06 -6.77
C SER J 315 -11.38 23.81 -8.09
N GLU J 316 -12.04 24.96 -8.09
CA GLU J 316 -12.28 25.80 -9.29
C GLU J 316 -11.08 26.55 -9.84
N GLY J 317 -10.19 27.00 -8.97
CA GLY J 317 -9.03 27.71 -9.42
C GLY J 317 -7.98 26.81 -8.85
N GLY J 318 -7.17 26.21 -9.68
CA GLY J 318 -6.19 25.26 -9.19
C GLY J 318 -4.86 25.75 -9.64
N VAL J 319 -4.94 26.57 -10.68
CA VAL J 319 -3.77 27.16 -11.27
C VAL J 319 -3.19 28.19 -10.34
N VAL J 320 -4.02 28.85 -9.55
CA VAL J 320 -3.52 29.83 -8.59
C VAL J 320 -2.82 29.16 -7.41
N GLU J 321 -3.42 28.08 -6.93
CA GLU J 321 -2.94 27.35 -5.78
C GLU J 321 -1.73 26.46 -6.06
N ARG J 322 -1.83 25.66 -7.11
CA ARG J 322 -0.82 24.70 -7.53
C ARG J 322 0.66 24.97 -7.28
N PRO J 323 1.20 26.05 -7.86
CA PRO J 323 2.62 26.39 -7.79
C PRO J 323 3.17 26.30 -6.37
N PHE J 324 2.35 26.44 -5.34
CA PHE J 324 2.82 26.33 -3.98
C PHE J 324 3.43 24.96 -3.71
N LYS J 325 2.88 23.90 -4.25
CA LYS J 325 3.52 22.60 -4.13
C LYS J 325 4.91 22.51 -4.79
N THR J 326 5.10 23.11 -5.96
CA THR J 326 6.38 23.04 -6.61
C THR J 326 7.43 23.83 -5.87
N LEU J 327 7.05 24.88 -5.16
CA LEU J 327 8.04 25.55 -4.33
C LEU J 327 8.50 24.68 -3.19
N ASN J 328 7.60 23.92 -2.60
CA ASN J 328 8.01 23.04 -1.53
C ASN J 328 8.94 21.98 -2.07
N ASP J 329 8.58 21.40 -3.19
CA ASP J 329 9.37 20.34 -3.81
C ASP J 329 10.72 20.68 -4.43
N GLN J 330 10.82 21.84 -5.06
CA GLN J 330 12.07 22.26 -5.63
C GLN J 330 12.89 23.22 -4.81
N LEU J 331 12.28 24.00 -3.95
CA LEU J 331 13.09 24.96 -3.20
C LEU J 331 13.09 24.83 -1.70
N PHE J 332 11.94 24.95 -1.08
CA PHE J 332 11.94 25.13 0.36
C PHE J 332 12.38 23.89 1.11
N SER J 333 12.07 22.70 0.60
CA SER J 333 12.45 21.48 1.30
C SER J 333 13.94 21.22 1.32
N THR J 334 14.70 22.03 0.61
CA THR J 334 16.15 21.87 0.59
C THR J 334 16.81 22.87 1.54
N LEU J 335 16.04 23.71 2.20
CA LEU J 335 16.59 24.74 3.08
C LEU J 335 16.53 24.29 4.54
N PRO J 336 17.54 24.72 5.35
CA PRO J 336 17.47 24.45 6.78
C PRO J 336 16.32 25.16 7.47
N GLY J 337 15.66 24.47 8.43
CA GLY J 337 14.48 25.01 9.12
C GLY J 337 13.18 24.62 8.45
N TYR J 338 13.29 23.81 7.45
CA TYR J 338 12.10 23.30 6.77
C TYR J 338 11.18 22.59 7.74
N THR J 339 9.88 22.88 7.69
CA THR J 339 8.94 22.28 8.61
C THR J 339 7.88 21.41 7.94
N GLY J 340 8.33 20.49 7.09
CA GLY J 340 7.43 19.60 6.39
C GLY J 340 6.29 20.27 5.65
N SER J 341 5.12 19.63 5.68
CA SER J 341 3.96 20.17 4.99
C SER J 341 2.69 20.02 5.83
N ASN J 342 2.84 19.39 6.99
CA ASN J 342 1.73 19.16 7.90
C ASN J 342 2.22 19.18 9.33
N VAL J 343 1.62 18.36 10.16
CA VAL J 343 2.01 18.24 11.54
C VAL J 343 2.33 16.78 11.78
N GLN J 344 2.05 15.96 10.77
CA GLN J 344 2.30 14.54 10.84
C GLN J 344 3.69 14.24 10.39
N GLU J 345 4.21 15.10 9.55
CA GLU J 345 5.52 14.88 8.99
C GLU J 345 6.52 15.91 9.43
N ARG J 346 6.18 16.71 10.43
CA ARG J 346 7.06 17.81 10.79
C ARG J 346 8.31 17.22 11.38
N PRO J 347 9.45 17.49 10.77
CA PRO J 347 10.72 16.96 11.29
C PRO J 347 10.96 17.45 12.69
N GLU J 348 11.42 16.58 13.58
CA GLU J 348 11.71 16.98 14.96
C GLU J 348 12.83 17.98 15.07
N ASP J 349 13.69 18.05 14.07
CA ASP J 349 14.83 18.94 14.09
C ASP J 349 14.50 20.35 13.62
N ALA J 350 13.28 20.52 13.13
CA ALA J 350 12.75 21.75 12.52
C ALA J 350 12.81 23.09 13.26
N GLU J 351 12.77 23.00 14.58
CA GLU J 351 12.80 24.15 15.46
C GLU J 351 14.17 24.63 15.84
N LYS J 352 15.16 23.76 15.75
CA LYS J 352 16.49 24.08 16.23
C LYS J 352 17.41 24.45 15.11
N ASP J 353 17.24 23.83 13.96
CA ASP J 353 18.11 24.05 12.82
C ASP J 353 18.05 25.37 12.06
N ALA J 354 16.95 26.11 12.17
CA ALA J 354 16.83 27.37 11.41
C ALA J 354 17.89 28.43 11.66
N ARG J 355 18.46 28.91 10.56
CA ARG J 355 19.49 29.92 10.57
C ARG J 355 19.31 31.01 9.51
N LEU J 356 18.31 30.88 8.65
CA LEU J 356 18.10 31.85 7.57
C LEU J 356 17.37 33.09 8.02
N THR J 357 17.74 34.24 7.50
CA THR J 357 16.91 35.42 7.71
C THR J 357 15.87 35.74 6.65
N LEU J 358 14.91 36.63 6.94
CA LEU J 358 13.98 36.97 5.88
C LEU J 358 14.68 37.55 4.68
N ARG J 359 15.65 38.41 4.89
CA ARG J 359 16.36 38.97 3.77
C ARG J 359 17.01 37.92 2.90
N GLU J 360 17.64 36.94 3.50
CA GLU J 360 18.32 35.89 2.74
C GLU J 360 17.35 35.02 1.99
N LEU J 361 16.24 34.67 2.61
CA LEU J 361 15.27 33.80 1.97
C LEU J 361 14.66 34.48 0.78
N GLU J 362 14.34 35.75 0.90
CA GLU J 362 13.77 36.48 -0.22
C GLU J 362 14.74 36.49 -1.38
N GLN J 363 16.02 36.70 -1.13
CA GLN J 363 16.98 36.69 -2.22
C GLN J 363 16.96 35.34 -2.93
N LEU J 364 16.88 34.26 -2.16
CA LEU J 364 16.85 32.93 -2.72
C LEU J 364 15.62 32.72 -3.56
N LEU J 365 14.50 33.22 -3.08
CA LEU J 365 13.26 33.03 -3.78
C LEU J 365 13.28 33.77 -5.07
N VAL J 366 13.78 34.99 -5.07
CA VAL J 366 13.86 35.72 -6.31
C VAL J 366 14.75 35.07 -7.34
N ARG J 367 15.93 34.62 -6.97
CA ARG J 367 16.77 33.96 -7.95
C ARG J 367 16.12 32.69 -8.45
N TYR J 368 15.48 31.94 -7.57
CA TYR J 368 14.76 30.74 -8.00
C TYR J 368 13.71 31.04 -9.02
N ILE J 369 12.86 32.01 -8.77
CA ILE J 369 11.76 32.36 -9.67
C ILE J 369 12.30 32.83 -10.99
N VAL J 370 13.26 33.73 -10.96
CA VAL J 370 13.75 34.36 -12.17
C VAL J 370 14.56 33.48 -13.11
N ASP J 371 15.53 32.73 -12.62
CA ASP J 371 16.34 31.92 -13.51
C ASP J 371 15.96 30.46 -13.62
N ARG J 372 14.89 30.05 -12.98
CA ARG J 372 14.49 28.67 -13.10
C ARG J 372 13.03 28.45 -13.41
N TYR J 373 12.17 28.99 -12.57
CA TYR J 373 10.77 28.74 -12.68
C TYR J 373 10.18 29.36 -13.91
N ASN J 374 10.35 30.65 -14.08
CA ASN J 374 9.74 31.27 -15.22
C ASN J 374 10.45 30.86 -16.50
N GLN J 375 11.59 30.19 -16.37
CA GLN J 375 12.33 29.57 -17.48
C GLN J 375 11.91 28.15 -17.91
N SER J 376 11.01 27.53 -17.19
CA SER J 376 10.58 26.19 -17.55
C SER J 376 9.56 26.14 -18.67
N ILE J 377 9.35 24.96 -19.23
CA ILE J 377 8.43 24.76 -20.35
C ILE J 377 7.02 24.70 -19.87
N ASP J 378 6.10 25.37 -20.56
CA ASP J 378 4.70 25.36 -20.15
C ASP J 378 4.30 23.90 -20.04
N ALA J 379 3.58 23.53 -18.99
CA ALA J 379 3.18 22.14 -18.83
C ALA J 379 2.06 21.60 -19.71
N ARG J 380 1.31 22.52 -20.29
CA ARG J 380 0.16 22.12 -21.04
C ARG J 380 0.59 21.81 -22.42
N MET J 381 1.43 22.66 -22.99
CA MET J 381 1.85 22.44 -24.37
C MET J 381 3.13 23.07 -24.90
N GLY J 382 3.66 22.42 -25.92
CA GLY J 382 4.74 22.94 -26.74
C GLY J 382 6.15 23.13 -26.26
N ASP J 383 6.77 24.16 -26.82
CA ASP J 383 8.14 24.47 -26.54
C ASP J 383 8.29 25.90 -26.08
N GLN J 384 7.23 26.43 -25.50
CA GLN J 384 7.29 27.76 -24.98
C GLN J 384 7.64 27.70 -23.50
N THR J 385 8.55 28.56 -23.08
CA THR J 385 8.85 28.71 -21.68
C THR J 385 7.70 29.51 -21.11
N ARG J 386 7.51 29.52 -19.79
CA ARG J 386 6.48 30.30 -19.14
C ARG J 386 6.54 31.78 -19.44
N PHE J 387 7.74 32.31 -19.39
CA PHE J 387 8.05 33.69 -19.71
C PHE J 387 7.69 33.99 -21.15
N GLU J 388 8.10 33.14 -22.07
CA GLU J 388 7.71 33.26 -23.48
C GLU J 388 6.23 33.12 -23.81
N ARG J 389 5.52 32.29 -23.09
CA ARG J 389 4.10 32.12 -23.33
C ARG J 389 3.38 33.41 -23.11
N TRP J 390 3.84 34.02 -22.04
CA TRP J 390 3.38 35.33 -21.63
C TRP J 390 3.66 36.46 -22.57
N GLU J 391 4.91 36.57 -22.99
CA GLU J 391 5.28 37.58 -23.98
C GLU J 391 4.67 37.37 -25.35
N ALA J 392 4.67 36.15 -25.87
CA ALA J 392 4.12 35.98 -27.21
C ALA J 392 2.64 36.31 -27.15
N GLY J 393 2.00 35.98 -26.04
CA GLY J 393 0.58 36.21 -25.84
C GLY J 393 0.04 37.57 -25.45
N LEU J 394 0.91 38.59 -25.35
CA LEU J 394 0.43 39.88 -24.89
C LEU J 394 0.15 40.73 -26.12
N PRO J 395 -1.12 41.13 -26.30
CA PRO J 395 -1.58 41.86 -27.47
C PRO J 395 -0.78 43.10 -27.85
N THR J 396 -0.38 43.89 -26.88
CA THR J 396 0.28 45.15 -27.17
C THR J 396 1.48 45.29 -26.27
N VAL J 397 2.37 46.23 -26.58
CA VAL J 397 3.43 46.59 -25.67
C VAL J 397 2.79 47.35 -24.52
N PRO J 398 3.09 46.94 -23.29
CA PRO J 398 2.46 47.64 -22.17
C PRO J 398 3.10 48.99 -22.02
N VAL J 399 2.38 49.95 -21.46
CA VAL J 399 2.99 51.23 -21.16
C VAL J 399 3.18 51.18 -19.66
N PRO J 400 4.40 51.46 -19.19
CA PRO J 400 4.57 51.44 -17.75
C PRO J 400 3.66 52.43 -17.08
N ILE J 401 3.07 52.07 -15.95
CA ILE J 401 2.29 53.00 -15.17
C ILE J 401 3.23 53.75 -14.25
N PRO J 402 3.24 55.07 -14.32
CA PRO J 402 4.15 55.82 -13.47
C PRO J 402 3.97 55.42 -12.02
N GLU J 403 5.08 55.31 -11.30
CA GLU J 403 5.08 54.89 -9.91
C GLU J 403 4.20 55.83 -9.09
N ARG J 404 4.18 57.10 -9.45
CA ARG J 404 3.40 58.09 -8.74
C ARG J 404 1.87 57.99 -8.90
N ASP J 405 1.43 57.14 -9.83
CA ASP J 405 0.03 56.90 -10.07
C ASP J 405 -0.45 55.72 -9.27
N LEU J 406 0.41 55.18 -8.40
CA LEU J 406 0.03 54.10 -7.48
C LEU J 406 -0.40 54.61 -6.12
N ASP J 407 -0.49 55.92 -6.00
CA ASP J 407 -1.05 56.59 -4.83
C ASP J 407 -2.51 56.18 -4.63
N ILE J 408 -3.21 55.80 -5.71
CA ILE J 408 -4.55 55.24 -5.63
C ILE J 408 -4.63 54.02 -4.73
N CYS J 409 -3.51 53.40 -4.42
CA CYS J 409 -3.65 52.26 -3.48
C CYS J 409 -3.75 52.60 -2.01
N LEU J 410 -3.69 53.88 -1.72
CA LEU J 410 -3.80 54.43 -0.41
C LEU J 410 -5.29 54.31 -0.12
N MET J 411 -5.68 54.25 1.15
CA MET J 411 -7.09 54.11 1.51
C MET J 411 -7.88 55.39 1.43
N LYS J 412 -9.14 55.35 1.02
CA LYS J 412 -9.98 56.56 1.12
C LYS J 412 -11.13 56.36 2.05
N GLN J 413 -11.23 57.26 3.00
CA GLN J 413 -12.32 57.30 3.96
C GLN J 413 -13.38 58.14 3.22
N SER J 414 -14.63 57.68 3.24
CA SER J 414 -15.68 58.33 2.46
C SER J 414 -16.07 59.67 3.01
N ARG J 415 -15.78 59.93 4.28
CA ARG J 415 -16.11 61.23 4.87
C ARG J 415 -15.61 61.57 6.27
N ARG J 416 -15.21 62.83 6.38
CA ARG J 416 -15.02 63.59 7.63
C ARG J 416 -15.54 65.02 7.33
N THR J 417 -15.86 65.78 8.37
CA THR J 417 -16.41 67.10 8.12
C THR J 417 -15.33 68.07 8.53
N VAL J 418 -15.14 69.11 7.73
CA VAL J 418 -14.16 70.11 8.10
C VAL J 418 -14.72 71.08 9.14
N GLN J 419 -13.94 71.28 10.19
CA GLN J 419 -14.39 72.02 11.36
C GLN J 419 -14.05 73.49 11.15
N ARG J 420 -14.70 74.37 11.89
CA ARG J 420 -14.42 75.80 11.80
C ARG J 420 -12.95 76.07 12.14
N GLY J 421 -12.33 76.96 11.35
CA GLY J 421 -10.93 77.27 11.51
C GLY J 421 -10.07 76.49 10.53
N GLY J 422 -10.66 75.50 9.87
CA GLY J 422 -9.96 74.71 8.87
C GLY J 422 -9.32 73.42 9.31
N CYS J 423 -9.59 72.97 10.53
CA CYS J 423 -9.02 71.71 10.99
C CYS J 423 -9.98 70.58 10.66
N LEU J 424 -9.47 69.40 10.29
CA LEU J 424 -10.40 68.28 10.09
C LEU J 424 -10.20 67.13 11.08
N GLN J 425 -11.29 66.41 11.38
CA GLN J 425 -11.22 65.28 12.31
C GLN J 425 -10.73 64.03 11.61
N PHE J 426 -9.79 63.33 12.24
CA PHE J 426 -9.36 62.05 11.72
C PHE J 426 -9.25 61.04 12.84
N GLN J 427 -8.19 60.24 12.81
CA GLN J 427 -8.10 59.11 13.70
C GLN J 427 -7.53 59.61 14.99
N ASN J 428 -8.38 60.28 15.75
CA ASN J 428 -8.01 60.85 17.04
C ASN J 428 -6.99 61.97 16.91
N LEU J 429 -6.82 62.47 15.69
CA LEU J 429 -5.96 63.62 15.44
C LEU J 429 -6.71 64.67 14.62
N MET J 430 -6.30 65.93 14.76
CA MET J 430 -6.78 66.98 13.87
C MET J 430 -5.75 67.32 12.81
N TYR J 431 -6.17 67.56 11.57
CA TYR J 431 -5.20 67.97 10.54
C TYR J 431 -5.56 69.35 9.99
N ARG J 432 -4.56 70.12 9.58
CA ARG J 432 -4.81 71.44 9.01
C ARG J 432 -3.84 71.75 7.89
N GLY J 433 -4.27 72.59 6.96
CA GLY J 433 -3.46 73.03 5.85
C GLY J 433 -4.12 74.08 4.99
N GLU J 434 -3.46 74.45 3.89
CA GLU J 434 -3.92 75.52 3.03
C GLU J 434 -5.33 75.23 2.50
N TYR J 435 -6.14 76.29 2.46
CA TYR J 435 -7.54 76.41 1.92
C TYR J 435 -8.63 76.12 2.94
N LEU J 436 -8.41 75.15 3.82
CA LEU J 436 -9.48 74.40 4.47
C LEU J 436 -10.53 75.24 5.20
N ALA J 437 -10.07 76.31 5.82
CA ALA J 437 -10.93 77.19 6.58
C ALA J 437 -12.13 77.76 5.83
N GLY J 438 -11.93 78.02 4.56
CA GLY J 438 -12.95 78.59 3.69
C GLY J 438 -13.97 77.57 3.23
N TYR J 439 -13.71 76.32 3.58
CA TYR J 439 -14.56 75.19 3.23
C TYR J 439 -15.20 74.53 4.46
N ALA J 440 -15.08 75.14 5.63
CA ALA J 440 -15.63 74.55 6.85
C ALA J 440 -17.14 74.23 6.79
N GLY J 441 -17.48 73.05 7.28
CA GLY J 441 -18.85 72.54 7.25
C GLY J 441 -19.10 71.57 6.11
N GLU J 442 -18.18 71.57 5.15
CA GLU J 442 -18.23 70.68 3.99
C GLU J 442 -17.87 69.26 4.44
N THR J 443 -18.41 68.26 3.75
CA THR J 443 -17.96 66.88 3.97
C THR J 443 -16.90 66.52 2.95
N VAL J 444 -15.76 66.02 3.43
CA VAL J 444 -14.66 65.69 2.54
C VAL J 444 -14.04 64.27 2.57
N ASN J 445 -13.40 63.88 1.47
CA ASN J 445 -12.83 62.54 1.38
C ASN J 445 -11.34 62.54 1.68
N LEU J 446 -10.90 61.56 2.45
CA LEU J 446 -9.52 61.56 2.90
C LEU J 446 -8.72 60.36 2.41
N ARG J 447 -7.65 60.63 1.68
CA ARG J 447 -6.82 59.56 1.17
C ARG J 447 -5.59 59.56 2.05
N PHE J 448 -5.22 58.41 2.59
CA PHE J 448 -4.10 58.35 3.50
C PHE J 448 -3.40 57.01 3.45
N ASP J 449 -2.15 56.99 3.90
CA ASP J 449 -1.35 55.78 3.95
C ASP J 449 -1.47 55.12 5.32
N PRO J 450 -2.04 53.92 5.37
CA PRO J 450 -2.21 53.28 6.68
C PRO J 450 -0.89 53.14 7.45
N ARG J 451 0.24 53.16 6.76
CA ARG J 451 1.54 52.99 7.41
C ARG J 451 2.14 54.26 8.04
N ASP J 452 1.66 55.42 7.60
CA ASP J 452 2.17 56.73 8.00
C ASP J 452 1.14 57.83 7.73
N ILE J 453 0.46 58.28 8.77
CA ILE J 453 -0.55 59.33 8.58
C ILE J 453 -0.13 60.75 8.93
N THR J 454 1.14 61.08 8.75
CA THR J 454 1.60 62.44 9.00
C THR J 454 0.83 63.51 8.23
N THR J 455 0.55 63.25 6.96
CA THR J 455 -0.25 64.18 6.18
C THR J 455 -1.43 63.48 5.53
N ILE J 456 -2.46 64.24 5.15
CA ILE J 456 -3.59 63.66 4.48
C ILE J 456 -3.96 64.39 3.21
N LEU J 457 -4.33 63.65 2.18
CA LEU J 457 -4.78 64.28 0.94
C LEU J 457 -6.30 64.45 0.94
N VAL J 458 -6.74 65.69 0.84
CA VAL J 458 -8.15 66.02 1.00
C VAL J 458 -8.85 66.29 -0.31
N TYR J 459 -9.93 65.57 -0.55
CA TYR J 459 -10.70 65.76 -1.77
C TYR J 459 -12.13 66.21 -1.47
N ARG J 460 -12.72 66.97 -2.38
CA ARG J 460 -14.10 67.39 -2.25
C ARG J 460 -14.90 67.08 -3.50
N GLN J 461 -16.22 67.03 -3.38
CA GLN J 461 -17.04 66.70 -4.54
C GLN J 461 -17.36 67.96 -5.33
N GLU J 462 -17.08 67.92 -6.63
CA GLU J 462 -17.37 69.00 -7.54
C GLU J 462 -18.06 68.35 -8.72
N ASN J 463 -19.37 68.57 -8.82
CA ASN J 463 -20.21 67.93 -9.82
C ASN J 463 -20.08 66.41 -9.79
N ASN J 464 -20.00 65.85 -8.60
CA ASN J 464 -19.93 64.41 -8.39
C ASN J 464 -18.58 63.85 -8.80
N GLN J 465 -17.64 64.76 -9.10
CA GLN J 465 -16.26 64.39 -9.30
C GLN J 465 -15.42 64.61 -8.04
N GLU J 466 -14.58 63.67 -7.81
CA GLU J 466 -13.66 63.82 -6.68
C GLU J 466 -12.43 64.65 -7.09
N VAL J 467 -12.37 65.82 -6.51
CA VAL J 467 -11.36 66.77 -6.92
C VAL J 467 -10.49 67.17 -5.73
N PHE J 468 -9.19 67.13 -5.95
CA PHE J 468 -8.19 67.44 -4.92
C PHE J 468 -8.28 68.90 -4.53
N LEU J 469 -8.23 69.10 -3.22
CA LEU J 469 -8.14 70.44 -2.69
C LEU J 469 -6.78 70.70 -2.08
N THR J 470 -6.38 69.86 -1.12
CA THR J 470 -5.24 70.20 -0.30
C THR J 470 -4.56 69.04 0.41
N ARG J 471 -3.36 69.29 0.92
CA ARG J 471 -2.63 68.30 1.67
C ARG J 471 -2.53 68.89 3.09
N ALA J 472 -3.17 68.20 4.03
CA ALA J 472 -3.18 68.63 5.42
C ALA J 472 -2.20 67.93 6.32
N HIS J 473 -1.69 68.68 7.29
CA HIS J 473 -0.68 68.18 8.21
C HIS J 473 -1.25 67.99 9.61
N ALA J 474 -0.78 66.95 10.29
CA ALA J 474 -1.15 66.67 11.68
C ALA J 474 -0.83 67.85 12.59
MG MG K . 2.33 12.14 30.47
MG MG L . -7.45 32.05 0.22
#